data_6NBR
#
_entry.id   6NBR
#
_cell.length_a   63.220
_cell.length_b   63.239
_cell.length_c   333.746
_cell.angle_alpha   90.000
_cell.angle_beta   90.000
_cell.angle_gamma   90.000
#
_symmetry.space_group_name_H-M   'P 21 21 21'
#
loop_
_entity.id
_entity.type
_entity.pdbx_description
1 polymer 'Kavalactone reductase 1'
2 non-polymer 'NADP NICOTINAMIDE-ADENINE-DINUCLEOTIDE PHOSPHATE'
3 water water
#
_entity_poly.entity_id   1
_entity_poly.type   'polypeptide(L)'
_entity_poly.pdbx_seq_one_letter_code
;METERKSRICVTGAGGFVASWVVKLFLSKGYLVHGTVRDLGEEKTAHLRKLEGAYHNLQLFKADLLDYESLLGAITGCDG
VLHVATPVPSSKTAYSGTELVKTAVNGTLNVLRACTEAKVKKVIYVSSTAAVLVNPNLPKDKIPDEDCWTDEEYCRTTPF
FLNWYCIAKTAAEKNALEYGDKEGINVISICPSYIFGPMLQPTINSSNLELLRLMKGDDESIENKFLLMVDVRDVAEAIL
LLYEKQETSGRYISSPHGMRQSNLVEKLESLQPGYNYHKNFVDIKPSWTMISSEKLKKLGWKPRPLEDTISETVLCFEEH
GLLENE
;
_entity_poly.pdbx_strand_id   A,B,C,D
#
loop_
_chem_comp.id
_chem_comp.type
_chem_comp.name
_chem_comp.formula
NAP non-polymer 'NADP NICOTINAMIDE-ADENINE-DINUCLEOTIDE PHOSPHATE' 'C21 H28 N7 O17 P3'
#
# COMPACT_ATOMS: atom_id res chain seq x y z
N SER A 7 -22.56 -18.78 7.72
CA SER A 7 -21.65 -19.56 8.56
C SER A 7 -22.07 -19.48 10.03
N ARG A 8 -21.89 -20.58 10.76
CA ARG A 8 -22.46 -20.73 12.09
C ARG A 8 -21.36 -20.85 13.15
N ILE A 9 -21.50 -20.08 14.21
CA ILE A 9 -20.58 -20.10 15.35
C ILE A 9 -21.38 -20.35 16.62
N CYS A 10 -20.78 -21.07 17.56
CA CYS A 10 -21.39 -21.43 18.84
C CYS A 10 -20.81 -20.56 19.95
N VAL A 11 -21.67 -20.23 20.93
CA VAL A 11 -21.30 -19.37 22.04
C VAL A 11 -21.79 -20.02 23.32
N THR A 12 -20.87 -20.37 24.22
CA THR A 12 -21.25 -21.01 25.46
C THR A 12 -21.71 -19.97 26.48
N GLY A 13 -22.79 -20.29 27.19
CA GLY A 13 -23.37 -19.40 28.19
C GLY A 13 -23.90 -18.10 27.62
N ALA A 14 -24.60 -18.16 26.48
CA ALA A 14 -25.01 -16.96 25.75
C ALA A 14 -25.78 -15.96 26.59
N GLY A 15 -26.38 -16.39 27.70
CA GLY A 15 -27.08 -15.50 28.58
C GLY A 15 -26.20 -14.79 29.59
N GLY A 16 -24.87 -14.95 29.50
CA GLY A 16 -23.96 -14.30 30.42
C GLY A 16 -23.73 -12.84 30.07
N PHE A 17 -23.10 -12.13 31.02
CA PHE A 17 -22.78 -10.73 30.83
C PHE A 17 -21.97 -10.51 29.54
N VAL A 18 -20.85 -11.21 29.43
CA VAL A 18 -20.01 -11.05 28.24
C VAL A 18 -20.67 -11.70 27.04
N ALA A 19 -21.25 -12.89 27.22
CA ALA A 19 -21.72 -13.66 26.08
C ALA A 19 -22.90 -13.00 25.38
N SER A 20 -23.70 -12.23 26.11
CA SER A 20 -24.84 -11.54 25.51
C SER A 20 -24.38 -10.52 24.48
N TRP A 21 -23.37 -9.70 24.83
CA TRP A 21 -22.82 -8.72 23.90
C TRP A 21 -22.11 -9.40 22.73
N VAL A 22 -21.36 -10.47 23.03
CA VAL A 22 -20.76 -11.28 21.97
C VAL A 22 -21.82 -11.73 20.98
N VAL A 23 -22.94 -12.24 21.51
CA VAL A 23 -23.99 -12.76 20.65
C VAL A 23 -24.67 -11.63 19.88
N LYS A 24 -24.99 -10.55 20.56
CA LYS A 24 -25.60 -9.40 19.89
C LYS A 24 -24.72 -8.94 18.73
N LEU A 25 -23.42 -8.81 18.98
CA LEU A 25 -22.51 -8.32 17.94
C LEU A 25 -22.46 -9.28 16.75
N PHE A 26 -22.31 -10.58 17.02
CA PHE A 26 -22.19 -11.55 15.94
C PHE A 26 -23.49 -11.65 15.12
N LEU A 27 -24.63 -11.41 15.75
CA LEU A 27 -25.89 -11.34 15.01
C LEU A 27 -25.90 -10.14 14.09
N SER A 28 -25.40 -9.00 14.56
CA SER A 28 -25.36 -7.79 13.75
C SER A 28 -24.49 -7.94 12.52
N LYS A 29 -23.61 -8.94 12.48
CA LYS A 29 -22.66 -9.10 11.38
C LYS A 29 -23.03 -10.23 10.43
N GLY A 30 -24.23 -10.80 10.57
CA GLY A 30 -24.69 -11.81 9.65
C GLY A 30 -24.34 -13.24 10.02
N TYR A 31 -23.78 -13.47 11.20
CA TYR A 31 -23.47 -14.82 11.62
C TYR A 31 -24.72 -15.53 12.12
N LEU A 32 -24.69 -16.86 12.03
CA LEU A 32 -25.70 -17.70 12.63
C LEU A 32 -25.14 -18.24 13.94
N VAL A 33 -25.84 -17.96 15.04
CA VAL A 33 -25.34 -18.23 16.38
C VAL A 33 -26.09 -19.43 16.95
N HIS A 34 -25.34 -20.35 17.56
CA HIS A 34 -25.89 -21.40 18.40
C HIS A 34 -25.46 -21.08 19.83
N GLY A 35 -26.36 -20.55 20.63
CA GLY A 35 -26.07 -20.20 22.01
C GLY A 35 -26.54 -21.24 22.94
N THR A 36 -25.70 -21.62 23.91
CA THR A 36 -26.07 -22.59 24.92
C THR A 36 -26.43 -21.89 26.21
N VAL A 37 -27.47 -22.41 26.88
CA VAL A 37 -27.90 -21.92 28.18
C VAL A 37 -28.27 -23.13 29.03
N ARG A 38 -28.25 -22.92 30.34
CA ARG A 38 -28.66 -23.98 31.26
C ARG A 38 -30.15 -23.97 31.54
N ASP A 39 -30.89 -22.97 31.07
CA ASP A 39 -32.33 -22.92 31.25
C ASP A 39 -32.91 -22.06 30.14
N LEU A 40 -33.96 -22.57 29.48
CA LEU A 40 -34.57 -21.91 28.34
C LEU A 40 -35.82 -21.12 28.70
N GLY A 41 -36.10 -20.93 30.00
CA GLY A 41 -37.25 -20.14 30.39
C GLY A 41 -37.24 -18.77 29.74
N GLU A 42 -38.44 -18.21 29.57
CA GLU A 42 -38.57 -17.02 28.74
C GLU A 42 -37.88 -15.80 29.36
N GLU A 43 -37.88 -15.68 30.70
CA GLU A 43 -37.27 -14.50 31.34
C GLU A 43 -35.74 -14.59 31.34
N LYS A 44 -35.21 -15.82 31.45
CA LYS A 44 -33.77 -15.97 31.31
C LYS A 44 -33.30 -15.64 29.90
N THR A 45 -34.07 -16.04 28.88
CA THR A 45 -33.67 -15.90 27.50
C THR A 45 -34.33 -14.73 26.80
N ALA A 46 -35.19 -13.98 27.50
CA ALA A 46 -35.84 -12.83 26.89
C ALA A 46 -34.83 -11.92 26.21
N HIS A 47 -33.83 -11.45 26.98
CA HIS A 47 -32.89 -10.46 26.47
C HIS A 47 -32.10 -10.98 25.28
N LEU A 48 -32.05 -12.30 25.08
CA LEU A 48 -31.39 -12.84 23.89
C LEU A 48 -32.33 -12.93 22.70
N ARG A 49 -33.61 -13.27 22.94
CA ARG A 49 -34.57 -13.35 21.85
C ARG A 49 -34.82 -11.99 21.20
N LYS A 50 -34.76 -10.91 21.99
CA LYS A 50 -35.05 -9.59 21.47
C LYS A 50 -33.97 -9.06 20.54
N LEU A 51 -32.75 -9.62 20.59
CA LEU A 51 -31.64 -9.11 19.81
C LEU A 51 -31.98 -9.07 18.32
N GLU A 52 -31.53 -8.02 17.63
CA GLU A 52 -31.89 -7.86 16.24
C GLU A 52 -31.16 -8.90 15.39
N GLY A 53 -31.94 -9.66 14.62
CA GLY A 53 -31.44 -10.80 13.88
C GLY A 53 -31.57 -12.11 14.60
N ALA A 54 -31.91 -12.09 15.89
CA ALA A 54 -31.95 -13.31 16.69
C ALA A 54 -33.08 -14.23 16.28
N TYR A 55 -34.26 -13.67 15.98
CA TYR A 55 -35.41 -14.52 15.67
C TYR A 55 -35.10 -15.49 14.53
N HIS A 56 -34.33 -15.07 13.54
CA HIS A 56 -34.05 -15.93 12.40
C HIS A 56 -32.69 -16.61 12.43
N ASN A 57 -31.71 -16.06 13.16
CA ASN A 57 -30.34 -16.56 13.11
C ASN A 57 -29.77 -16.85 14.49
N LEU A 58 -30.62 -16.98 15.49
CA LEU A 58 -30.21 -17.38 16.83
C LEU A 58 -30.91 -18.68 17.21
N GLN A 59 -30.13 -19.68 17.60
CA GLN A 59 -30.63 -20.99 17.96
C GLN A 59 -30.08 -21.35 19.32
N LEU A 60 -30.93 -21.32 20.33
CA LEU A 60 -30.54 -21.56 21.71
C LEU A 60 -30.79 -23.00 22.12
N PHE A 61 -29.77 -23.62 22.70
CA PHE A 61 -29.83 -24.99 23.18
C PHE A 61 -29.76 -25.00 24.70
N LYS A 62 -30.18 -26.11 25.29
CA LYS A 62 -30.06 -26.32 26.73
C LYS A 62 -28.89 -27.29 26.93
N ALA A 63 -27.73 -26.75 27.29
CA ALA A 63 -26.54 -27.55 27.49
C ALA A 63 -25.87 -27.18 28.81
N ASP A 64 -25.04 -28.09 29.30
CA ASP A 64 -24.23 -27.89 30.48
C ASP A 64 -22.81 -28.30 30.16
N LEU A 65 -21.84 -27.54 30.70
CA LEU A 65 -20.44 -27.78 30.37
C LEU A 65 -19.98 -29.16 30.78
N LEU A 66 -20.61 -29.76 31.80
CA LEU A 66 -20.25 -31.08 32.28
C LEU A 66 -21.05 -32.20 31.62
N ASP A 67 -21.85 -31.88 30.60
CA ASP A 67 -22.61 -32.86 29.83
C ASP A 67 -22.09 -32.84 28.40
N TYR A 68 -21.25 -33.81 28.06
CA TYR A 68 -20.60 -33.80 26.76
C TYR A 68 -21.62 -33.88 25.62
N GLU A 69 -22.70 -34.62 25.83
CA GLU A 69 -23.67 -34.84 24.74
C GLU A 69 -24.37 -33.55 24.36
N SER A 70 -24.85 -32.80 25.36
CA SER A 70 -25.59 -31.57 25.07
C SER A 70 -24.72 -30.58 24.32
N LEU A 71 -23.44 -30.48 24.70
CA LEU A 71 -22.53 -29.60 24.00
C LEU A 71 -22.30 -30.08 22.57
N LEU A 72 -22.10 -31.39 22.40
CA LEU A 72 -21.96 -31.95 21.06
C LEU A 72 -23.13 -31.56 20.17
N GLY A 73 -24.34 -31.66 20.71
CA GLY A 73 -25.52 -31.31 19.93
C GLY A 73 -25.54 -29.83 19.54
N ALA A 74 -25.11 -28.96 20.46
CA ALA A 74 -25.14 -27.53 20.19
C ALA A 74 -24.05 -27.10 19.22
N ILE A 75 -22.97 -27.88 19.10
CA ILE A 75 -21.75 -27.48 18.39
C ILE A 75 -21.76 -28.03 16.97
N THR A 76 -22.41 -29.17 16.79
CA THR A 76 -22.41 -29.85 15.50
C THR A 76 -22.86 -28.91 14.38
N GLY A 77 -22.02 -28.76 13.36
CA GLY A 77 -22.33 -27.94 12.20
C GLY A 77 -21.78 -26.53 12.26
N CYS A 78 -21.07 -26.16 13.33
CA CYS A 78 -20.58 -24.81 13.53
C CYS A 78 -19.16 -24.65 13.00
N ASP A 79 -18.90 -23.51 12.35
CA ASP A 79 -17.58 -23.24 11.80
C ASP A 79 -16.60 -22.85 12.90
N GLY A 80 -17.07 -22.10 13.90
CA GLY A 80 -16.27 -21.76 15.06
C GLY A 80 -17.11 -21.89 16.33
N VAL A 81 -16.47 -21.60 17.46
CA VAL A 81 -17.17 -21.62 18.75
C VAL A 81 -16.37 -20.78 19.74
N LEU A 82 -17.08 -19.98 20.53
CA LEU A 82 -16.49 -19.03 21.48
C LEU A 82 -16.77 -19.52 22.89
N HIS A 83 -15.84 -20.24 23.49
CA HIS A 83 -16.02 -20.75 24.85
C HIS A 83 -15.88 -19.58 25.83
N VAL A 84 -17.02 -19.04 26.23
CA VAL A 84 -17.05 -17.93 27.18
C VAL A 84 -17.54 -18.35 28.56
N ALA A 85 -18.08 -19.55 28.70
CA ALA A 85 -18.79 -19.96 29.91
C ALA A 85 -17.81 -20.40 30.99
N THR A 86 -17.65 -19.57 32.03
CA THR A 86 -16.96 -19.94 33.27
C THR A 86 -17.54 -19.11 34.41
N PRO A 87 -17.95 -19.73 35.52
CA PRO A 87 -18.55 -18.94 36.63
C PRO A 87 -17.54 -17.95 37.21
N VAL A 88 -18.02 -16.77 37.54
CA VAL A 88 -17.21 -15.69 38.08
C VAL A 88 -17.74 -15.34 39.48
N PRO A 89 -17.05 -15.76 40.54
CA PRO A 89 -17.60 -15.60 41.89
C PRO A 89 -17.77 -14.13 42.28
N SER A 90 -18.79 -13.88 43.09
CA SER A 90 -19.03 -12.56 43.62
C SER A 90 -18.26 -12.38 44.93
N SER A 91 -17.99 -11.11 45.27
CA SER A 91 -17.38 -10.81 46.55
C SER A 91 -18.31 -11.19 47.70
N LYS A 92 -19.59 -10.85 47.56
CA LYS A 92 -20.59 -11.04 48.62
C LYS A 92 -21.11 -12.47 48.69
N THR A 93 -20.26 -13.46 48.48
CA THR A 93 -20.70 -14.84 48.48
C THR A 93 -19.51 -15.74 48.73
N ALA A 94 -19.78 -17.05 48.78
CA ALA A 94 -18.77 -18.08 48.85
C ALA A 94 -19.00 -19.06 47.72
N TYR A 95 -17.90 -19.53 47.14
CA TYR A 95 -17.92 -20.53 46.08
C TYR A 95 -17.07 -21.70 46.51
N SER A 96 -17.32 -22.85 45.91
CA SER A 96 -16.53 -24.05 46.14
C SER A 96 -15.45 -24.11 45.08
N GLY A 97 -14.21 -23.82 45.46
CA GLY A 97 -13.11 -23.92 44.52
C GLY A 97 -13.08 -25.24 43.78
N THR A 98 -13.26 -26.35 44.52
CA THR A 98 -13.18 -27.68 43.94
C THR A 98 -14.04 -27.80 42.69
N GLU A 99 -15.28 -27.33 42.77
CA GLU A 99 -16.22 -27.49 41.67
C GLU A 99 -16.10 -26.41 40.62
N LEU A 100 -15.63 -25.22 41.00
CA LEU A 100 -15.29 -24.24 39.97
C LEU A 100 -14.13 -24.73 39.13
N VAL A 101 -13.07 -25.21 39.79
CA VAL A 101 -12.00 -25.81 39.02
C VAL A 101 -12.54 -26.94 38.15
N LYS A 102 -13.43 -27.74 38.71
CA LYS A 102 -14.03 -28.84 37.94
C LYS A 102 -14.83 -28.32 36.75
N THR A 103 -15.68 -27.32 36.98
CA THR A 103 -16.48 -26.72 35.90
C THR A 103 -15.57 -26.22 34.77
N ALA A 104 -14.58 -25.41 35.13
CA ALA A 104 -13.76 -24.75 34.12
C ALA A 104 -12.98 -25.75 33.28
N VAL A 105 -12.20 -26.62 33.93
CA VAL A 105 -11.29 -27.49 33.20
C VAL A 105 -12.07 -28.57 32.45
N ASN A 106 -13.02 -29.23 33.13
CA ASN A 106 -13.74 -30.33 32.49
C ASN A 106 -14.68 -29.82 31.40
N GLY A 107 -15.36 -28.70 31.65
CA GLY A 107 -16.16 -28.09 30.60
C GLY A 107 -15.32 -27.76 29.37
N THR A 108 -14.12 -27.20 29.60
CA THR A 108 -13.23 -26.90 28.49
C THR A 108 -12.86 -28.16 27.72
N LEU A 109 -12.46 -29.21 28.43
CA LEU A 109 -12.13 -30.48 27.79
C LEU A 109 -13.29 -30.99 26.96
N ASN A 110 -14.50 -30.96 27.53
CA ASN A 110 -15.68 -31.40 26.80
C ASN A 110 -15.89 -30.56 25.54
N VAL A 111 -15.84 -29.24 25.69
CA VAL A 111 -16.00 -28.36 24.54
C VAL A 111 -14.99 -28.72 23.46
N LEU A 112 -13.73 -28.90 23.86
CA LEU A 112 -12.68 -29.19 22.89
C LEU A 112 -12.91 -30.52 22.19
N ARG A 113 -13.32 -31.55 22.95
CA ARG A 113 -13.63 -32.82 22.34
C ARG A 113 -14.77 -32.69 21.33
N ALA A 114 -15.78 -31.88 21.66
CA ALA A 114 -16.93 -31.73 20.78
C ALA A 114 -16.53 -31.07 19.46
N CYS A 115 -15.61 -30.10 19.52
CA CYS A 115 -15.14 -29.41 18.31
C CYS A 115 -14.30 -30.31 17.43
N THR A 116 -13.41 -31.12 18.03
CA THR A 116 -12.69 -32.12 17.26
C THR A 116 -13.65 -33.08 16.58
N GLU A 117 -14.72 -33.46 17.30
CA GLU A 117 -15.74 -34.32 16.70
C GLU A 117 -16.46 -33.60 15.58
N ALA A 118 -17.01 -32.41 15.84
CA ALA A 118 -17.72 -31.65 14.82
C ALA A 118 -16.79 -31.05 13.77
N LYS A 119 -15.48 -31.29 13.87
CA LYS A 119 -14.47 -30.77 12.95
C LYS A 119 -14.53 -29.24 12.88
N VAL A 120 -14.67 -28.61 14.04
CA VAL A 120 -14.63 -27.15 14.10
C VAL A 120 -13.22 -26.67 13.79
N LYS A 121 -13.13 -25.54 13.10
CA LYS A 121 -11.84 -25.05 12.63
C LYS A 121 -11.14 -24.17 13.67
N LYS A 122 -11.87 -23.25 14.29
CA LYS A 122 -11.28 -22.29 15.22
C LYS A 122 -12.10 -22.20 16.50
N VAL A 123 -11.40 -22.14 17.62
CA VAL A 123 -11.99 -21.96 18.93
C VAL A 123 -11.34 -20.74 19.57
N ILE A 124 -12.12 -19.99 20.36
CA ILE A 124 -11.60 -18.82 21.07
C ILE A 124 -12.04 -18.95 22.53
N TYR A 125 -11.09 -19.27 23.41
CA TYR A 125 -11.37 -19.39 24.83
C TYR A 125 -11.22 -18.04 25.50
N VAL A 126 -12.22 -17.63 26.26
CA VAL A 126 -12.16 -16.39 27.02
C VAL A 126 -11.55 -16.69 28.38
N SER A 127 -10.31 -16.24 28.57
CA SER A 127 -9.65 -16.40 29.86
C SER A 127 -9.64 -15.07 30.60
N SER A 128 -8.56 -14.80 31.33
CA SER A 128 -8.50 -13.57 32.11
C SER A 128 -7.03 -13.24 32.41
N THR A 129 -6.80 -11.97 32.73
CA THR A 129 -5.50 -11.54 33.23
C THR A 129 -5.12 -12.26 34.51
N ALA A 130 -6.10 -12.80 35.24
CA ALA A 130 -5.82 -13.63 36.40
C ALA A 130 -4.96 -14.84 36.05
N ALA A 131 -4.88 -15.20 34.77
CA ALA A 131 -4.02 -16.26 34.30
C ALA A 131 -2.67 -15.75 33.79
N VAL A 132 -2.34 -14.50 34.06
CA VAL A 132 -1.14 -13.88 33.52
C VAL A 132 -0.34 -13.23 34.63
N LEU A 133 -1.03 -12.54 35.54
CA LEU A 133 -0.39 -11.60 36.46
C LEU A 133 0.00 -12.23 37.79
N VAL A 134 -0.80 -13.15 38.33
CA VAL A 134 -0.57 -13.66 39.68
C VAL A 134 0.67 -14.54 39.68
N ASN A 135 1.83 -13.90 39.68
CA ASN A 135 3.12 -14.57 39.71
C ASN A 135 4.07 -13.75 40.59
N PRO A 136 4.49 -14.30 41.73
CA PRO A 136 5.41 -13.55 42.59
C PRO A 136 6.85 -13.55 42.14
N ASN A 137 7.27 -14.54 41.32
CA ASN A 137 8.66 -14.68 40.92
C ASN A 137 9.06 -13.77 39.77
N LEU A 138 8.11 -13.27 39.03
CA LEU A 138 8.44 -12.42 37.90
C LEU A 138 8.91 -11.05 38.42
N PRO A 139 10.12 -10.57 37.99
CA PRO A 139 10.71 -9.36 38.62
C PRO A 139 9.90 -8.07 38.42
N LYS A 140 10.41 -6.95 38.93
CA LYS A 140 9.68 -5.69 38.86
C LYS A 140 9.98 -4.88 37.59
N ASP A 141 11.19 -4.97 37.06
CA ASP A 141 11.55 -4.27 35.82
C ASP A 141 10.92 -4.90 34.58
N LYS A 142 10.06 -5.91 34.78
CA LYS A 142 9.46 -6.68 33.70
C LYS A 142 8.04 -6.21 33.51
N ILE A 143 7.72 -5.75 32.31
CA ILE A 143 6.35 -5.42 31.96
C ILE A 143 5.70 -6.68 31.42
N PRO A 144 4.74 -7.24 32.15
CA PRO A 144 4.18 -8.55 31.74
C PRO A 144 3.34 -8.44 30.48
N ASP A 145 3.37 -9.52 29.71
CA ASP A 145 2.68 -9.59 28.42
C ASP A 145 2.11 -11.00 28.28
N GLU A 146 1.86 -11.41 27.03
CA GLU A 146 1.25 -12.70 26.73
C GLU A 146 2.19 -13.86 27.05
N ASP A 147 3.45 -13.59 27.36
CA ASP A 147 4.40 -14.64 27.70
C ASP A 147 4.43 -14.94 29.19
N CYS A 148 3.75 -14.15 30.02
CA CYS A 148 3.76 -14.36 31.47
C CYS A 148 2.54 -15.16 31.89
N TRP A 149 2.79 -16.23 32.65
CA TRP A 149 1.74 -17.08 33.19
C TRP A 149 1.67 -16.92 34.69
N THR A 150 0.49 -17.23 35.23
CA THR A 150 0.26 -17.18 36.66
C THR A 150 0.81 -18.44 37.31
N ASP A 151 1.43 -18.27 38.49
CA ASP A 151 2.05 -19.38 39.19
C ASP A 151 0.99 -20.17 39.92
N GLU A 152 0.65 -21.33 39.35
CA GLU A 152 -0.29 -22.22 40.02
C GLU A 152 0.15 -22.52 41.43
N GLU A 153 1.45 -22.81 41.61
CA GLU A 153 2.01 -22.97 42.94
C GLU A 153 1.53 -21.87 43.87
N TYR A 154 1.63 -20.61 43.44
CA TYR A 154 1.45 -19.48 44.35
C TYR A 154 0.01 -19.38 44.85
N CYS A 155 -0.97 -19.55 43.96
CA CYS A 155 -2.37 -19.48 44.37
C CYS A 155 -2.76 -20.68 45.20
N ARG A 156 -2.16 -21.84 44.90
CA ARG A 156 -2.36 -23.03 45.69
C ARG A 156 -1.69 -22.95 47.05
N THR A 157 -0.67 -22.09 47.21
CA THR A 157 0.07 -21.97 48.46
C THR A 157 -0.57 -20.97 49.43
N THR A 158 -0.86 -19.79 48.97
CA THR A 158 -1.24 -18.56 49.65
C THR A 158 -2.72 -18.31 49.49
N PRO A 159 -3.42 -18.02 50.56
CA PRO A 159 -4.87 -17.80 50.44
C PRO A 159 -5.24 -16.34 50.20
N PHE A 160 -6.00 -16.11 49.13
CA PHE A 160 -6.57 -14.81 48.82
C PHE A 160 -7.80 -15.05 47.95
N PHE A 161 -8.79 -14.18 48.10
CA PHE A 161 -10.02 -14.37 47.33
C PHE A 161 -9.70 -14.39 45.85
N LEU A 162 -10.36 -15.29 45.13
CA LEU A 162 -10.15 -15.61 43.72
C LEU A 162 -8.88 -16.45 43.49
N ASN A 163 -8.30 -17.05 44.54
CA ASN A 163 -7.19 -17.97 44.31
C ASN A 163 -7.61 -19.14 43.43
N TRP A 164 -8.68 -19.85 43.84
CA TRP A 164 -9.18 -20.97 43.07
C TRP A 164 -9.69 -20.55 41.69
N TYR A 165 -10.24 -19.33 41.59
CA TYR A 165 -10.67 -18.84 40.28
C TYR A 165 -9.49 -18.75 39.33
N CYS A 166 -8.38 -18.17 39.81
CA CYS A 166 -7.16 -18.07 39.01
C CYS A 166 -6.58 -19.43 38.65
N ILE A 167 -6.55 -20.36 39.62
CA ILE A 167 -6.08 -21.70 39.34
C ILE A 167 -6.92 -22.35 38.24
N ALA A 168 -8.24 -22.14 38.28
CA ALA A 168 -9.11 -22.73 37.29
C ALA A 168 -8.91 -22.07 35.92
N LYS A 169 -8.74 -20.74 35.90
CA LYS A 169 -8.58 -20.04 34.63
C LYS A 169 -7.28 -20.40 33.94
N THR A 170 -6.18 -20.45 34.70
CA THR A 170 -4.88 -20.81 34.11
C THR A 170 -4.92 -22.25 33.59
N ALA A 171 -5.42 -23.18 34.39
CA ALA A 171 -5.47 -24.57 33.99
C ALA A 171 -6.32 -24.75 32.73
N ALA A 172 -7.47 -24.09 32.68
CA ALA A 172 -8.32 -24.20 31.49
C ALA A 172 -7.66 -23.57 30.28
N GLU A 173 -6.93 -22.46 30.46
CA GLU A 173 -6.32 -21.81 29.31
C GLU A 173 -5.09 -22.57 28.82
N LYS A 174 -4.34 -23.19 29.74
CA LYS A 174 -3.24 -24.04 29.33
C LYS A 174 -3.74 -25.25 28.57
N ASN A 175 -4.83 -25.86 29.05
CA ASN A 175 -5.45 -26.99 28.34
C ASN A 175 -5.86 -26.59 26.93
N ALA A 176 -6.53 -25.45 26.79
CA ALA A 176 -7.02 -25.03 25.48
C ALA A 176 -5.89 -24.71 24.53
N LEU A 177 -4.94 -23.88 24.97
CA LEU A 177 -3.84 -23.47 24.11
C LEU A 177 -3.03 -24.67 23.65
N GLU A 178 -2.72 -25.58 24.57
CA GLU A 178 -1.95 -26.76 24.22
C GLU A 178 -2.72 -27.66 23.26
N TYR A 179 -4.03 -27.79 23.46
CA TYR A 179 -4.87 -28.54 22.53
C TYR A 179 -4.81 -27.96 21.12
N GLY A 180 -4.47 -26.68 20.98
CA GLY A 180 -4.51 -26.03 19.69
C GLY A 180 -3.40 -26.41 18.74
N ASP A 181 -2.35 -27.05 19.25
CA ASP A 181 -1.22 -27.45 18.40
C ASP A 181 -1.36 -28.91 17.96
N LYS A 182 -2.50 -29.17 17.33
CA LYS A 182 -2.63 -30.29 16.40
C LYS A 182 -2.90 -29.66 15.04
N GLU A 183 -3.50 -30.37 14.10
CA GLU A 183 -3.72 -29.79 12.80
C GLU A 183 -5.19 -29.76 12.43
N GLY A 184 -5.61 -28.66 11.81
CA GLY A 184 -7.01 -28.42 11.52
C GLY A 184 -7.76 -27.77 12.65
N ILE A 185 -7.06 -27.33 13.70
CA ILE A 185 -7.71 -26.76 14.86
C ILE A 185 -6.85 -25.65 15.44
N ASN A 186 -7.24 -24.40 15.20
CA ASN A 186 -6.55 -23.24 15.73
C ASN A 186 -7.30 -22.75 16.96
N VAL A 187 -6.62 -22.70 18.10
CA VAL A 187 -7.22 -22.32 19.37
C VAL A 187 -6.56 -21.03 19.86
N ILE A 188 -7.36 -19.97 19.97
CA ILE A 188 -6.92 -18.69 20.48
C ILE A 188 -7.38 -18.60 21.93
N SER A 189 -6.72 -17.72 22.70
CA SER A 189 -7.18 -17.34 24.02
C SER A 189 -7.15 -15.82 24.14
N ILE A 190 -8.18 -15.27 24.75
CA ILE A 190 -8.24 -13.85 25.07
C ILE A 190 -8.37 -13.72 26.58
N CYS A 191 -7.54 -12.86 27.16
CA CYS A 191 -7.48 -12.67 28.61
C CYS A 191 -7.72 -11.22 28.96
N PRO A 192 -8.97 -10.81 29.13
CA PRO A 192 -9.25 -9.46 29.61
C PRO A 192 -9.04 -9.35 31.10
N SER A 193 -8.99 -8.11 31.57
CA SER A 193 -8.95 -7.81 32.99
C SER A 193 -10.39 -7.56 33.45
N TYR A 194 -10.57 -6.81 34.55
CA TYR A 194 -11.91 -6.53 35.06
C TYR A 194 -12.78 -5.90 33.96
N ILE A 195 -13.94 -6.50 33.72
CA ILE A 195 -14.83 -6.09 32.62
C ILE A 195 -16.00 -5.30 33.19
N PHE A 196 -16.15 -4.06 32.72
CA PHE A 196 -17.25 -3.18 33.09
C PHE A 196 -18.02 -2.79 31.83
N GLY A 197 -19.27 -2.38 32.02
CA GLY A 197 -20.09 -1.95 30.91
C GLY A 197 -21.57 -2.18 31.15
N PRO A 198 -22.41 -1.61 30.28
CA PRO A 198 -23.85 -1.78 30.42
C PRO A 198 -24.25 -3.23 30.23
N MET A 199 -25.28 -3.64 30.97
CA MET A 199 -25.71 -5.03 31.02
C MET A 199 -26.84 -5.28 30.04
N LEU A 200 -26.79 -6.44 29.38
CA LEU A 200 -27.89 -6.93 28.58
C LEU A 200 -28.80 -7.87 29.36
N GLN A 201 -28.21 -8.69 30.23
CA GLN A 201 -28.95 -9.64 31.03
C GLN A 201 -29.65 -8.93 32.19
N PRO A 202 -30.71 -9.55 32.73
CA PRO A 202 -31.45 -8.86 33.81
C PRO A 202 -30.73 -8.85 35.14
N THR A 203 -29.95 -9.88 35.43
CA THR A 203 -29.21 -9.98 36.68
C THR A 203 -27.86 -9.30 36.55
N ILE A 204 -27.37 -8.72 37.64
CA ILE A 204 -26.06 -8.08 37.61
C ILE A 204 -24.99 -9.12 37.88
N ASN A 205 -23.88 -9.00 37.16
CA ASN A 205 -22.77 -9.92 37.29
C ASN A 205 -21.85 -9.46 38.42
N SER A 206 -20.68 -10.09 38.54
CA SER A 206 -19.81 -9.89 39.69
C SER A 206 -18.98 -8.62 39.55
N SER A 207 -18.28 -8.46 38.42
CA SER A 207 -17.44 -7.29 38.23
C SER A 207 -18.26 -6.01 38.35
N ASN A 208 -19.43 -5.97 37.70
CA ASN A 208 -20.29 -4.80 37.84
C ASN A 208 -20.77 -4.61 39.27
N LEU A 209 -20.81 -5.67 40.07
CA LEU A 209 -21.29 -5.51 41.43
C LEU A 209 -20.25 -4.83 42.32
N GLU A 210 -18.96 -5.09 42.07
CA GLU A 210 -17.90 -4.42 42.83
C GLU A 210 -17.70 -2.99 42.35
N LEU A 211 -18.03 -2.71 41.08
CA LEU A 211 -18.13 -1.33 40.67
C LEU A 211 -19.32 -0.66 41.35
N LEU A 212 -20.46 -1.35 41.40
CA LEU A 212 -21.61 -0.79 42.13
C LEU A 212 -21.30 -0.63 43.62
N ARG A 213 -20.53 -1.56 44.20
CA ARG A 213 -20.14 -1.44 45.60
C ARG A 213 -19.40 -0.13 45.86
N LEU A 214 -18.52 0.29 44.95
CA LEU A 214 -17.80 1.55 45.14
C LEU A 214 -18.72 2.77 45.10
N MET A 215 -19.94 2.62 44.56
CA MET A 215 -20.86 3.74 44.44
C MET A 215 -21.78 3.90 45.64
N LYS A 216 -22.16 2.79 46.29
CA LYS A 216 -22.90 2.88 47.54
C LYS A 216 -21.85 2.91 48.66
N GLY A 217 -21.53 4.13 49.09
CA GLY A 217 -20.52 4.31 50.10
C GLY A 217 -20.82 3.55 51.38
N ASP A 218 -19.75 3.28 52.12
CA ASP A 218 -19.82 2.54 53.38
C ASP A 218 -18.84 3.22 54.34
N ASP A 219 -18.41 2.51 55.37
CA ASP A 219 -17.35 3.02 56.22
C ASP A 219 -16.19 2.05 56.41
N GLU A 220 -16.33 0.78 56.03
CA GLU A 220 -15.23 -0.15 56.14
C GLU A 220 -14.06 0.29 55.28
N SER A 221 -12.87 -0.13 55.67
CA SER A 221 -11.62 0.33 55.06
C SER A 221 -11.15 -0.68 54.03
N ILE A 222 -11.22 -0.30 52.76
CA ILE A 222 -10.95 -1.22 51.69
C ILE A 222 -9.50 -1.07 51.27
N GLU A 223 -9.01 -2.10 50.58
CA GLU A 223 -7.76 -1.98 49.88
C GLU A 223 -7.93 -0.99 48.72
N ASN A 224 -6.98 -0.08 48.57
CA ASN A 224 -6.96 0.78 47.40
C ASN A 224 -6.25 0.05 46.25
N LYS A 225 -6.89 -1.03 45.82
CA LYS A 225 -6.35 -1.87 44.77
C LYS A 225 -6.19 -1.10 43.48
N PHE A 226 -5.29 -1.58 42.62
CA PHE A 226 -5.15 -1.06 41.27
C PHE A 226 -5.99 -1.95 40.36
N LEU A 227 -7.07 -1.39 39.83
CA LEU A 227 -7.95 -2.11 38.92
C LEU A 227 -7.49 -1.85 37.49
N LEU A 228 -7.37 -2.92 36.72
CA LEU A 228 -7.22 -2.79 35.28
C LEU A 228 -8.55 -3.20 34.64
N MET A 229 -9.02 -2.38 33.69
CA MET A 229 -10.41 -2.43 33.25
C MET A 229 -10.50 -2.43 31.73
N VAL A 230 -11.60 -3.01 31.23
CA VAL A 230 -11.90 -3.07 29.80
C VAL A 230 -13.42 -3.04 29.63
N ASP A 231 -13.88 -2.37 28.56
CA ASP A 231 -15.30 -2.32 28.26
C ASP A 231 -15.77 -3.64 27.65
N VAL A 232 -16.92 -4.12 28.11
CA VAL A 232 -17.46 -5.41 27.63
C VAL A 232 -17.74 -5.34 26.14
N ARG A 233 -18.21 -4.18 25.65
CA ARG A 233 -18.44 -4.05 24.22
C ARG A 233 -17.14 -4.11 23.44
N ASP A 234 -16.05 -3.60 24.03
CA ASP A 234 -14.76 -3.67 23.40
C ASP A 234 -14.24 -5.11 23.39
N VAL A 235 -14.46 -5.84 24.48
CA VAL A 235 -14.12 -7.27 24.50
C VAL A 235 -14.85 -7.99 23.37
N ALA A 236 -16.14 -7.69 23.18
CA ALA A 236 -16.92 -8.38 22.16
C ALA A 236 -16.35 -8.11 20.77
N GLU A 237 -16.03 -6.85 20.48
CA GLU A 237 -15.45 -6.48 19.19
C GLU A 237 -14.05 -7.02 19.03
N ALA A 238 -13.32 -7.15 20.15
CA ALA A 238 -12.04 -7.83 20.09
C ALA A 238 -12.23 -9.30 19.69
N ILE A 239 -13.23 -9.97 20.27
CA ILE A 239 -13.48 -11.37 19.94
C ILE A 239 -13.88 -11.50 18.47
N LEU A 240 -14.73 -10.59 17.99
CA LEU A 240 -15.04 -10.54 16.57
C LEU A 240 -13.75 -10.44 15.76
N LEU A 241 -12.91 -9.46 16.08
CA LEU A 241 -11.71 -9.20 15.30
C LEU A 241 -10.79 -10.41 15.29
N LEU A 242 -10.60 -11.05 16.44
CA LEU A 242 -9.70 -12.19 16.52
C LEU A 242 -10.24 -13.40 15.78
N TYR A 243 -11.57 -13.54 15.71
CA TYR A 243 -12.15 -14.67 15.00
C TYR A 243 -12.01 -14.50 13.50
N GLU A 244 -12.33 -13.30 13.00
CA GLU A 244 -12.38 -13.10 11.55
C GLU A 244 -10.99 -13.10 10.93
N LYS A 245 -9.98 -12.62 11.64
CA LYS A 245 -8.62 -12.59 11.11
C LYS A 245 -7.96 -13.96 11.26
N GLN A 246 -7.34 -14.44 10.19
CA GLN A 246 -6.85 -15.81 10.16
C GLN A 246 -5.49 -15.93 10.82
N GLU A 247 -4.56 -15.06 10.44
CA GLU A 247 -3.17 -15.15 10.90
C GLU A 247 -3.06 -14.82 12.37
N THR A 248 -3.90 -15.48 13.18
CA THR A 248 -3.93 -15.32 14.62
C THR A 248 -3.41 -16.58 15.28
N SER A 249 -2.85 -16.42 16.47
CA SER A 249 -2.40 -17.55 17.26
C SER A 249 -1.95 -17.07 18.64
N GLY A 250 -2.31 -17.86 19.64
CA GLY A 250 -1.80 -17.66 20.99
C GLY A 250 -2.69 -16.82 21.88
N ARG A 251 -2.10 -16.17 22.88
CA ARG A 251 -2.82 -15.33 23.82
C ARG A 251 -2.93 -13.90 23.29
N TYR A 252 -3.95 -13.20 23.78
CA TYR A 252 -4.11 -11.79 23.46
C TYR A 252 -4.67 -11.11 24.70
N ILE A 253 -3.92 -10.20 25.28
CA ILE A 253 -4.36 -9.46 26.45
C ILE A 253 -5.18 -8.27 26.00
N SER A 254 -6.28 -8.00 26.72
CA SER A 254 -7.17 -6.88 26.44
C SER A 254 -7.46 -6.16 27.77
N SER A 255 -6.57 -5.24 28.15
CA SER A 255 -6.74 -4.44 29.37
C SER A 255 -6.26 -3.02 29.09
N PRO A 256 -7.10 -2.20 28.45
CA PRO A 256 -6.63 -0.88 28.02
C PRO A 256 -6.43 0.12 29.15
N HIS A 257 -7.25 0.08 30.20
CA HIS A 257 -7.22 1.09 31.24
C HIS A 257 -6.83 0.47 32.58
N GLY A 258 -6.40 1.33 33.50
CA GLY A 258 -5.95 0.89 34.80
C GLY A 258 -5.77 2.03 35.78
N MET A 259 -6.37 1.94 36.96
CA MET A 259 -6.37 3.05 37.90
C MET A 259 -6.45 2.52 39.32
N ARG A 260 -6.06 3.36 40.28
CA ARG A 260 -6.32 3.07 41.68
C ARG A 260 -7.80 3.27 41.97
N GLN A 261 -8.34 2.48 42.90
CA GLN A 261 -9.74 2.64 43.28
C GLN A 261 -9.99 4.05 43.78
N SER A 262 -9.04 4.62 44.53
CA SER A 262 -9.04 6.05 44.82
C SER A 262 -9.45 6.84 43.59
N ASN A 263 -8.66 6.74 42.52
CA ASN A 263 -8.83 7.62 41.37
C ASN A 263 -10.06 7.24 40.55
N LEU A 264 -10.49 5.97 40.60
CA LEU A 264 -11.69 5.59 39.87
C LEU A 264 -12.93 6.22 40.48
N VAL A 265 -12.99 6.25 41.82
CA VAL A 265 -14.09 6.92 42.50
C VAL A 265 -14.13 8.40 42.13
N GLU A 266 -12.97 9.03 41.98
CA GLU A 266 -12.97 10.47 41.76
C GLU A 266 -13.40 10.84 40.35
N LYS A 267 -12.99 10.05 39.34
CA LYS A 267 -13.46 10.35 37.99
C LYS A 267 -14.94 10.01 37.84
N LEU A 268 -15.37 8.95 38.51
CA LEU A 268 -16.80 8.64 38.55
C LEU A 268 -17.57 9.78 39.20
N GLU A 269 -17.15 10.18 40.40
CA GLU A 269 -17.64 11.41 41.00
C GLU A 269 -17.56 12.59 40.05
N SER A 270 -16.56 12.65 39.18
CA SER A 270 -16.47 13.77 38.26
C SER A 270 -17.42 13.64 37.08
N LEU A 271 -17.68 12.42 36.59
CA LEU A 271 -18.58 12.21 35.47
C LEU A 271 -20.01 11.96 35.89
N GLN A 272 -20.22 11.36 37.07
CA GLN A 272 -21.56 11.02 37.56
C GLN A 272 -21.68 11.39 39.03
N PRO A 273 -21.90 12.66 39.32
CA PRO A 273 -22.23 13.05 40.69
C PRO A 273 -23.65 12.61 41.04
N GLY A 274 -23.96 12.67 42.32
CA GLY A 274 -25.26 12.27 42.80
C GLY A 274 -25.31 10.91 43.43
N TYR A 275 -24.20 10.42 43.97
CA TYR A 275 -24.16 9.15 44.68
C TYR A 275 -23.14 9.28 45.79
N ASN A 276 -23.45 8.74 46.96
CA ASN A 276 -22.51 8.80 48.08
C ASN A 276 -21.45 7.73 47.87
N TYR A 277 -20.46 8.08 47.06
CA TYR A 277 -19.38 7.15 46.72
C TYR A 277 -18.56 6.81 47.95
N HIS A 278 -17.89 5.66 47.91
CA HIS A 278 -17.06 5.25 49.03
C HIS A 278 -15.76 6.04 49.02
N LYS A 279 -15.27 6.40 50.21
CA LYS A 279 -14.20 7.38 50.29
C LYS A 279 -13.20 7.02 51.38
N ASN A 280 -13.01 5.73 51.61
CA ASN A 280 -12.18 5.29 52.74
C ASN A 280 -11.32 4.11 52.29
N PHE A 281 -10.14 4.44 51.78
CA PHE A 281 -9.11 3.53 51.31
C PHE A 281 -7.87 3.68 52.20
N VAL A 282 -6.80 2.96 51.83
CA VAL A 282 -5.45 3.09 52.37
C VAL A 282 -4.46 2.74 51.27
N ASP A 283 -3.33 3.47 51.23
CA ASP A 283 -2.29 3.25 50.22
C ASP A 283 -2.83 3.38 48.80
N PRO A 286 1.53 -0.33 41.85
CA PRO A 286 2.79 -1.05 41.68
C PRO A 286 3.33 -1.02 40.24
N SER A 287 3.86 -2.14 39.75
CA SER A 287 4.40 -2.21 38.39
C SER A 287 3.39 -2.77 37.40
N TRP A 288 3.29 -4.12 37.36
CA TRP A 288 2.46 -4.92 36.44
C TRP A 288 1.22 -4.22 35.90
N THR A 289 0.72 -3.24 36.67
CA THR A 289 -0.37 -2.35 36.31
C THR A 289 -0.30 -1.75 34.89
N MET A 290 0.67 -2.13 34.07
CA MET A 290 0.85 -1.54 32.75
C MET A 290 1.21 -2.63 31.74
N ILE A 291 0.34 -3.63 31.62
CA ILE A 291 0.52 -4.68 30.63
C ILE A 291 0.10 -4.17 29.26
N SER A 292 0.82 -4.59 28.22
CA SER A 292 0.62 -4.05 26.89
C SER A 292 -0.43 -4.87 26.15
N SER A 293 -1.54 -4.22 25.82
CA SER A 293 -2.57 -4.83 24.97
C SER A 293 -2.21 -4.77 23.50
N GLU A 294 -0.93 -4.59 23.17
CA GLU A 294 -0.58 -4.17 21.81
C GLU A 294 -0.73 -5.31 20.80
N LYS A 295 -0.47 -6.55 21.21
CA LYS A 295 -0.71 -7.68 20.30
C LYS A 295 -2.11 -7.63 19.71
N LEU A 296 -3.08 -7.15 20.50
CA LEU A 296 -4.42 -6.94 19.99
C LEU A 296 -4.51 -5.67 19.15
N LYS A 297 -4.00 -4.55 19.67
CA LYS A 297 -4.11 -3.27 18.97
C LYS A 297 -3.42 -3.30 17.61
N LYS A 298 -2.42 -4.16 17.44
CA LYS A 298 -1.80 -4.32 16.13
C LYS A 298 -2.73 -4.96 15.12
N LEU A 299 -3.85 -5.53 15.54
CA LEU A 299 -4.83 -6.09 14.63
C LEU A 299 -5.93 -5.08 14.27
N GLY A 300 -5.90 -3.89 14.85
CA GLY A 300 -6.91 -2.87 14.59
C GLY A 300 -7.80 -2.57 15.76
N TRP A 301 -7.68 -3.33 16.86
CA TRP A 301 -8.53 -3.12 18.02
C TRP A 301 -8.31 -1.75 18.62
N LYS A 302 -9.38 -0.98 18.75
CA LYS A 302 -9.33 0.40 19.25
C LYS A 302 -10.36 0.55 20.36
N PRO A 303 -9.97 0.37 21.61
CA PRO A 303 -10.91 0.52 22.72
C PRO A 303 -11.40 1.95 22.85
N ARG A 304 -12.56 2.09 23.48
CA ARG A 304 -13.18 3.38 23.71
C ARG A 304 -12.70 3.97 25.03
N PRO A 305 -12.81 5.30 25.19
CA PRO A 305 -12.34 5.91 26.43
C PRO A 305 -13.13 5.45 27.64
N LEU A 306 -12.44 5.42 28.78
CA LEU A 306 -13.04 4.89 30.00
C LEU A 306 -14.28 5.69 30.43
N GLU A 307 -14.35 6.98 30.07
CA GLU A 307 -15.47 7.81 30.54
C GLU A 307 -16.81 7.29 30.05
N ASP A 308 -16.86 6.86 28.78
CA ASP A 308 -18.13 6.39 28.22
C ASP A 308 -18.54 5.06 28.82
N THR A 309 -17.64 4.08 28.83
CA THR A 309 -17.87 2.84 29.55
C THR A 309 -18.46 3.12 30.92
N ILE A 310 -17.81 4.03 31.66
CA ILE A 310 -18.20 4.37 33.03
C ILE A 310 -19.60 4.96 33.06
N SER A 311 -19.85 5.96 32.22
CA SER A 311 -21.14 6.65 32.27
C SER A 311 -22.27 5.78 31.75
N GLU A 312 -22.00 4.89 30.80
CA GLU A 312 -23.05 4.03 30.28
C GLU A 312 -23.35 2.88 31.23
N THR A 313 -22.37 2.48 32.03
CA THR A 313 -22.62 1.47 33.05
C THR A 313 -23.50 2.03 34.15
N VAL A 314 -23.24 3.27 34.59
CA VAL A 314 -23.99 3.83 35.70
C VAL A 314 -25.44 4.08 35.32
N LEU A 315 -25.72 4.41 34.06
CA LEU A 315 -27.11 4.65 33.69
C LEU A 315 -27.88 3.36 33.52
N CYS A 316 -27.23 2.30 33.01
CA CYS A 316 -27.86 1.00 33.02
C CYS A 316 -28.09 0.52 34.45
N PHE A 317 -27.18 0.84 35.37
CA PHE A 317 -27.40 0.58 36.78
C PHE A 317 -28.71 1.20 37.25
N GLU A 318 -28.93 2.46 36.89
CA GLU A 318 -30.12 3.20 37.30
C GLU A 318 -31.37 2.64 36.66
N GLU A 319 -31.27 2.23 35.40
CA GLU A 319 -32.41 1.61 34.73
C GLU A 319 -32.78 0.30 35.39
N HIS A 320 -31.78 -0.42 35.93
CA HIS A 320 -32.05 -1.63 36.67
C HIS A 320 -32.50 -1.36 38.10
N GLY A 321 -32.62 -0.09 38.49
CA GLY A 321 -33.09 0.23 39.83
C GLY A 321 -32.18 -0.25 40.93
N LEU A 322 -30.87 -0.24 40.71
CA LEU A 322 -29.92 -0.74 41.69
C LEU A 322 -29.41 0.35 42.62
N LEU A 323 -29.97 1.57 42.55
CA LEU A 323 -29.42 2.74 43.24
C LEU A 323 -30.51 3.55 43.95
N GLU A 324 -30.93 3.08 45.13
CA GLU A 324 -31.91 3.77 45.96
C GLU A 324 -31.65 3.54 47.44
N SER B 7 33.98 0.30 34.11
CA SER B 7 33.90 -0.67 33.03
C SER B 7 33.74 -0.01 31.66
N ARG B 8 34.34 -0.62 30.64
CA ARG B 8 34.64 0.07 29.38
C ARG B 8 33.83 -0.46 28.23
N ILE B 9 33.31 0.45 27.41
CA ILE B 9 32.55 0.12 26.21
C ILE B 9 33.19 0.81 25.01
N CYS B 10 33.09 0.18 23.84
CA CYS B 10 33.62 0.70 22.59
C CYS B 10 32.48 1.19 21.70
N VAL B 11 32.75 2.26 20.96
CA VAL B 11 31.79 2.89 20.06
C VAL B 11 32.43 3.11 18.71
N THR B 12 31.92 2.44 17.68
CA THR B 12 32.50 2.57 16.35
C THR B 12 32.03 3.86 15.69
N GLY B 13 32.96 4.58 15.06
CA GLY B 13 32.65 5.83 14.40
C GLY B 13 32.18 6.94 15.33
N ALA B 14 32.83 7.09 16.49
CA ALA B 14 32.37 7.99 17.54
C ALA B 14 32.15 9.42 17.06
N GLY B 15 32.75 9.81 15.94
CA GLY B 15 32.53 11.14 15.40
C GLY B 15 31.28 11.30 14.56
N GLY B 16 30.47 10.23 14.43
CA GLY B 16 29.26 10.31 13.64
C GLY B 16 28.14 11.06 14.34
N PHE B 17 27.09 11.33 13.57
CA PHE B 17 25.91 12.02 14.10
C PHE B 17 25.31 11.27 15.28
N VAL B 18 25.00 9.99 15.09
CA VAL B 18 24.42 9.20 16.17
C VAL B 18 25.49 8.89 17.22
N ALA B 19 26.71 8.58 16.78
CA ALA B 19 27.71 8.05 17.69
C ALA B 19 28.14 9.08 18.73
N SER B 20 28.17 10.36 18.36
CA SER B 20 28.59 11.41 19.27
C SER B 20 27.62 11.57 20.45
N TRP B 21 26.31 11.52 20.17
CA TRP B 21 25.32 11.55 21.23
C TRP B 21 25.40 10.29 22.10
N VAL B 22 25.62 9.15 21.47
CA VAL B 22 25.85 7.91 22.20
C VAL B 22 27.05 8.08 23.14
N VAL B 23 28.13 8.67 22.60
CA VAL B 23 29.34 8.83 23.40
C VAL B 23 29.12 9.83 24.52
N LYS B 24 28.53 10.98 24.19
CA LYS B 24 28.22 11.97 25.22
C LYS B 24 27.41 11.35 26.34
N LEU B 25 26.40 10.56 25.99
CA LEU B 25 25.52 9.99 27.01
C LEU B 25 26.28 9.01 27.89
N PHE B 26 27.10 8.15 27.30
CA PHE B 26 27.74 7.08 28.08
C PHE B 26 28.79 7.63 29.03
N LEU B 27 29.47 8.72 28.65
CA LEU B 27 30.41 9.35 29.57
C LEU B 27 29.68 10.06 30.70
N SER B 28 28.52 10.65 30.42
CA SER B 28 27.76 11.27 31.49
C SER B 28 27.33 10.25 32.55
N LYS B 29 27.39 8.96 32.24
CA LYS B 29 26.95 7.91 33.14
C LYS B 29 28.12 7.16 33.78
N GLY B 30 29.35 7.66 33.63
CA GLY B 30 30.50 7.07 34.28
C GLY B 30 31.19 5.95 33.51
N TYR B 31 30.79 5.71 32.27
CA TYR B 31 31.45 4.69 31.47
C TYR B 31 32.77 5.21 30.94
N LEU B 32 33.68 4.28 30.69
CA LEU B 32 34.94 4.56 29.98
C LEU B 32 34.76 4.08 28.55
N VAL B 33 34.87 5.00 27.60
CA VAL B 33 34.52 4.72 26.21
C VAL B 33 35.78 4.73 25.36
N HIS B 34 35.91 3.71 24.51
CA HIS B 34 36.94 3.67 23.47
C HIS B 34 36.26 3.97 22.14
N GLY B 35 36.42 5.17 21.65
CA GLY B 35 35.80 5.59 20.40
C GLY B 35 36.77 5.47 19.24
N THR B 36 36.28 4.92 18.13
CA THR B 36 37.10 4.79 16.94
C THR B 36 36.73 5.87 15.93
N VAL B 37 37.74 6.38 15.24
CA VAL B 37 37.57 7.36 14.17
C VAL B 37 38.56 7.02 13.07
N ARG B 38 38.27 7.54 11.88
CA ARG B 38 39.19 7.36 10.76
C ARG B 38 40.23 8.46 10.65
N ASP B 39 40.06 9.56 11.40
CA ASP B 39 41.05 10.63 11.43
C ASP B 39 41.04 11.26 12.81
N LEU B 40 42.23 11.40 13.40
CA LEU B 40 42.39 11.95 14.74
C LEU B 40 42.70 13.44 14.75
N GLY B 41 42.65 14.10 13.58
CA GLY B 41 42.88 15.53 13.55
C GLY B 41 41.93 16.27 14.49
N GLU B 42 42.42 17.41 15.01
CA GLU B 42 41.67 18.10 16.04
C GLU B 42 40.30 18.56 15.56
N GLU B 43 40.18 18.98 14.30
CA GLU B 43 38.92 19.58 13.87
C GLU B 43 37.79 18.56 13.81
N LYS B 44 38.11 17.33 13.39
CA LYS B 44 37.07 16.30 13.36
C LYS B 44 36.75 15.78 14.75
N THR B 45 37.71 15.77 15.66
CA THR B 45 37.51 15.24 17.00
C THR B 45 37.32 16.31 18.06
N ALA B 46 37.37 17.59 17.69
CA ALA B 46 37.17 18.65 18.67
C ALA B 46 35.87 18.46 19.43
N HIS B 47 34.77 18.26 18.69
CA HIS B 47 33.46 18.16 19.32
C HIS B 47 33.36 16.96 20.26
N LEU B 48 34.24 15.97 20.11
CA LEU B 48 34.25 14.84 21.03
C LEU B 48 35.14 15.06 22.25
N ARG B 49 36.23 15.82 22.09
CA ARG B 49 37.16 16.01 23.20
C ARG B 49 36.54 16.85 24.31
N LYS B 50 35.69 17.81 23.97
CA LYS B 50 35.10 18.72 24.94
C LYS B 50 33.96 18.09 25.75
N LEU B 51 33.46 16.91 25.37
CA LEU B 51 32.40 16.25 26.12
C LEU B 51 32.77 16.10 27.58
N GLU B 52 31.79 16.30 28.46
CA GLU B 52 32.05 16.23 29.89
C GLU B 52 32.41 14.80 30.28
N GLY B 53 33.58 14.64 30.89
CA GLY B 53 34.11 13.35 31.25
C GLY B 53 35.04 12.75 30.21
N ALA B 54 35.14 13.38 29.03
CA ALA B 54 35.95 12.82 27.96
C ALA B 54 37.45 12.91 28.27
N TYR B 55 37.87 13.99 28.93
CA TYR B 55 39.30 14.19 29.18
C TYR B 55 39.91 13.00 29.91
N HIS B 56 39.16 12.39 30.83
CA HIS B 56 39.69 11.30 31.63
C HIS B 56 39.16 9.92 31.23
N ASN B 57 38.01 9.84 30.58
CA ASN B 57 37.36 8.56 30.34
C ASN B 57 37.03 8.33 28.86
N LEU B 58 37.57 9.14 27.97
CA LEU B 58 37.40 8.95 26.53
C LEU B 58 38.75 8.65 25.90
N GLN B 59 38.82 7.56 25.15
CA GLN B 59 40.04 7.12 24.51
C GLN B 59 39.77 6.89 23.03
N LEU B 60 40.27 7.78 22.19
CA LEU B 60 40.00 7.75 20.77
C LEU B 60 41.09 6.99 20.01
N PHE B 61 40.68 6.05 19.19
CA PHE B 61 41.59 5.28 18.36
C PHE B 61 41.39 5.63 16.88
N LYS B 62 42.39 5.32 16.08
CA LYS B 62 42.29 5.46 14.62
C LYS B 62 42.09 4.06 14.06
N ALA B 63 40.84 3.73 13.74
CA ALA B 63 40.52 2.41 13.20
C ALA B 63 39.62 2.56 11.97
N ASP B 64 39.55 1.49 11.18
CA ASP B 64 38.69 1.40 10.00
C ASP B 64 38.01 0.05 10.02
N LEU B 65 36.73 0.00 9.62
CA LEU B 65 35.99 -1.26 9.70
C LEU B 65 36.64 -2.38 8.90
N LEU B 66 37.40 -2.03 7.87
CA LEU B 66 38.03 -3.03 7.01
C LEU B 66 39.46 -3.35 7.44
N ASP B 67 39.90 -2.87 8.59
CA ASP B 67 41.21 -3.20 9.16
C ASP B 67 40.96 -3.91 10.48
N TYR B 68 41.04 -5.25 10.44
CA TYR B 68 40.71 -6.04 11.63
C TYR B 68 41.63 -5.68 12.80
N GLU B 69 42.89 -5.37 12.52
CA GLU B 69 43.86 -5.16 13.59
C GLU B 69 43.54 -3.90 14.38
N SER B 70 43.29 -2.79 13.68
CA SER B 70 42.96 -1.55 14.38
C SER B 70 41.71 -1.72 15.22
N LEU B 71 40.74 -2.50 14.72
CA LEU B 71 39.51 -2.74 15.48
C LEU B 71 39.80 -3.53 16.76
N LEU B 72 40.57 -4.61 16.63
CA LEU B 72 40.94 -5.40 17.81
C LEU B 72 41.66 -4.54 18.84
N GLY B 73 42.58 -3.68 18.38
CA GLY B 73 43.27 -2.80 19.31
C GLY B 73 42.33 -1.91 20.08
N ALA B 74 41.28 -1.40 19.42
CA ALA B 74 40.34 -0.49 20.08
C ALA B 74 39.35 -1.24 20.97
N ILE B 75 39.16 -2.55 20.76
CA ILE B 75 38.09 -3.30 21.41
C ILE B 75 38.63 -4.02 22.64
N THR B 76 39.92 -4.38 22.61
CA THR B 76 40.52 -5.17 23.68
C THR B 76 40.33 -4.47 25.03
N GLY B 77 39.77 -5.19 25.99
CA GLY B 77 39.55 -4.68 27.33
C GLY B 77 38.17 -4.11 27.59
N CYS B 78 37.28 -4.13 26.59
CA CYS B 78 35.96 -3.53 26.70
C CYS B 78 34.92 -4.58 27.05
N ASP B 79 34.01 -4.22 27.97
CA ASP B 79 32.95 -5.12 28.37
C ASP B 79 31.86 -5.20 27.30
N GLY B 80 31.60 -4.07 26.61
CA GLY B 80 30.63 -4.05 25.54
C GLY B 80 31.15 -3.21 24.38
N VAL B 81 30.41 -3.26 23.28
CA VAL B 81 30.77 -2.49 22.10
C VAL B 81 29.49 -2.12 21.36
N LEU B 82 29.45 -0.90 20.83
CA LEU B 82 28.28 -0.36 20.16
C LEU B 82 28.64 -0.10 18.71
N HIS B 83 28.50 -1.12 17.87
CA HIS B 83 28.78 -0.97 16.44
C HIS B 83 27.68 -0.13 15.80
N VAL B 84 27.96 1.16 15.62
CA VAL B 84 27.04 2.10 15.01
C VAL B 84 27.59 2.67 13.71
N ALA B 85 28.80 2.28 13.32
CA ALA B 85 29.47 2.88 12.17
C ALA B 85 29.02 2.20 10.87
N THR B 86 28.26 2.94 10.05
CA THR B 86 27.88 2.53 8.70
C THR B 86 27.58 3.77 7.89
N PRO B 87 28.19 3.93 6.71
CA PRO B 87 27.94 5.16 5.92
C PRO B 87 26.48 5.29 5.52
N VAL B 88 25.98 6.52 5.55
CA VAL B 88 24.60 6.84 5.22
C VAL B 88 24.60 7.81 4.04
N PRO B 89 24.33 7.31 2.82
CA PRO B 89 24.39 8.18 1.64
C PRO B 89 23.41 9.34 1.73
N SER B 90 23.82 10.50 1.26
CA SER B 90 22.93 11.64 1.08
C SER B 90 22.36 11.62 -0.34
N SER B 91 21.23 12.32 -0.52
CA SER B 91 20.44 12.13 -1.73
C SER B 91 21.10 12.77 -2.96
N LYS B 92 21.62 13.99 -2.83
CA LYS B 92 22.28 14.65 -3.95
C LYS B 92 23.79 14.42 -3.96
N THR B 93 24.20 13.18 -3.74
CA THR B 93 25.49 12.67 -4.15
C THR B 93 25.25 11.28 -4.72
N ALA B 94 26.34 10.61 -5.06
CA ALA B 94 26.28 9.23 -5.51
C ALA B 94 27.22 8.40 -4.64
N TYR B 95 26.79 7.17 -4.36
CA TYR B 95 27.59 6.21 -3.63
C TYR B 95 27.71 4.95 -4.46
N SER B 96 28.75 4.17 -4.16
CA SER B 96 28.96 2.88 -4.81
C SER B 96 28.39 1.80 -3.90
N GLY B 97 27.25 1.24 -4.31
CA GLY B 97 26.60 0.23 -3.48
C GLY B 97 27.50 -0.95 -3.17
N THR B 98 28.37 -1.31 -4.12
CA THR B 98 29.27 -2.45 -3.93
C THR B 98 30.14 -2.26 -2.69
N GLU B 99 30.70 -1.07 -2.53
CA GLU B 99 31.60 -0.84 -1.41
C GLU B 99 30.83 -0.44 -0.15
N LEU B 100 29.63 0.12 -0.28
CA LEU B 100 28.81 0.31 0.91
C LEU B 100 28.46 -1.02 1.55
N VAL B 101 27.93 -1.95 0.75
CA VAL B 101 27.60 -3.26 1.30
C VAL B 101 28.86 -3.96 1.78
N LYS B 102 29.97 -3.77 1.06
CA LYS B 102 31.26 -4.26 1.52
C LYS B 102 31.60 -3.70 2.90
N THR B 103 31.51 -2.38 3.05
CA THR B 103 31.81 -1.73 4.32
C THR B 103 30.94 -2.29 5.43
N ALA B 104 29.63 -2.37 5.20
CA ALA B 104 28.69 -2.72 6.25
C ALA B 104 28.88 -4.16 6.71
N VAL B 105 28.93 -5.10 5.77
CA VAL B 105 28.95 -6.50 6.16
C VAL B 105 30.33 -6.91 6.67
N ASN B 106 31.40 -6.45 6.01
CA ASN B 106 32.73 -6.90 6.38
C ASN B 106 33.23 -6.20 7.63
N GLY B 107 32.94 -4.90 7.76
CA GLY B 107 33.21 -4.23 9.01
C GLY B 107 32.51 -4.89 10.17
N THR B 108 31.26 -5.30 9.98
CA THR B 108 30.52 -5.99 11.03
C THR B 108 31.18 -7.30 11.39
N LEU B 109 31.56 -8.10 10.38
CA LEU B 109 32.22 -9.37 10.65
C LEU B 109 33.53 -9.17 11.39
N ASN B 110 34.29 -8.13 10.99
CA ASN B 110 35.53 -7.82 11.69
C ASN B 110 35.26 -7.43 13.14
N VAL B 111 34.27 -6.55 13.34
CA VAL B 111 33.91 -6.16 14.71
C VAL B 111 33.53 -7.38 15.53
N LEU B 112 32.80 -8.32 14.93
CA LEU B 112 32.34 -9.49 15.66
C LEU B 112 33.51 -10.42 15.99
N ARG B 113 34.42 -10.62 15.05
CA ARG B 113 35.58 -11.44 15.33
C ARG B 113 36.45 -10.83 16.42
N ALA B 114 36.57 -9.51 16.44
CA ALA B 114 37.38 -8.84 17.44
C ALA B 114 36.79 -8.99 18.83
N CYS B 115 35.46 -9.00 18.93
CA CYS B 115 34.78 -9.11 20.21
C CYS B 115 34.83 -10.52 20.76
N THR B 116 34.74 -11.53 19.88
CA THR B 116 34.88 -12.90 20.32
C THR B 116 36.26 -13.14 20.91
N GLU B 117 37.30 -12.57 20.30
CA GLU B 117 38.64 -12.74 20.85
C GLU B 117 38.85 -11.88 22.09
N ALA B 118 38.41 -10.62 22.06
CA ALA B 118 38.51 -9.77 23.25
C ALA B 118 37.59 -10.23 24.37
N LYS B 119 36.79 -11.28 24.15
CA LYS B 119 35.87 -11.83 25.14
C LYS B 119 34.83 -10.81 25.58
N VAL B 120 34.38 -9.98 24.62
CA VAL B 120 33.29 -9.07 24.88
C VAL B 120 32.00 -9.88 25.06
N LYS B 121 31.14 -9.40 25.96
CA LYS B 121 29.94 -10.16 26.32
C LYS B 121 28.67 -9.65 25.67
N LYS B 122 28.56 -8.34 25.44
CA LYS B 122 27.40 -7.79 24.76
C LYS B 122 27.83 -6.83 23.66
N VAL B 123 27.15 -6.95 22.52
CA VAL B 123 27.33 -6.05 21.38
C VAL B 123 25.94 -5.54 20.98
N ILE B 124 25.88 -4.29 20.53
CA ILE B 124 24.64 -3.67 20.08
C ILE B 124 24.89 -3.10 18.68
N TYR B 125 24.30 -3.73 17.67
CA TYR B 125 24.41 -3.24 16.30
C TYR B 125 23.28 -2.26 16.02
N VAL B 126 23.62 -1.13 15.44
CA VAL B 126 22.61 -0.14 15.06
C VAL B 126 22.21 -0.41 13.62
N SER B 127 20.99 -0.90 13.44
CA SER B 127 20.44 -1.20 12.13
C SER B 127 19.54 -0.05 11.67
N SER B 128 18.43 -0.40 11.00
CA SER B 128 17.53 0.61 10.48
C SER B 128 16.19 -0.06 10.15
N THR B 129 15.13 0.75 10.16
CA THR B 129 13.85 0.27 9.65
C THR B 129 13.94 -0.11 8.18
N ALA B 130 14.94 0.42 7.46
CA ALA B 130 15.22 -0.02 6.09
C ALA B 130 15.48 -1.52 6.02
N ALA B 131 15.79 -2.15 7.15
CA ALA B 131 16.02 -3.59 7.22
C ALA B 131 14.79 -4.35 7.71
N VAL B 132 13.62 -3.72 7.71
CA VAL B 132 12.41 -4.30 8.28
C VAL B 132 11.23 -4.14 7.32
N LEU B 133 11.13 -2.98 6.69
CA LEU B 133 9.91 -2.56 5.99
C LEU B 133 9.89 -2.87 4.50
N VAL B 134 11.01 -2.72 3.78
CA VAL B 134 11.01 -2.81 2.34
C VAL B 134 10.73 -4.23 1.88
N ASN B 135 9.49 -4.67 2.08
CA ASN B 135 9.04 -6.00 1.70
C ASN B 135 7.71 -5.90 0.97
N PRO B 136 7.67 -6.25 -0.31
CA PRO B 136 6.40 -6.13 -1.05
C PRO B 136 5.42 -7.24 -0.76
N ASN B 137 5.86 -8.37 -0.19
CA ASN B 137 4.98 -9.52 0.00
C ASN B 137 4.32 -9.58 1.37
N LEU B 138 4.74 -8.76 2.33
CA LEU B 138 3.98 -8.70 3.58
C LEU B 138 2.64 -8.03 3.31
N PRO B 139 1.53 -8.57 3.83
CA PRO B 139 0.20 -8.12 3.40
C PRO B 139 -0.18 -6.72 3.87
N LYS B 140 -1.39 -6.27 3.52
CA LYS B 140 -1.87 -4.95 3.91
C LYS B 140 -2.45 -4.95 5.33
N ASP B 141 -3.07 -6.06 5.74
CA ASP B 141 -3.62 -6.28 7.07
C ASP B 141 -2.54 -6.34 8.15
N LYS B 142 -1.28 -6.32 7.75
CA LYS B 142 -0.14 -6.68 8.58
C LYS B 142 0.55 -5.43 9.11
N ILE B 143 0.59 -5.29 10.46
CA ILE B 143 1.38 -4.25 11.08
C ILE B 143 2.74 -4.82 11.36
N PRO B 144 3.79 -4.38 10.59
CA PRO B 144 5.11 -4.98 10.75
C PRO B 144 5.75 -4.62 12.08
N ASP B 145 6.54 -5.55 12.59
CA ASP B 145 7.20 -5.40 13.88
C ASP B 145 8.61 -5.97 13.75
N GLU B 146 9.21 -6.35 14.88
CA GLU B 146 10.56 -6.90 14.89
C GLU B 146 10.66 -8.26 14.19
N ASP B 147 9.54 -8.86 13.80
CA ASP B 147 9.53 -10.18 13.19
C ASP B 147 9.56 -10.14 11.67
N CYS B 148 9.36 -8.99 11.06
CA CYS B 148 9.29 -8.85 9.62
C CYS B 148 10.63 -8.34 9.08
N TRP B 149 11.20 -9.06 8.12
CA TRP B 149 12.46 -8.69 7.52
C TRP B 149 12.25 -8.11 6.12
N THR B 150 13.24 -7.35 5.67
CA THR B 150 13.21 -6.75 4.34
C THR B 150 13.64 -7.77 3.29
N ASP B 151 12.94 -7.76 2.16
CA ASP B 151 13.21 -8.70 1.07
C ASP B 151 14.42 -8.21 0.29
N GLU B 152 15.57 -8.87 0.48
CA GLU B 152 16.79 -8.44 -0.18
C GLU B 152 16.70 -8.63 -1.69
N GLU B 153 16.01 -9.68 -2.12
CA GLU B 153 15.72 -9.86 -3.54
C GLU B 153 15.03 -8.64 -4.13
N TYR B 154 13.91 -8.22 -3.52
CA TYR B 154 13.23 -7.01 -3.98
C TYR B 154 14.16 -5.81 -4.02
N CYS B 155 15.04 -5.68 -3.02
CA CYS B 155 15.94 -4.53 -2.97
C CYS B 155 16.86 -4.50 -4.19
N ARG B 156 17.34 -5.66 -4.60
CA ARG B 156 18.27 -5.79 -5.71
C ARG B 156 17.56 -6.02 -7.05
N THR B 157 16.26 -6.34 -7.04
CA THR B 157 15.49 -6.44 -8.29
C THR B 157 15.14 -5.07 -8.84
N THR B 158 14.57 -4.26 -8.01
CA THR B 158 13.96 -2.95 -8.19
C THR B 158 14.93 -1.88 -7.77
N PRO B 159 15.26 -0.95 -8.66
CA PRO B 159 16.14 0.16 -8.26
C PRO B 159 15.37 1.25 -7.55
N PHE B 160 16.00 1.81 -6.53
CA PHE B 160 15.50 2.98 -5.83
C PHE B 160 16.61 3.47 -4.92
N PHE B 161 16.74 4.77 -4.77
CA PHE B 161 17.79 5.30 -3.90
C PHE B 161 17.65 4.68 -2.52
N LEU B 162 18.78 4.20 -2.00
CA LEU B 162 18.94 3.42 -0.78
C LEU B 162 18.63 1.94 -0.98
N ASN B 163 18.51 1.45 -2.21
CA ASN B 163 18.32 0.01 -2.41
C ASN B 163 19.52 -0.76 -1.88
N TRP B 164 20.72 -0.42 -2.36
CA TRP B 164 21.94 -1.03 -1.85
C TRP B 164 22.17 -0.74 -0.38
N TYR B 165 21.75 0.45 0.08
CA TYR B 165 21.85 0.76 1.51
C TYR B 165 21.06 -0.26 2.32
N CYS B 166 19.82 -0.50 1.89
CA CYS B 166 18.94 -1.46 2.57
C CYS B 166 19.50 -2.87 2.52
N ILE B 167 19.98 -3.30 1.34
CA ILE B 167 20.61 -4.61 1.25
C ILE B 167 21.77 -4.72 2.24
N ALA B 168 22.57 -3.66 2.36
CA ALA B 168 23.71 -3.70 3.27
C ALA B 168 23.25 -3.77 4.72
N LYS B 169 22.21 -3.00 5.06
CA LYS B 169 21.76 -2.95 6.46
C LYS B 169 21.16 -4.28 6.90
N THR B 170 20.33 -4.90 6.05
CA THR B 170 19.72 -6.18 6.42
C THR B 170 20.77 -7.28 6.50
N ALA B 171 21.67 -7.33 5.52
CA ALA B 171 22.73 -8.34 5.52
C ALA B 171 23.62 -8.21 6.75
N ALA B 172 24.01 -6.98 7.10
CA ALA B 172 24.84 -6.78 8.27
C ALA B 172 24.08 -7.14 9.56
N GLU B 173 22.78 -6.80 9.62
CA GLU B 173 22.02 -7.10 10.83
C GLU B 173 21.71 -8.58 10.95
N LYS B 174 21.47 -9.24 9.82
CA LYS B 174 21.32 -10.69 9.85
C LYS B 174 22.58 -11.35 10.38
N ASN B 175 23.75 -10.93 9.86
CA ASN B 175 25.03 -11.45 10.32
C ASN B 175 25.21 -11.23 11.82
N ALA B 176 24.94 -10.03 12.30
CA ALA B 176 25.10 -9.74 13.72
C ALA B 176 24.18 -10.60 14.57
N LEU B 177 22.92 -10.70 14.18
CA LEU B 177 21.94 -11.39 15.01
C LEU B 177 22.24 -12.87 15.09
N GLU B 178 22.48 -13.49 13.95
CA GLU B 178 22.85 -14.90 13.98
C GLU B 178 24.22 -15.09 14.61
N TYR B 179 25.10 -14.05 14.56
CA TYR B 179 26.24 -13.93 15.45
C TYR B 179 25.81 -13.50 16.86
N GLY B 180 24.69 -14.00 17.29
CA GLY B 180 24.29 -13.72 18.65
C GLY B 180 24.02 -15.03 19.34
N ASP B 181 23.53 -15.98 18.58
CA ASP B 181 23.19 -17.24 19.16
C ASP B 181 24.35 -18.16 19.34
N LYS B 182 25.04 -17.90 20.43
CA LYS B 182 26.18 -18.62 20.98
C LYS B 182 26.14 -18.43 22.47
N GLU B 183 27.18 -18.84 23.15
CA GLU B 183 27.21 -18.63 24.58
C GLU B 183 28.31 -17.63 24.83
N GLY B 184 28.09 -16.71 25.73
CA GLY B 184 29.12 -15.77 26.04
C GLY B 184 29.07 -14.58 25.16
N ILE B 185 28.05 -14.43 24.37
CA ILE B 185 27.97 -13.27 23.55
C ILE B 185 26.54 -12.97 23.18
N ASN B 186 25.98 -11.95 23.78
CA ASN B 186 24.62 -11.49 23.55
C ASN B 186 24.66 -10.33 22.57
N VAL B 187 24.01 -10.49 21.42
CA VAL B 187 24.04 -9.49 20.35
C VAL B 187 22.64 -8.94 20.14
N ILE B 188 22.47 -7.66 20.44
CA ILE B 188 21.23 -6.93 20.20
C ILE B 188 21.38 -6.16 18.89
N SER B 189 20.24 -5.75 18.32
CA SER B 189 20.25 -4.83 17.20
C SER B 189 19.07 -3.89 17.36
N ILE B 190 19.28 -2.61 17.05
CA ILE B 190 18.25 -1.59 17.21
C ILE B 190 17.87 -1.05 15.84
N CYS B 191 16.55 -0.93 15.60
CA CYS B 191 16.02 -0.50 14.31
C CYS B 191 15.43 0.90 14.43
N PRO B 192 16.18 1.94 14.14
CA PRO B 192 15.59 3.28 14.04
C PRO B 192 15.19 3.61 12.61
N SER B 193 14.22 4.50 12.50
CA SER B 193 13.81 5.08 11.23
C SER B 193 14.60 6.37 11.01
N TYR B 194 14.10 7.27 10.16
CA TYR B 194 14.80 8.52 9.92
C TYR B 194 15.09 9.25 11.22
N ILE B 195 16.35 9.58 11.45
CA ILE B 195 16.81 10.17 12.70
C ILE B 195 17.04 11.65 12.50
N PHE B 196 16.31 12.48 13.26
CA PHE B 196 16.47 13.92 13.26
C PHE B 196 16.90 14.37 14.65
N GLY B 197 17.47 15.56 14.72
CA GLY B 197 17.87 16.13 15.99
C GLY B 197 19.07 17.05 15.89
N PRO B 198 19.35 17.78 16.97
CA PRO B 198 20.50 18.69 16.95
C PRO B 198 21.81 17.93 16.73
N MET B 199 22.73 18.59 16.03
CA MET B 199 24.01 17.99 15.67
C MET B 199 25.08 18.37 16.68
N LEU B 200 25.92 17.40 17.03
CA LEU B 200 27.13 17.64 17.80
C LEU B 200 28.37 17.80 16.92
N GLN B 201 28.44 17.07 15.81
CA GLN B 201 29.57 17.16 14.90
C GLN B 201 29.47 18.41 14.04
N PRO B 202 30.59 18.87 13.46
CA PRO B 202 30.54 20.14 12.72
C PRO B 202 29.81 20.04 11.39
N THR B 203 29.90 18.91 10.70
CA THR B 203 29.30 18.75 9.38
C THR B 203 27.93 18.10 9.51
N ILE B 204 27.03 18.48 8.62
CA ILE B 204 25.68 17.95 8.66
C ILE B 204 25.65 16.55 8.07
N ASN B 205 24.81 15.69 8.64
CA ASN B 205 24.64 14.33 8.17
C ASN B 205 23.56 14.28 7.09
N SER B 206 23.18 13.07 6.69
CA SER B 206 22.30 12.89 5.53
C SER B 206 20.85 13.08 5.90
N SER B 207 20.40 12.46 7.00
CA SER B 207 19.01 12.60 7.41
C SER B 207 18.65 14.06 7.62
N ASN B 208 19.45 14.78 8.42
CA ASN B 208 19.23 16.20 8.60
C ASN B 208 19.35 16.98 7.30
N LEU B 209 20.06 16.43 6.31
CA LEU B 209 20.15 17.11 5.02
C LEU B 209 18.80 17.13 4.32
N GLU B 210 18.06 16.01 4.38
CA GLU B 210 16.76 15.96 3.72
C GLU B 210 15.69 16.70 4.52
N LEU B 211 15.86 16.81 5.84
CA LEU B 211 14.99 17.71 6.59
C LEU B 211 15.28 19.16 6.27
N LEU B 212 16.57 19.50 6.09
CA LEU B 212 16.92 20.86 5.72
C LEU B 212 16.45 21.19 4.30
N ARG B 213 16.43 20.21 3.40
CA ARG B 213 15.93 20.44 2.06
C ARG B 213 14.46 20.86 2.05
N LEU B 214 13.69 20.36 3.02
CA LEU B 214 12.31 20.81 3.20
C LEU B 214 12.22 22.25 3.66
N MET B 215 13.29 22.77 4.29
CA MET B 215 13.33 24.18 4.70
C MET B 215 13.73 25.08 3.54
N LYS B 216 14.57 24.58 2.64
CA LYS B 216 15.02 25.36 1.48
C LYS B 216 14.00 25.13 0.37
N GLY B 217 12.95 25.95 0.36
CA GLY B 217 11.92 25.86 -0.66
C GLY B 217 12.49 25.85 -2.06
N ASP B 218 11.81 25.16 -2.96
CA ASP B 218 12.28 25.03 -4.34
C ASP B 218 11.05 25.04 -5.24
N ASP B 219 11.24 24.57 -6.48
CA ASP B 219 10.14 24.48 -7.43
C ASP B 219 9.80 23.06 -7.81
N GLU B 220 10.73 22.12 -7.67
CA GLU B 220 10.49 20.76 -8.12
C GLU B 220 9.39 20.10 -7.30
N SER B 221 8.76 19.10 -7.91
CA SER B 221 7.66 18.37 -7.29
C SER B 221 8.20 17.05 -6.76
N ILE B 222 8.39 16.98 -5.47
CA ILE B 222 8.78 15.75 -4.82
C ILE B 222 7.52 15.05 -4.34
N GLU B 223 7.59 13.72 -4.25
CA GLU B 223 6.43 12.97 -3.80
C GLU B 223 6.32 13.02 -2.29
N ASN B 224 5.11 13.24 -1.82
CA ASN B 224 4.82 13.42 -0.39
C ASN B 224 4.96 12.09 0.33
N LYS B 225 6.21 11.70 0.59
CA LYS B 225 6.44 10.42 1.24
C LYS B 225 6.07 10.48 2.71
N PHE B 226 5.82 9.30 3.28
CA PHE B 226 5.53 9.16 4.70
C PHE B 226 6.84 8.92 5.42
N LEU B 227 7.28 9.90 6.21
CA LEU B 227 8.53 9.80 6.95
C LEU B 227 8.27 9.24 8.34
N LEU B 228 8.98 8.19 8.70
CA LEU B 228 9.02 7.72 10.08
C LEU B 228 10.23 8.36 10.75
N MET B 229 10.03 8.91 11.95
CA MET B 229 11.04 9.76 12.57
C MET B 229 11.28 9.41 14.03
N VAL B 230 12.52 9.62 14.47
CA VAL B 230 12.95 9.41 15.86
C VAL B 230 14.02 10.45 16.19
N ASP B 231 14.05 10.89 17.44
CA ASP B 231 15.07 11.85 17.87
C ASP B 231 16.39 11.12 18.17
N VAL B 232 17.50 11.74 17.75
CA VAL B 232 18.81 11.12 17.91
C VAL B 232 19.15 10.96 19.39
N ARG B 233 18.73 11.91 20.22
CA ARG B 233 18.96 11.78 21.66
C ARG B 233 18.16 10.63 22.25
N ASP B 234 16.97 10.37 21.70
CA ASP B 234 16.17 9.24 22.16
C ASP B 234 16.78 7.93 21.72
N VAL B 235 17.35 7.89 20.51
CA VAL B 235 18.07 6.71 20.07
C VAL B 235 19.24 6.41 21.00
N ALA B 236 19.97 7.45 21.42
CA ALA B 236 21.05 7.26 22.38
C ALA B 236 20.52 6.76 23.71
N GLU B 237 19.40 7.34 24.16
CA GLU B 237 18.78 6.87 25.40
C GLU B 237 18.33 5.43 25.27
N ALA B 238 17.86 5.04 24.08
CA ALA B 238 17.44 3.66 23.87
C ALA B 238 18.63 2.70 23.92
N ILE B 239 19.76 3.12 23.33
CA ILE B 239 20.96 2.28 23.33
C ILE B 239 21.49 2.10 24.74
N LEU B 240 21.50 3.18 25.53
CA LEU B 240 21.86 3.04 26.94
C LEU B 240 20.96 2.04 27.64
N LEU B 241 19.65 2.19 27.47
CA LEU B 241 18.70 1.31 28.14
C LEU B 241 18.86 -0.13 27.68
N LEU B 242 19.04 -0.33 26.37
CA LEU B 242 19.19 -1.69 25.85
C LEU B 242 20.46 -2.35 26.38
N TYR B 243 21.53 -1.58 26.59
CA TYR B 243 22.77 -2.16 27.08
C TYR B 243 22.69 -2.47 28.57
N GLU B 244 22.22 -1.51 29.36
CA GLU B 244 22.18 -1.69 30.81
C GLU B 244 21.14 -2.74 31.22
N LYS B 245 20.00 -2.77 30.54
CA LYS B 245 18.96 -3.76 30.84
C LYS B 245 19.41 -5.15 30.39
N GLN B 246 19.39 -6.11 31.33
CA GLN B 246 19.75 -7.49 31.01
C GLN B 246 18.50 -8.25 30.56
N GLU B 247 18.74 -9.47 30.04
CA GLU B 247 17.68 -10.34 29.52
C GLU B 247 17.01 -9.72 28.29
N THR B 248 17.83 -9.16 27.42
CA THR B 248 17.38 -8.62 26.14
C THR B 248 17.98 -9.46 25.02
N SER B 249 17.26 -9.52 23.91
CA SER B 249 17.71 -10.30 22.77
C SER B 249 16.90 -9.89 21.55
N GLY B 250 17.53 -9.98 20.37
CA GLY B 250 16.83 -9.77 19.13
C GLY B 250 16.80 -8.32 18.66
N ARG B 251 15.78 -7.96 17.89
CA ARG B 251 15.65 -6.62 17.33
C ARG B 251 14.75 -5.76 18.20
N TYR B 252 14.96 -4.45 18.11
CA TYR B 252 14.13 -3.49 18.82
C TYR B 252 13.90 -2.30 17.91
N ILE B 253 12.67 -2.08 17.53
CA ILE B 253 12.30 -0.97 16.67
C ILE B 253 12.21 0.30 17.49
N SER B 254 12.70 1.41 16.93
CA SER B 254 12.62 2.74 17.55
C SER B 254 12.22 3.75 16.49
N SER B 255 10.92 3.91 16.26
CA SER B 255 10.37 4.90 15.33
C SER B 255 9.05 5.42 15.89
N PRO B 256 9.11 6.37 16.83
CA PRO B 256 7.88 6.79 17.52
C PRO B 256 6.92 7.60 16.66
N HIS B 257 7.42 8.42 15.75
CA HIS B 257 6.59 9.37 15.03
C HIS B 257 6.55 9.03 13.54
N GLY B 258 5.55 9.57 12.85
CA GLY B 258 5.38 9.31 11.43
C GLY B 258 4.35 10.22 10.79
N MET B 259 4.71 10.90 9.70
CA MET B 259 3.82 11.86 9.08
C MET B 259 4.09 11.94 7.58
N ARG B 260 3.16 12.54 6.87
CA ARG B 260 3.39 12.92 5.47
C ARG B 260 4.29 14.15 5.42
N GLN B 261 5.10 14.23 4.36
CA GLN B 261 6.05 15.32 4.26
C GLN B 261 5.35 16.68 4.26
N SER B 262 4.18 16.77 3.64
CA SER B 262 3.43 18.02 3.66
C SER B 262 2.97 18.37 5.07
N ASN B 263 2.46 17.39 5.81
CA ASN B 263 2.08 17.63 7.20
C ASN B 263 3.29 18.04 8.03
N LEU B 264 4.44 17.44 7.76
CA LEU B 264 5.67 17.80 8.48
C LEU B 264 6.04 19.25 8.22
N VAL B 265 5.95 19.68 6.96
CA VAL B 265 6.20 21.08 6.62
C VAL B 265 5.21 21.99 7.36
N GLU B 266 3.97 21.52 7.50
CA GLU B 266 2.93 22.32 8.15
C GLU B 266 3.22 22.52 9.63
N LYS B 267 3.55 21.43 10.33
CA LYS B 267 3.94 21.60 11.74
C LYS B 267 5.23 22.37 11.87
N LEU B 268 6.14 22.22 10.91
CA LEU B 268 7.37 22.99 10.93
C LEU B 268 7.08 24.48 10.92
N GLU B 269 6.31 24.94 9.93
CA GLU B 269 6.05 26.36 9.79
C GLU B 269 5.16 26.91 10.90
N SER B 270 4.44 26.04 11.61
CA SER B 270 3.67 26.49 12.75
C SER B 270 4.53 26.59 14.00
N LEU B 271 5.53 25.71 14.12
CA LEU B 271 6.49 25.76 15.21
C LEU B 271 7.66 26.69 14.92
N GLN B 272 8.09 26.77 13.67
CA GLN B 272 9.25 27.60 13.29
C GLN B 272 8.93 28.36 12.01
N PRO B 273 8.19 29.46 12.13
CA PRO B 273 7.97 30.32 10.97
C PRO B 273 9.23 31.12 10.64
N GLY B 274 9.18 31.77 9.49
CA GLY B 274 10.34 32.48 8.98
C GLY B 274 11.27 31.66 8.12
N TYR B 275 10.75 30.79 7.26
CA TYR B 275 11.53 30.10 6.24
C TYR B 275 10.62 29.83 5.06
N ASN B 276 11.19 29.93 3.85
CA ASN B 276 10.47 29.63 2.62
C ASN B 276 10.42 28.10 2.47
N TYR B 277 9.47 27.49 3.17
CA TYR B 277 9.34 26.04 3.18
C TYR B 277 8.90 25.53 1.81
N HIS B 278 9.29 24.30 1.50
CA HIS B 278 8.83 23.65 0.27
C HIS B 278 7.37 23.23 0.44
N LYS B 279 6.57 23.46 -0.60
CA LYS B 279 5.13 23.20 -0.51
C LYS B 279 4.58 22.62 -1.79
N ASN B 280 5.39 21.90 -2.55
CA ASN B 280 4.96 21.32 -3.82
C ASN B 280 5.12 19.80 -3.73
N PHE B 281 4.01 19.12 -3.44
CA PHE B 281 4.01 17.67 -3.33
C PHE B 281 2.88 17.07 -4.15
N VAL B 282 2.60 15.79 -3.90
CA VAL B 282 1.47 15.10 -4.49
C VAL B 282 1.25 13.80 -3.71
N ASP B 283 -0.01 13.51 -3.37
CA ASP B 283 -0.38 12.35 -2.56
C ASP B 283 0.23 12.42 -1.16
N PRO B 286 0.50 5.03 4.14
CA PRO B 286 -0.36 3.86 3.94
C PRO B 286 -0.56 3.01 5.21
N SER B 287 -0.21 1.73 5.11
CA SER B 287 -0.49 0.72 6.13
C SER B 287 0.69 0.38 7.03
N TRP B 288 1.89 0.21 6.47
CA TRP B 288 3.09 -0.12 7.24
C TRP B 288 3.56 1.03 8.13
N THR B 289 2.99 2.22 7.96
CA THR B 289 3.48 3.43 8.60
C THR B 289 3.07 3.51 10.07
N MET B 290 2.93 2.36 10.72
CA MET B 290 2.52 2.31 12.11
C MET B 290 3.14 1.09 12.77
N ILE B 291 4.45 0.90 12.55
CA ILE B 291 5.16 -0.17 13.24
C ILE B 291 5.28 0.16 14.73
N SER B 292 5.20 -0.87 15.56
CA SER B 292 5.09 -0.69 16.99
C SER B 292 6.48 -0.76 17.62
N SER B 293 6.90 0.34 18.24
CA SER B 293 8.10 0.37 19.05
C SER B 293 7.84 -0.14 20.47
N GLU B 294 6.80 -0.96 20.66
CA GLU B 294 6.40 -1.34 22.01
C GLU B 294 7.45 -2.19 22.70
N LYS B 295 8.14 -3.06 21.94
CA LYS B 295 9.17 -3.89 22.54
C LYS B 295 10.21 -3.05 23.27
N LEU B 296 10.48 -1.84 22.77
CA LEU B 296 11.35 -0.91 23.48
C LEU B 296 10.63 -0.24 24.63
N LYS B 297 9.42 0.29 24.37
CA LYS B 297 8.69 1.03 25.41
C LYS B 297 8.44 0.17 26.64
N LYS B 298 8.34 -1.15 26.47
CA LYS B 298 8.14 -2.04 27.61
C LYS B 298 9.36 -2.12 28.51
N LEU B 299 10.50 -1.61 28.08
CA LEU B 299 11.69 -1.53 28.91
C LEU B 299 11.83 -0.20 29.63
N GLY B 300 10.90 0.74 29.40
CA GLY B 300 10.95 2.04 30.01
C GLY B 300 11.24 3.16 29.04
N TRP B 301 11.56 2.84 27.79
CA TRP B 301 11.92 3.86 26.82
C TRP B 301 10.76 4.83 26.59
N LYS B 302 11.04 6.11 26.79
CA LYS B 302 10.05 7.18 26.63
C LYS B 302 10.61 8.22 25.68
N PRO B 303 10.21 8.20 24.41
CA PRO B 303 10.65 9.25 23.49
C PRO B 303 9.98 10.58 23.80
N ARG B 304 10.63 11.64 23.37
CA ARG B 304 10.14 12.99 23.57
C ARG B 304 9.26 13.42 22.40
N PRO B 305 8.40 14.42 22.59
CA PRO B 305 7.51 14.83 21.50
C PRO B 305 8.25 15.41 20.32
N LEU B 306 7.67 15.18 19.14
CA LEU B 306 8.31 15.57 17.89
C LEU B 306 8.58 17.08 17.83
N GLU B 307 7.78 17.88 18.53
CA GLU B 307 7.94 19.33 18.47
C GLU B 307 9.30 19.78 18.98
N ASP B 308 9.74 19.19 20.11
CA ASP B 308 11.06 19.51 20.64
C ASP B 308 12.16 19.11 19.66
N THR B 309 12.07 17.90 19.12
CA THR B 309 13.05 17.44 18.14
C THR B 309 13.15 18.44 16.98
N ILE B 310 11.99 18.86 16.47
CA ILE B 310 11.96 19.75 15.31
C ILE B 310 12.56 21.10 15.65
N SER B 311 12.12 21.69 16.77
CA SER B 311 12.55 23.05 17.11
C SER B 311 14.03 23.10 17.45
N GLU B 312 14.54 22.10 18.17
CA GLU B 312 15.95 22.11 18.53
C GLU B 312 16.83 21.79 17.34
N THR B 313 16.32 21.04 16.36
CA THR B 313 17.10 20.77 15.16
C THR B 313 17.28 22.03 14.32
N VAL B 314 16.19 22.80 14.14
CA VAL B 314 16.31 24.01 13.34
C VAL B 314 17.16 25.06 14.04
N LEU B 315 17.15 25.06 15.38
CA LEU B 315 18.00 25.97 16.12
C LEU B 315 19.47 25.66 15.88
N CYS B 316 19.85 24.38 15.98
CA CYS B 316 21.20 23.99 15.64
C CYS B 316 21.51 24.25 14.17
N PHE B 317 20.50 24.13 13.30
CA PHE B 317 20.68 24.51 11.89
C PHE B 317 21.11 25.97 11.78
N GLU B 318 20.43 26.85 12.52
CA GLU B 318 20.73 28.27 12.50
C GLU B 318 22.10 28.55 13.09
N GLU B 319 22.46 27.79 14.13
CA GLU B 319 23.78 27.92 14.70
C GLU B 319 24.86 27.55 13.69
N HIS B 320 24.61 26.54 12.87
CA HIS B 320 25.60 26.15 11.87
C HIS B 320 25.57 27.04 10.62
N GLY B 321 24.76 28.09 10.62
CA GLY B 321 24.72 29.00 9.49
C GLY B 321 24.26 28.35 8.21
N LEU B 322 23.38 27.35 8.30
CA LEU B 322 22.90 26.65 7.12
C LEU B 322 21.66 27.28 6.52
N LEU B 323 21.21 28.41 7.05
CA LEU B 323 19.95 29.03 6.62
C LEU B 323 20.21 30.49 6.25
N GLU B 324 20.54 30.72 4.99
CA GLU B 324 20.80 32.07 4.49
C GLU B 324 20.13 32.29 3.13
N SER C 7 -36.05 -9.45 -34.20
CA SER C 7 -34.94 -10.33 -33.82
C SER C 7 -34.96 -10.58 -32.31
N ARG C 8 -34.49 -11.75 -31.91
CA ARG C 8 -34.59 -12.17 -30.52
C ARG C 8 -33.21 -12.23 -29.86
N ILE C 9 -33.16 -11.80 -28.61
CA ILE C 9 -31.94 -11.82 -27.81
C ILE C 9 -32.28 -12.43 -26.45
N CYS C 10 -31.37 -13.24 -25.92
CA CYS C 10 -31.55 -13.83 -24.60
C CYS C 10 -30.80 -13.03 -23.54
N VAL C 11 -31.28 -13.09 -22.31
CA VAL C 11 -30.70 -12.35 -21.18
C VAL C 11 -30.76 -13.23 -19.94
N THR C 12 -29.59 -13.57 -19.39
CA THR C 12 -29.52 -14.48 -18.25
C THR C 12 -29.78 -13.73 -16.93
N GLY C 13 -30.60 -14.34 -16.07
CA GLY C 13 -30.91 -13.74 -14.78
C GLY C 13 -31.59 -12.39 -14.88
N ALA C 14 -32.61 -12.29 -15.74
CA ALA C 14 -33.24 -11.02 -16.06
C ALA C 14 -33.75 -10.28 -14.84
N GLY C 15 -33.98 -10.98 -13.74
CA GLY C 15 -34.43 -10.36 -12.51
C GLY C 15 -33.36 -9.68 -11.69
N GLY C 16 -32.11 -9.70 -12.15
CA GLY C 16 -31.02 -9.09 -11.43
C GLY C 16 -31.07 -7.57 -11.50
N PHE C 17 -30.16 -6.96 -10.73
CA PHE C 17 -30.07 -5.50 -10.70
C PHE C 17 -29.76 -4.94 -12.09
N VAL C 18 -28.65 -5.39 -12.70
CA VAL C 18 -28.28 -4.91 -14.02
C VAL C 18 -29.22 -5.46 -15.08
N ALA C 19 -29.54 -6.76 -14.99
CA ALA C 19 -30.32 -7.40 -16.04
C ALA C 19 -31.68 -6.74 -16.22
N SER C 20 -32.29 -6.29 -15.12
CA SER C 20 -33.57 -5.61 -15.21
C SER C 20 -33.49 -4.39 -16.09
N TRP C 21 -32.44 -3.57 -15.92
CA TRP C 21 -32.27 -2.40 -16.76
C TRP C 21 -31.93 -2.81 -18.20
N VAL C 22 -31.18 -3.90 -18.36
CA VAL C 22 -30.84 -4.38 -19.69
C VAL C 22 -32.09 -4.67 -20.51
N VAL C 23 -33.03 -5.40 -19.91
CA VAL C 23 -34.22 -5.88 -20.63
C VAL C 23 -35.21 -4.74 -20.86
N LYS C 24 -35.38 -3.85 -19.86
CA LYS C 24 -36.25 -2.70 -20.07
C LYS C 24 -35.78 -1.89 -21.27
N LEU C 25 -34.47 -1.67 -21.36
CA LEU C 25 -33.91 -0.95 -22.50
C LEU C 25 -34.16 -1.72 -23.79
N PHE C 26 -33.85 -3.01 -23.81
CA PHE C 26 -34.00 -3.76 -25.04
C PHE C 26 -35.46 -3.85 -25.48
N LEU C 27 -36.39 -3.88 -24.53
CA LEU C 27 -37.79 -3.77 -24.88
C LEU C 27 -38.11 -2.39 -25.42
N SER C 28 -37.54 -1.36 -24.80
CA SER C 28 -37.71 -0.01 -25.34
C SER C 28 -37.29 0.10 -26.80
N LYS C 29 -36.49 -0.83 -27.31
CA LYS C 29 -35.95 -0.74 -28.66
C LYS C 29 -36.59 -1.72 -29.63
N GLY C 30 -37.73 -2.32 -29.27
CA GLY C 30 -38.44 -3.22 -30.15
C GLY C 30 -37.91 -4.64 -30.19
N TYR C 31 -36.93 -4.99 -29.37
CA TYR C 31 -36.40 -6.34 -29.37
C TYR C 31 -37.39 -7.31 -28.73
N LEU C 32 -37.26 -8.58 -29.11
CA LEU C 32 -37.92 -9.68 -28.43
C LEU C 32 -36.89 -10.37 -27.56
N VAL C 33 -37.08 -10.33 -26.25
CA VAL C 33 -36.06 -10.76 -25.30
C VAL C 33 -36.54 -12.02 -24.57
N HIS C 34 -35.68 -13.03 -24.51
CA HIS C 34 -35.92 -14.26 -23.77
C HIS C 34 -35.19 -14.15 -22.43
N GLY C 35 -35.92 -13.92 -21.36
CA GLY C 35 -35.33 -13.70 -20.03
C GLY C 35 -35.27 -14.95 -19.22
N THR C 36 -34.11 -15.20 -18.59
CA THR C 36 -33.89 -16.33 -17.70
C THR C 36 -34.08 -15.91 -16.24
N VAL C 37 -34.80 -16.74 -15.49
CA VAL C 37 -34.90 -16.59 -14.04
C VAL C 37 -34.97 -17.97 -13.42
N ARG C 38 -34.67 -18.05 -12.12
CA ARG C 38 -34.73 -19.30 -11.38
C ARG C 38 -36.06 -19.51 -10.67
N ASP C 39 -36.96 -18.52 -10.70
CA ASP C 39 -38.27 -18.65 -10.08
C ASP C 39 -39.26 -17.78 -10.85
N LEU C 40 -40.35 -18.38 -11.30
CA LEU C 40 -41.34 -17.68 -12.10
C LEU C 40 -42.47 -17.07 -11.26
N GLY C 41 -42.33 -17.08 -9.94
CA GLY C 41 -43.38 -16.49 -9.10
C GLY C 41 -43.60 -15.04 -9.45
N GLU C 42 -44.87 -14.61 -9.36
CA GLU C 42 -45.23 -13.25 -9.77
C GLU C 42 -44.56 -12.20 -8.89
N GLU C 43 -44.18 -12.58 -7.66
CA GLU C 43 -43.56 -11.63 -6.75
C GLU C 43 -42.20 -11.18 -7.25
N LYS C 44 -41.38 -12.12 -7.72
CA LYS C 44 -40.04 -11.79 -8.18
C LYS C 44 -40.00 -11.29 -9.62
N THR C 45 -41.01 -11.61 -10.43
CA THR C 45 -41.05 -11.17 -11.81
C THR C 45 -41.93 -9.94 -12.01
N ALA C 46 -42.58 -9.44 -10.97
CA ALA C 46 -43.52 -8.32 -11.12
C ALA C 46 -42.84 -7.13 -11.79
N HIS C 47 -41.69 -6.70 -11.25
CA HIS C 47 -40.99 -5.54 -11.79
C HIS C 47 -40.59 -5.71 -13.24
N LEU C 48 -40.55 -6.94 -13.75
CA LEU C 48 -40.29 -7.20 -15.16
C LEU C 48 -41.56 -7.19 -16.00
N ARG C 49 -42.64 -7.76 -15.47
CA ARG C 49 -43.90 -7.77 -16.21
C ARG C 49 -44.38 -6.35 -16.53
N LYS C 50 -44.08 -5.39 -15.64
CA LYS C 50 -44.62 -4.05 -15.79
C LYS C 50 -43.94 -3.23 -16.88
N LEU C 51 -42.71 -3.56 -17.23
CA LEU C 51 -41.99 -2.80 -18.26
C LEU C 51 -42.74 -2.83 -19.58
N GLU C 52 -42.90 -1.67 -20.19
CA GLU C 52 -43.76 -1.58 -21.37
C GLU C 52 -43.07 -2.24 -22.57
N GLY C 53 -43.81 -3.14 -23.23
CA GLY C 53 -43.28 -4.07 -24.16
C GLY C 53 -43.21 -5.49 -23.63
N ALA C 54 -43.26 -5.67 -22.31
CA ALA C 54 -43.18 -7.00 -21.72
C ALA C 54 -44.45 -7.81 -21.95
N TYR C 55 -45.60 -7.14 -22.03
CA TYR C 55 -46.86 -7.84 -22.26
C TYR C 55 -46.83 -8.63 -23.56
N HIS C 56 -46.20 -8.09 -24.59
CA HIS C 56 -46.17 -8.72 -25.91
C HIS C 56 -44.82 -9.26 -26.32
N ASN C 57 -43.71 -8.69 -25.80
CA ASN C 57 -42.37 -8.99 -26.31
C ASN C 57 -41.40 -9.47 -25.24
N LEU C 58 -41.88 -9.88 -24.06
CA LEU C 58 -41.02 -10.49 -23.05
C LEU C 58 -41.46 -11.93 -22.84
N GLN C 59 -40.49 -12.84 -22.88
CA GLN C 59 -40.72 -14.28 -22.87
C GLN C 59 -39.78 -14.89 -21.83
N LEU C 60 -40.31 -15.19 -20.65
CA LEU C 60 -39.50 -15.63 -19.51
C LEU C 60 -39.48 -17.15 -19.41
N PHE C 61 -38.27 -17.69 -19.27
CA PHE C 61 -38.03 -19.12 -19.09
C PHE C 61 -37.45 -19.36 -17.70
N LYS C 62 -37.56 -20.60 -17.24
CA LYS C 62 -37.02 -20.99 -15.94
C LYS C 62 -35.74 -21.79 -16.21
N ALA C 63 -34.59 -21.15 -16.01
CA ALA C 63 -33.30 -21.77 -16.30
C ALA C 63 -32.31 -21.54 -15.18
N ASP C 64 -31.33 -22.45 -15.08
CA ASP C 64 -30.25 -22.38 -14.12
C ASP C 64 -28.94 -22.58 -14.86
N LEU C 65 -27.92 -21.79 -14.50
CA LEU C 65 -26.67 -21.78 -15.24
C LEU C 65 -25.97 -23.13 -15.19
N LEU C 66 -26.18 -23.91 -14.14
CA LEU C 66 -25.60 -25.24 -14.06
C LEU C 66 -26.52 -26.33 -14.57
N ASP C 67 -27.64 -25.96 -15.20
CA ASP C 67 -28.49 -26.90 -15.93
C ASP C 67 -28.42 -26.53 -17.40
N TYR C 68 -27.63 -27.27 -18.17
CA TYR C 68 -27.34 -26.88 -19.56
C TYR C 68 -28.62 -26.83 -20.39
N GLU C 69 -29.53 -27.78 -20.21
CA GLU C 69 -30.69 -27.85 -21.10
C GLU C 69 -31.67 -26.72 -20.82
N SER C 70 -31.78 -26.28 -19.58
CA SER C 70 -32.58 -25.09 -19.28
C SER C 70 -32.10 -23.90 -20.10
N LEU C 71 -30.78 -23.69 -20.13
CA LEU C 71 -30.20 -22.62 -20.93
C LEU C 71 -30.43 -22.86 -22.42
N LEU C 72 -30.19 -24.08 -22.89
CA LEU C 72 -30.48 -24.44 -24.27
C LEU C 72 -31.89 -24.01 -24.66
N GLY C 73 -32.86 -24.33 -23.81
CA GLY C 73 -34.24 -24.01 -24.12
C GLY C 73 -34.50 -22.52 -24.19
N ALA C 74 -33.98 -21.76 -23.24
CA ALA C 74 -34.20 -20.32 -23.25
C ALA C 74 -33.47 -19.61 -24.38
N ILE C 75 -32.39 -20.20 -24.89
CA ILE C 75 -31.49 -19.52 -25.82
C ILE C 75 -31.81 -19.84 -27.27
N THR C 76 -32.24 -21.06 -27.56
CA THR C 76 -32.45 -21.47 -28.94
C THR C 76 -33.48 -20.57 -29.62
N GLY C 77 -33.10 -20.01 -30.77
CA GLY C 77 -33.94 -19.11 -31.53
C GLY C 77 -33.60 -17.64 -31.41
N CYS C 78 -32.61 -17.28 -30.60
CA CYS C 78 -32.26 -15.88 -30.41
C CYS C 78 -30.99 -15.52 -31.17
N ASP C 79 -31.01 -14.35 -31.80
CA ASP C 79 -29.84 -13.88 -32.56
C ASP C 79 -28.66 -13.55 -31.65
N GLY C 80 -28.94 -13.07 -30.43
CA GLY C 80 -27.89 -12.66 -29.53
C GLY C 80 -28.16 -13.09 -28.10
N VAL C 81 -27.09 -13.09 -27.31
CA VAL C 81 -27.12 -13.42 -25.89
C VAL C 81 -26.44 -12.32 -25.10
N LEU C 82 -26.92 -12.08 -23.90
CA LEU C 82 -26.34 -11.11 -22.96
C LEU C 82 -26.19 -11.82 -21.63
N HIS C 83 -25.07 -12.50 -21.45
CA HIS C 83 -24.79 -13.24 -20.23
C HIS C 83 -24.42 -12.27 -19.12
N VAL C 84 -25.37 -12.00 -18.23
CA VAL C 84 -25.19 -11.09 -17.10
C VAL C 84 -25.44 -11.78 -15.76
N ALA C 85 -25.83 -13.06 -15.77
CA ALA C 85 -26.13 -13.77 -14.53
C ALA C 85 -24.84 -14.28 -13.90
N THR C 86 -24.46 -13.69 -12.77
CA THR C 86 -23.37 -14.15 -11.92
C THR C 86 -23.63 -13.63 -10.52
N PRO C 87 -23.67 -14.49 -9.50
CA PRO C 87 -23.93 -14.00 -8.14
C PRO C 87 -22.83 -13.05 -7.68
N VAL C 88 -23.24 -11.99 -6.99
CA VAL C 88 -22.29 -11.06 -6.38
C VAL C 88 -22.62 -10.95 -4.90
N PRO C 89 -21.72 -11.38 -4.01
CA PRO C 89 -22.09 -11.51 -2.60
C PRO C 89 -22.31 -10.16 -1.94
N SER C 90 -23.28 -10.11 -1.02
CA SER C 90 -23.37 -8.98 -0.12
C SER C 90 -22.39 -9.16 1.03
N SER C 91 -21.99 -8.03 1.63
CA SER C 91 -20.91 -8.08 2.60
C SER C 91 -21.38 -8.62 3.94
N LYS C 92 -22.57 -8.24 4.39
CA LYS C 92 -23.13 -8.72 5.65
C LYS C 92 -23.78 -10.10 5.53
N THR C 93 -23.18 -10.97 4.73
CA THR C 93 -23.42 -12.41 4.77
C THR C 93 -22.11 -13.10 4.43
N ALA C 94 -22.16 -14.42 4.26
CA ALA C 94 -21.01 -15.18 3.80
C ALA C 94 -21.41 -16.00 2.58
N TYR C 95 -20.42 -16.20 1.70
CA TYR C 95 -20.61 -16.98 0.49
C TYR C 95 -19.53 -18.04 0.42
N SER C 96 -19.82 -19.11 -0.33
CA SER C 96 -18.85 -20.16 -0.60
C SER C 96 -18.13 -19.82 -1.91
N GLY C 97 -16.88 -19.36 -1.80
CA GLY C 97 -16.13 -19.02 -2.98
C GLY C 97 -16.02 -20.17 -3.96
N THR C 98 -15.80 -21.38 -3.45
CA THR C 98 -15.76 -22.58 -4.28
C THR C 98 -16.96 -22.67 -5.21
N GLU C 99 -18.17 -22.55 -4.65
CA GLU C 99 -19.38 -22.70 -5.45
C GLU C 99 -19.67 -21.46 -6.28
N LEU C 100 -19.27 -20.27 -5.79
CA LEU C 100 -19.45 -19.07 -6.60
C LEU C 100 -18.65 -19.15 -7.90
N VAL C 101 -17.34 -19.38 -7.78
CA VAL C 101 -16.49 -19.41 -8.97
C VAL C 101 -16.86 -20.58 -9.87
N LYS C 102 -17.31 -21.68 -9.28
CA LYS C 102 -17.81 -22.80 -10.05
C LYS C 102 -19.10 -22.44 -10.79
N THR C 103 -19.99 -21.70 -10.12
CA THR C 103 -21.18 -21.18 -10.80
C THR C 103 -20.80 -20.32 -12.00
N ALA C 104 -19.88 -19.37 -11.80
CA ALA C 104 -19.57 -18.38 -12.83
C ALA C 104 -18.92 -19.02 -14.05
N VAL C 105 -17.91 -19.87 -13.83
CA VAL C 105 -17.16 -20.42 -14.96
C VAL C 105 -17.98 -21.49 -15.67
N ASN C 106 -18.59 -22.40 -14.92
CA ASN C 106 -19.35 -23.48 -15.54
C ASN C 106 -20.64 -22.95 -16.15
N GLY C 107 -21.28 -21.99 -15.50
CA GLY C 107 -22.43 -21.35 -16.09
C GLY C 107 -22.07 -20.62 -17.38
N THR C 108 -20.92 -19.95 -17.39
CA THR C 108 -20.47 -19.28 -18.60
C THR C 108 -20.18 -20.29 -19.70
N LEU C 109 -19.47 -21.36 -19.37
CA LEU C 109 -19.21 -22.41 -20.34
C LEU C 109 -20.51 -22.98 -20.90
N ASN C 110 -21.45 -23.34 -20.03
CA ASN C 110 -22.72 -23.90 -20.46
C ASN C 110 -23.45 -22.95 -21.41
N VAL C 111 -23.47 -21.65 -21.07
CA VAL C 111 -24.12 -20.68 -21.96
C VAL C 111 -23.45 -20.68 -23.34
N LEU C 112 -22.11 -20.73 -23.36
CA LEU C 112 -21.40 -20.68 -24.64
C LEU C 112 -21.65 -21.93 -25.48
N ARG C 113 -21.64 -23.11 -24.84
CA ARG C 113 -21.96 -24.34 -25.56
C ARG C 113 -23.37 -24.30 -26.13
N ALA C 114 -24.33 -23.84 -25.32
CA ALA C 114 -25.70 -23.70 -25.81
C ALA C 114 -25.77 -22.71 -26.98
N CYS C 115 -24.93 -21.67 -26.98
CA CYS C 115 -24.98 -20.66 -28.03
C CYS C 115 -24.45 -21.19 -29.36
N THR C 116 -23.35 -21.93 -29.34
CA THR C 116 -22.83 -22.54 -30.57
C THR C 116 -23.72 -23.69 -31.04
N GLU C 117 -24.46 -24.32 -30.10
CA GLU C 117 -25.44 -25.31 -30.51
C GLU C 117 -26.65 -24.66 -31.16
N ALA C 118 -27.14 -23.57 -30.58
CA ALA C 118 -28.23 -22.84 -31.20
C ALA C 118 -27.78 -21.92 -32.33
N LYS C 119 -26.48 -21.90 -32.63
CA LYS C 119 -25.94 -21.05 -33.72
C LYS C 119 -26.22 -19.57 -33.47
N VAL C 120 -26.09 -19.14 -32.22
CA VAL C 120 -26.15 -17.72 -31.92
C VAL C 120 -24.96 -17.02 -32.55
N LYS C 121 -25.15 -15.76 -32.92
CA LYS C 121 -24.15 -15.02 -33.67
C LYS C 121 -23.34 -14.05 -32.82
N LYS C 122 -23.91 -13.45 -31.79
CA LYS C 122 -23.18 -12.54 -30.91
C LYS C 122 -23.55 -12.80 -29.46
N VAL C 123 -22.54 -12.81 -28.58
CA VAL C 123 -22.71 -12.94 -27.14
C VAL C 123 -22.04 -11.74 -26.48
N ILE C 124 -22.61 -11.27 -25.36
CA ILE C 124 -22.04 -10.17 -24.59
C ILE C 124 -21.99 -10.60 -23.13
N TYR C 125 -20.79 -10.89 -22.63
CA TYR C 125 -20.61 -11.32 -21.25
C TYR C 125 -20.33 -10.10 -20.37
N VAL C 126 -21.02 -10.03 -19.24
CA VAL C 126 -20.83 -8.94 -18.29
C VAL C 126 -19.81 -9.41 -17.25
N SER C 127 -18.60 -8.87 -17.33
CA SER C 127 -17.55 -9.19 -16.36
C SER C 127 -17.41 -8.07 -15.34
N SER C 128 -16.19 -7.73 -14.96
CA SER C 128 -15.94 -6.76 -13.90
C SER C 128 -14.51 -6.26 -13.99
N THR C 129 -14.27 -5.09 -13.40
CA THR C 129 -12.90 -4.60 -13.19
C THR C 129 -12.13 -5.50 -12.24
N ALA C 130 -12.83 -6.29 -11.40
CA ALA C 130 -12.19 -7.28 -10.56
C ALA C 130 -11.35 -8.26 -11.36
N ALA C 131 -11.60 -8.38 -12.67
CA ALA C 131 -10.83 -9.25 -13.54
C ALA C 131 -9.73 -8.50 -14.29
N VAL C 132 -9.40 -7.29 -13.85
CA VAL C 132 -8.47 -6.45 -14.60
C VAL C 132 -7.42 -5.84 -13.69
N LEU C 133 -7.86 -5.39 -12.51
CA LEU C 133 -7.04 -4.54 -11.65
C LEU C 133 -6.26 -5.30 -10.58
N VAL C 134 -6.85 -6.35 -10.00
CA VAL C 134 -6.22 -7.03 -8.87
C VAL C 134 -4.98 -7.77 -9.35
N ASN C 135 -3.89 -7.02 -9.57
CA ASN C 135 -2.62 -7.60 -10.00
C ASN C 135 -1.47 -6.94 -9.24
N PRO C 136 -0.79 -7.69 -8.37
CA PRO C 136 0.39 -7.12 -7.69
C PRO C 136 1.58 -6.96 -8.60
N ASN C 137 1.63 -7.71 -9.70
CA ASN C 137 2.76 -7.64 -10.62
C ASN C 137 2.71 -6.41 -11.50
N LEU C 138 1.53 -5.90 -11.82
CA LEU C 138 1.44 -4.76 -12.71
C LEU C 138 1.96 -3.51 -12.01
N PRO C 139 2.93 -2.77 -12.61
CA PRO C 139 3.53 -1.64 -11.91
C PRO C 139 2.57 -0.48 -11.68
N LYS C 140 3.02 0.53 -10.94
CA LYS C 140 2.21 1.71 -10.67
C LYS C 140 2.32 2.75 -11.79
N ASP C 141 3.44 2.73 -12.51
CA ASP C 141 3.66 3.58 -13.66
C ASP C 141 2.75 3.23 -14.84
N LYS C 142 2.06 2.10 -14.79
CA LYS C 142 1.32 1.56 -15.92
C LYS C 142 -0.17 1.84 -15.73
N ILE C 143 -0.77 2.54 -16.70
CA ILE C 143 -2.21 2.78 -16.72
C ILE C 143 -2.90 1.54 -17.26
N PRO C 144 -3.61 0.79 -16.43
CA PRO C 144 -4.19 -0.48 -16.90
C PRO C 144 -5.33 -0.26 -17.88
N ASP C 145 -5.42 -1.16 -18.85
CA ASP C 145 -6.45 -1.11 -19.87
C ASP C 145 -6.97 -2.53 -20.07
N GLU C 146 -7.52 -2.81 -21.26
CA GLU C 146 -8.17 -4.08 -21.53
C GLU C 146 -7.20 -5.25 -21.67
N ASP C 147 -5.89 -5.04 -21.60
CA ASP C 147 -4.93 -6.12 -21.79
C ASP C 147 -4.20 -6.50 -20.51
N CYS C 148 -4.60 -5.94 -19.37
CA CYS C 148 -4.05 -6.33 -18.09
C CYS C 148 -5.06 -7.20 -17.38
N TRP C 149 -4.65 -8.42 -17.03
CA TRP C 149 -5.51 -9.36 -16.37
C TRP C 149 -5.16 -9.44 -14.88
N THR C 150 -6.09 -10.01 -14.12
CA THR C 150 -5.90 -10.17 -12.70
C THR C 150 -5.08 -11.41 -12.40
N ASP C 151 -4.19 -11.31 -11.39
CA ASP C 151 -3.45 -12.48 -10.91
C ASP C 151 -4.35 -13.28 -9.99
N GLU C 152 -4.83 -14.42 -10.49
CA GLU C 152 -5.76 -15.24 -9.72
C GLU C 152 -5.06 -15.94 -8.56
N GLU C 153 -3.79 -16.31 -8.74
CA GLU C 153 -3.04 -16.86 -7.62
C GLU C 153 -3.00 -15.89 -6.45
N TYR C 154 -2.72 -14.61 -6.74
CA TYR C 154 -2.68 -13.59 -5.69
C TYR C 154 -4.01 -13.49 -4.95
N CYS C 155 -5.12 -13.49 -5.69
CA CYS C 155 -6.42 -13.42 -5.04
C CYS C 155 -6.66 -14.63 -4.16
N ARG C 156 -6.14 -15.79 -4.55
CA ARG C 156 -6.25 -17.01 -3.76
C ARG C 156 -5.20 -17.10 -2.66
N THR C 157 -4.17 -16.24 -2.70
CA THR C 157 -3.18 -16.19 -1.63
C THR C 157 -3.58 -15.18 -0.55
N THR C 158 -4.02 -14.00 -0.97
CA THR C 158 -4.39 -12.85 -0.15
C THR C 158 -5.83 -12.95 0.29
N PRO C 159 -6.14 -12.80 1.59
CA PRO C 159 -7.55 -12.85 2.01
C PRO C 159 -8.19 -11.47 2.07
N PHE C 160 -9.30 -11.32 1.34
CA PHE C 160 -10.14 -10.13 1.43
C PHE C 160 -11.50 -10.49 0.89
N PHE C 161 -12.55 -9.97 1.52
CA PHE C 161 -13.89 -10.22 1.02
C PHE C 161 -13.99 -9.78 -0.44
N LEU C 162 -14.51 -10.68 -1.28
CA LEU C 162 -14.59 -10.58 -2.74
C LEU C 162 -13.33 -11.06 -3.44
N ASN C 163 -12.45 -11.79 -2.75
CA ASN C 163 -11.29 -12.39 -3.43
C ASN C 163 -11.72 -13.54 -4.32
N TRP C 164 -12.54 -14.45 -3.79
CA TRP C 164 -13.08 -15.52 -4.62
C TRP C 164 -13.94 -14.97 -5.74
N TYR C 165 -14.70 -13.91 -5.47
CA TYR C 165 -15.46 -13.25 -6.53
C TYR C 165 -14.53 -12.80 -7.66
N CYS C 166 -13.38 -12.21 -7.31
CA CYS C 166 -12.42 -11.78 -8.33
C CYS C 166 -11.89 -12.95 -9.14
N ILE C 167 -11.60 -14.06 -8.47
CA ILE C 167 -11.15 -15.27 -9.16
C ILE C 167 -12.23 -15.75 -10.12
N ALA C 168 -13.50 -15.68 -9.70
CA ALA C 168 -14.61 -16.10 -10.54
C ALA C 168 -14.67 -15.27 -11.82
N LYS C 169 -14.74 -13.94 -11.67
CA LYS C 169 -14.90 -13.07 -12.84
C LYS C 169 -13.74 -13.19 -13.80
N THR C 170 -12.52 -13.27 -13.28
CA THR C 170 -11.34 -13.39 -14.15
C THR C 170 -11.35 -14.71 -14.89
N ALA C 171 -11.52 -15.81 -14.16
CA ALA C 171 -11.53 -17.12 -14.80
C ALA C 171 -12.67 -17.22 -15.81
N ALA C 172 -13.87 -16.74 -15.44
CA ALA C 172 -14.99 -16.80 -16.36
C ALA C 172 -14.75 -15.97 -17.60
N GLU C 173 -14.18 -14.77 -17.43
CA GLU C 173 -13.92 -13.92 -18.59
C GLU C 173 -12.77 -14.48 -19.43
N LYS C 174 -11.79 -15.10 -18.78
CA LYS C 174 -10.73 -15.80 -19.51
C LYS C 174 -11.33 -16.89 -20.39
N ASN C 175 -12.17 -17.76 -19.79
CA ASN C 175 -12.75 -18.89 -20.51
C ASN C 175 -13.65 -18.43 -21.64
N ALA C 176 -14.36 -17.32 -21.44
CA ALA C 176 -15.32 -16.85 -22.44
C ALA C 176 -14.63 -16.45 -23.73
N LEU C 177 -13.62 -15.58 -23.63
CA LEU C 177 -12.94 -15.07 -24.82
C LEU C 177 -12.04 -16.12 -25.44
N GLU C 178 -11.46 -17.00 -24.62
CA GLU C 178 -10.81 -18.19 -25.18
C GLU C 178 -11.78 -18.97 -26.06
N TYR C 179 -13.00 -19.22 -25.55
CA TYR C 179 -14.00 -19.98 -26.30
C TYR C 179 -14.47 -19.23 -27.53
N GLY C 180 -14.45 -17.90 -27.49
CA GLY C 180 -14.85 -17.09 -28.65
C GLY C 180 -14.04 -17.34 -29.90
N ASP C 181 -12.83 -17.90 -29.76
CA ASP C 181 -12.03 -18.30 -30.92
C ASP C 181 -12.35 -19.75 -31.27
N LYS C 182 -13.63 -19.98 -31.54
CA LYS C 182 -14.13 -21.30 -31.92
C LYS C 182 -14.87 -21.25 -33.25
N ILE C 185 -18.12 -17.35 -33.99
CA ILE C 185 -18.76 -17.01 -32.72
C ILE C 185 -18.10 -15.75 -32.11
N ASN C 186 -18.80 -14.61 -32.24
CA ASN C 186 -18.31 -13.33 -31.73
C ASN C 186 -18.70 -13.20 -30.26
N VAL C 187 -17.71 -13.06 -29.39
CA VAL C 187 -17.92 -12.92 -27.95
C VAL C 187 -17.26 -11.63 -27.49
N ILE C 188 -18.07 -10.70 -26.98
CA ILE C 188 -17.62 -9.42 -26.42
C ILE C 188 -17.76 -9.49 -24.91
N SER C 189 -16.88 -8.78 -24.20
CA SER C 189 -16.95 -8.68 -22.74
C SER C 189 -16.92 -7.22 -22.35
N ILE C 190 -17.75 -6.85 -21.39
CA ILE C 190 -17.74 -5.51 -20.81
C ILE C 190 -17.35 -5.65 -19.36
N CYS C 191 -16.38 -4.85 -18.92
CA CYS C 191 -15.88 -4.93 -17.55
C CYS C 191 -16.26 -3.64 -16.83
N PRO C 192 -17.33 -3.64 -16.04
CA PRO C 192 -17.72 -2.44 -15.30
C PRO C 192 -17.09 -2.36 -13.91
N SER C 193 -17.13 -1.14 -13.36
CA SER C 193 -16.62 -0.88 -12.02
C SER C 193 -17.65 -1.31 -10.97
N TYR C 194 -17.64 -0.64 -9.82
CA TYR C 194 -18.73 -0.81 -8.88
C TYR C 194 -19.97 -0.13 -9.45
N ILE C 195 -21.10 -0.86 -9.49
CA ILE C 195 -22.29 -0.41 -10.20
C ILE C 195 -23.30 0.17 -9.21
N PHE C 196 -23.63 1.45 -9.40
CA PHE C 196 -24.66 2.14 -8.63
C PHE C 196 -25.76 2.62 -9.57
N GLY C 197 -26.91 2.93 -8.99
CA GLY C 197 -28.05 3.37 -9.76
C GLY C 197 -29.37 3.02 -9.10
N PRO C 198 -30.46 3.59 -9.62
CA PRO C 198 -31.79 3.22 -9.12
C PRO C 198 -32.11 1.76 -9.42
N MET C 199 -32.86 1.15 -8.51
CA MET C 199 -33.17 -0.27 -8.58
C MET C 199 -34.58 -0.51 -9.10
N LEU C 200 -34.72 -1.48 -9.98
CA LEU C 200 -36.02 -1.92 -10.46
C LEU C 200 -36.55 -3.11 -9.67
N GLN C 201 -35.67 -4.01 -9.25
CA GLN C 201 -36.06 -5.21 -8.52
C GLN C 201 -36.44 -4.86 -7.08
N PRO C 202 -37.23 -5.71 -6.41
CA PRO C 202 -37.71 -5.35 -5.06
C PRO C 202 -36.64 -5.43 -3.99
N THR C 203 -35.71 -6.38 -4.09
CA THR C 203 -34.68 -6.56 -3.08
C THR C 203 -33.41 -5.82 -3.47
N ILE C 204 -32.74 -5.24 -2.50
CA ILE C 204 -31.55 -4.45 -2.77
C ILE C 204 -30.38 -5.39 -3.06
N ASN C 205 -29.56 -4.99 -4.03
CA ASN C 205 -28.36 -5.75 -4.38
C ASN C 205 -27.22 -5.33 -3.45
N SER C 206 -26.01 -5.78 -3.76
CA SER C 206 -24.90 -5.62 -2.82
C SER C 206 -24.22 -4.26 -2.96
N SER C 207 -23.97 -3.82 -4.20
CA SER C 207 -23.30 -2.54 -4.39
C SER C 207 -24.12 -1.40 -3.79
N ASN C 208 -25.41 -1.37 -4.07
CA ASN C 208 -26.30 -0.41 -3.44
C ASN C 208 -26.40 -0.64 -1.94
N LEU C 209 -26.13 -1.86 -1.47
CA LEU C 209 -26.12 -2.11 -0.03
C LEU C 209 -24.98 -1.37 0.65
N GLU C 210 -23.80 -1.34 0.03
CA GLU C 210 -22.66 -0.66 0.62
C GLU C 210 -22.71 0.84 0.43
N LEU C 211 -23.50 1.33 -0.53
CA LEU C 211 -23.80 2.76 -0.54
C LEU C 211 -24.74 3.11 0.61
N LEU C 212 -25.79 2.31 0.81
CA LEU C 212 -26.62 2.45 2.00
C LEU C 212 -25.80 2.28 3.26
N ARG C 213 -24.75 1.46 3.20
CA ARG C 213 -23.79 1.36 4.28
C ARG C 213 -23.14 2.70 4.58
N LEU C 214 -22.61 3.37 3.54
CA LEU C 214 -21.97 4.66 3.72
C LEU C 214 -22.96 5.74 4.17
N MET C 215 -24.26 5.54 3.95
CA MET C 215 -25.24 6.56 4.30
C MET C 215 -25.65 6.49 5.76
N LYS C 216 -25.74 5.30 6.33
CA LYS C 216 -26.13 5.17 7.73
C LYS C 216 -24.85 5.22 8.56
N GLY C 217 -24.50 6.42 9.00
CA GLY C 217 -23.27 6.63 9.73
C GLY C 217 -23.23 5.83 11.03
N ASP C 218 -22.01 5.63 11.51
CA ASP C 218 -21.76 4.81 12.69
C ASP C 218 -20.49 5.32 13.37
N ASP C 219 -19.86 4.45 14.16
CA ASP C 219 -18.62 4.74 14.88
C ASP C 219 -17.43 3.89 14.45
N GLU C 220 -17.68 2.67 14.00
CA GLU C 220 -16.63 1.84 13.41
C GLU C 220 -15.97 2.59 12.26
N SER C 221 -14.66 2.48 12.18
CA SER C 221 -13.86 3.17 11.19
C SER C 221 -13.54 2.20 10.06
N ILE C 222 -14.15 2.43 8.91
CA ILE C 222 -14.08 1.52 7.78
C ILE C 222 -12.94 1.95 6.87
N GLU C 223 -12.63 1.07 5.92
CA GLU C 223 -11.55 1.37 4.98
C GLU C 223 -11.97 2.50 4.05
N ASN C 224 -11.12 3.52 3.95
CA ASN C 224 -11.30 4.58 2.96
C ASN C 224 -10.97 4.03 1.57
N LYS C 225 -11.77 3.08 1.10
CA LYS C 225 -11.54 2.47 -0.20
C LYS C 225 -11.67 3.51 -1.30
N PHE C 226 -10.94 3.27 -2.38
CA PHE C 226 -11.11 4.02 -3.62
C PHE C 226 -12.09 3.25 -4.50
N LEU C 227 -13.31 3.75 -4.60
CA LEU C 227 -14.36 3.11 -5.40
C LEU C 227 -14.36 3.67 -6.81
N LEU C 228 -14.23 2.79 -7.80
CA LEU C 228 -14.49 3.19 -9.18
C LEU C 228 -15.96 2.89 -9.49
N MET C 229 -16.59 3.81 -10.22
CA MET C 229 -18.05 3.86 -10.23
C MET C 229 -18.58 4.01 -11.66
N VAL C 230 -19.77 3.45 -11.88
CA VAL C 230 -20.50 3.56 -13.14
C VAL C 230 -21.99 3.40 -12.84
N ASP C 231 -22.82 4.07 -13.64
CA ASP C 231 -24.28 3.98 -13.49
C ASP C 231 -24.82 2.72 -14.16
N VAL C 232 -25.79 2.09 -13.48
CA VAL C 232 -26.42 0.87 -14.01
C VAL C 232 -27.14 1.17 -15.32
N ARG C 233 -27.77 2.33 -15.42
CA ARG C 233 -28.39 2.70 -16.68
C ARG C 233 -27.34 2.89 -17.77
N ASP C 234 -26.16 3.41 -17.41
CA ASP C 234 -25.07 3.56 -18.37
C ASP C 234 -24.51 2.20 -18.79
N VAL C 235 -24.48 1.24 -17.87
CA VAL C 235 -24.05 -0.12 -18.23
C VAL C 235 -25.02 -0.74 -19.22
N ALA C 236 -26.33 -0.55 -19.01
CA ALA C 236 -27.32 -1.10 -19.93
C ALA C 236 -27.14 -0.55 -21.34
N GLU C 237 -27.09 0.78 -21.47
CA GLU C 237 -26.96 1.39 -22.79
C GLU C 237 -25.61 1.07 -23.43
N ALA C 238 -24.57 0.88 -22.61
CA ALA C 238 -23.31 0.38 -23.14
C ALA C 238 -23.48 -1.00 -23.76
N ILE C 239 -24.19 -1.89 -23.05
CA ILE C 239 -24.45 -3.23 -23.58
C ILE C 239 -25.25 -3.16 -24.86
N LEU C 240 -26.26 -2.28 -24.89
CA LEU C 240 -27.01 -2.07 -26.12
C LEU C 240 -26.09 -1.59 -27.24
N LEU C 241 -25.29 -0.56 -26.94
CA LEU C 241 -24.37 -0.02 -27.93
C LEU C 241 -23.40 -1.09 -28.43
N LEU C 242 -22.87 -1.91 -27.52
CA LEU C 242 -21.92 -2.94 -27.93
C LEU C 242 -22.59 -3.98 -28.81
N TYR C 243 -23.85 -4.33 -28.52
CA TYR C 243 -24.52 -5.34 -29.31
C TYR C 243 -24.93 -4.80 -30.68
N GLU C 244 -25.51 -3.59 -30.71
CA GLU C 244 -25.95 -3.04 -31.97
C GLU C 244 -24.78 -2.79 -32.91
N LYS C 245 -23.67 -2.26 -32.38
CA LYS C 245 -22.49 -1.99 -33.19
C LYS C 245 -21.90 -3.30 -33.70
N GLN C 246 -21.66 -3.38 -35.00
CA GLN C 246 -21.13 -4.58 -35.64
C GLN C 246 -19.61 -4.58 -35.75
N GLU C 247 -18.97 -3.46 -35.46
CA GLU C 247 -17.51 -3.35 -35.49
C GLU C 247 -16.93 -3.32 -34.08
N THR C 248 -17.45 -4.19 -33.21
CA THR C 248 -17.00 -4.29 -31.83
C THR C 248 -16.52 -5.70 -31.54
N SER C 249 -15.48 -5.82 -30.70
CA SER C 249 -14.97 -7.10 -30.26
C SER C 249 -13.94 -6.89 -29.15
N GLY C 250 -13.72 -7.95 -28.37
CA GLY C 250 -12.76 -7.91 -27.28
C GLY C 250 -13.33 -7.37 -25.98
N ARG C 251 -12.48 -6.90 -25.08
CA ARG C 251 -12.92 -6.34 -23.82
C ARG C 251 -13.18 -4.85 -23.96
N TYR C 252 -14.06 -4.35 -23.09
CA TYR C 252 -14.38 -2.93 -23.06
C TYR C 252 -14.55 -2.54 -21.61
N ILE C 253 -13.74 -1.60 -21.15
CA ILE C 253 -13.81 -1.13 -19.77
C ILE C 253 -14.87 -0.04 -19.68
N SER C 254 -15.73 -0.13 -18.67
CA SER C 254 -16.77 0.85 -18.42
C SER C 254 -16.66 1.28 -16.96
N SER C 255 -15.82 2.27 -16.70
CA SER C 255 -15.63 2.79 -15.34
C SER C 255 -15.27 4.25 -15.43
N PRO C 256 -16.26 5.12 -15.68
CA PRO C 256 -15.95 6.52 -15.96
C PRO C 256 -15.43 7.28 -14.76
N HIS C 257 -15.88 6.94 -13.55
CA HIS C 257 -15.63 7.76 -12.39
C HIS C 257 -14.86 6.97 -11.33
N GLY C 258 -14.30 7.71 -10.37
CA GLY C 258 -13.55 7.11 -9.28
C GLY C 258 -13.16 8.11 -8.21
N MET C 259 -13.45 7.78 -6.94
CA MET C 259 -13.23 8.70 -5.84
C MET C 259 -12.95 7.91 -4.56
N ARG C 260 -12.33 8.59 -3.59
CA ARG C 260 -12.23 8.02 -2.26
C ARG C 260 -13.61 8.03 -1.58
N GLN C 261 -13.83 7.05 -0.71
CA GLN C 261 -15.13 6.95 -0.03
C GLN C 261 -15.43 8.20 0.79
N SER C 262 -14.40 8.85 1.34
CA SER C 262 -14.61 10.08 2.09
C SER C 262 -15.07 11.21 1.18
N ASN C 263 -14.36 11.42 0.07
CA ASN C 263 -14.80 12.40 -0.92
C ASN C 263 -16.15 12.03 -1.51
N LEU C 264 -16.41 10.72 -1.65
CA LEU C 264 -17.73 10.28 -2.11
C LEU C 264 -18.81 10.66 -1.10
N VAL C 265 -18.53 10.52 0.20
CA VAL C 265 -19.55 10.82 1.21
C VAL C 265 -19.87 12.31 1.20
N GLU C 266 -18.88 13.15 0.88
CA GLU C 266 -19.09 14.60 0.95
C GLU C 266 -19.80 15.11 -0.30
N LYS C 267 -19.50 14.53 -1.48
CA LYS C 267 -20.30 14.87 -2.65
C LYS C 267 -21.74 14.40 -2.48
N LEU C 268 -21.96 13.28 -1.79
CA LEU C 268 -23.32 12.82 -1.50
C LEU C 268 -24.00 13.73 -0.48
N GLU C 269 -23.30 14.05 0.61
CA GLU C 269 -23.84 15.05 1.52
C GLU C 269 -24.13 16.36 0.79
N SER C 270 -23.34 16.67 -0.25
CA SER C 270 -23.49 17.91 -1.01
C SER C 270 -24.73 17.89 -1.88
N LEU C 271 -25.05 16.73 -2.44
CA LEU C 271 -26.22 16.61 -3.30
C LEU C 271 -27.45 16.17 -2.54
N GLN C 272 -27.28 15.44 -1.44
CA GLN C 272 -28.40 14.93 -0.67
C GLN C 272 -28.15 15.13 0.82
N PRO C 273 -28.49 16.29 1.34
CA PRO C 273 -28.34 16.55 2.77
C PRO C 273 -29.52 15.99 3.55
N GLY C 274 -29.40 16.04 4.87
CA GLY C 274 -30.41 15.52 5.75
C GLY C 274 -30.25 14.08 6.17
N TYR C 275 -29.06 13.50 6.06
CA TYR C 275 -28.80 12.13 6.45
C TYR C 275 -27.48 12.05 7.21
N ASN C 276 -27.41 11.13 8.18
CA ASN C 276 -26.25 11.01 9.05
C ASN C 276 -25.20 10.16 8.33
N TYR C 277 -24.45 10.82 7.46
CA TYR C 277 -23.45 10.15 6.66
C TYR C 277 -22.27 9.70 7.52
N HIS C 278 -21.65 8.61 7.11
CA HIS C 278 -20.48 8.09 7.80
C HIS C 278 -19.29 9.02 7.59
N LYS C 279 -18.54 9.28 8.66
CA LYS C 279 -17.48 10.28 8.55
C LYS C 279 -16.24 9.94 9.36
N ASN C 280 -15.96 8.66 9.59
CA ASN C 280 -14.65 8.29 10.10
C ASN C 280 -14.04 7.18 9.26
N PHE C 281 -12.84 7.44 8.74
CA PHE C 281 -12.18 6.54 7.82
C PHE C 281 -10.71 6.40 8.26
N VAL C 282 -9.87 5.87 7.36
CA VAL C 282 -8.46 5.64 7.63
C VAL C 282 -7.70 5.85 6.32
N ASP C 283 -6.42 6.17 6.45
CA ASP C 283 -5.50 6.20 5.30
C ASP C 283 -6.02 7.00 4.10
N PRO C 286 -4.09 6.35 -4.60
CA PRO C 286 -3.45 5.29 -5.35
C PRO C 286 -3.13 5.70 -6.81
N SER C 287 -2.99 4.73 -7.70
CA SER C 287 -2.56 5.05 -9.06
C SER C 287 -3.11 4.13 -10.14
N TRP C 288 -3.90 3.11 -9.80
CA TRP C 288 -4.68 2.36 -10.77
C TRP C 288 -6.01 3.05 -11.07
N THR C 289 -6.24 4.21 -10.47
CA THR C 289 -7.51 4.92 -10.41
C THR C 289 -7.89 5.63 -11.71
N MET C 290 -7.12 5.45 -12.77
CA MET C 290 -7.33 6.18 -14.02
C MET C 290 -7.31 5.23 -15.20
N ILE C 291 -8.14 4.19 -15.12
CA ILE C 291 -8.28 3.28 -16.25
C ILE C 291 -9.10 3.95 -17.33
N SER C 292 -8.70 3.71 -18.59
CA SER C 292 -9.27 4.42 -19.72
C SER C 292 -10.53 3.70 -20.19
N SER C 293 -11.67 4.39 -20.11
CA SER C 293 -12.89 3.94 -20.74
C SER C 293 -12.98 4.37 -22.20
N GLU C 294 -11.84 4.78 -22.79
CA GLU C 294 -11.85 5.39 -24.11
C GLU C 294 -12.29 4.42 -25.20
N LYS C 295 -11.96 3.13 -25.04
CA LYS C 295 -12.35 2.15 -26.05
C LYS C 295 -13.86 2.14 -26.27
N LEU C 296 -14.61 2.36 -25.19
CA LEU C 296 -16.05 2.45 -25.31
C LEU C 296 -16.48 3.83 -25.80
N LYS C 297 -15.89 4.89 -25.24
CA LYS C 297 -16.28 6.25 -25.57
C LYS C 297 -16.05 6.59 -27.04
N LYS C 298 -15.16 5.88 -27.72
CA LYS C 298 -14.91 6.09 -29.13
C LYS C 298 -16.04 5.56 -30.01
N LEU C 299 -16.91 4.71 -29.47
CA LEU C 299 -18.05 4.20 -30.21
C LEU C 299 -19.30 5.04 -30.03
N GLY C 300 -19.22 6.13 -29.26
CA GLY C 300 -20.36 6.97 -28.98
C GLY C 300 -20.87 6.87 -27.56
N TRP C 301 -20.34 5.95 -26.76
CA TRP C 301 -20.79 5.83 -25.37
C TRP C 301 -20.40 7.08 -24.59
N LYS C 302 -21.39 7.76 -24.03
CA LYS C 302 -21.18 8.96 -23.21
C LYS C 302 -21.88 8.75 -21.87
N PRO C 303 -21.15 8.29 -20.86
CA PRO C 303 -21.77 8.08 -19.54
C PRO C 303 -22.21 9.40 -18.92
N ARG C 304 -23.10 9.28 -17.95
CA ARG C 304 -23.60 10.44 -17.24
C ARG C 304 -22.70 10.76 -16.05
N PRO C 305 -22.65 12.04 -15.63
CA PRO C 305 -21.84 12.38 -14.45
C PRO C 305 -22.28 11.57 -13.24
N LEU C 306 -21.32 11.28 -12.37
CA LEU C 306 -21.55 10.41 -11.23
C LEU C 306 -22.61 10.97 -10.28
N GLU C 307 -22.73 12.30 -10.22
CA GLU C 307 -23.61 12.94 -9.24
C GLU C 307 -25.08 12.64 -9.52
N ASP C 308 -25.44 12.56 -10.81
CA ASP C 308 -26.77 12.10 -11.18
C ASP C 308 -27.00 10.69 -10.67
N THR C 309 -26.05 9.79 -10.92
CA THR C 309 -26.20 8.39 -10.54
C THR C 309 -26.42 8.24 -9.05
N ILE C 310 -25.66 8.98 -8.25
CA ILE C 310 -25.74 8.78 -6.80
C ILE C 310 -27.02 9.40 -6.25
N SER C 311 -27.34 10.63 -6.67
CA SER C 311 -28.53 11.28 -6.14
C SER C 311 -29.80 10.55 -6.56
N GLU C 312 -29.83 9.98 -7.76
CA GLU C 312 -30.98 9.19 -8.15
C GLU C 312 -31.03 7.87 -7.40
N THR C 313 -29.86 7.31 -7.04
CA THR C 313 -29.83 6.07 -6.28
C THR C 313 -30.32 6.28 -4.86
N VAL C 314 -29.88 7.36 -4.21
CA VAL C 314 -30.35 7.66 -2.87
C VAL C 314 -31.82 8.03 -2.89
N LEU C 315 -32.30 8.62 -4.00
CA LEU C 315 -33.71 8.93 -4.12
C LEU C 315 -34.55 7.67 -4.09
N CYS C 316 -34.10 6.63 -4.82
CA CYS C 316 -34.80 5.35 -4.82
C CYS C 316 -34.64 4.64 -3.48
N PHE C 317 -33.48 4.78 -2.84
CA PHE C 317 -33.33 4.32 -1.47
C PHE C 317 -34.41 4.92 -0.57
N GLU C 318 -34.57 6.25 -0.65
CA GLU C 318 -35.64 6.91 0.09
C GLU C 318 -36.98 6.25 -0.19
N GLU C 319 -37.41 6.21 -1.47
CA GLU C 319 -38.75 5.73 -1.77
C GLU C 319 -38.94 4.27 -1.39
N HIS C 320 -37.88 3.46 -1.43
CA HIS C 320 -37.98 2.08 -0.96
C HIS C 320 -38.01 1.98 0.55
N GLY C 321 -37.95 3.10 1.25
CA GLY C 321 -38.02 3.11 2.70
C GLY C 321 -36.82 2.53 3.41
N LEU C 322 -35.61 2.69 2.84
CA LEU C 322 -34.42 2.05 3.39
C LEU C 322 -33.64 2.94 4.33
N LEU C 323 -34.17 4.12 4.67
CA LEU C 323 -33.51 5.06 5.60
C LEU C 323 -34.50 5.50 6.66
N GLU C 324 -34.52 4.76 7.77
CA GLU C 324 -35.38 5.08 8.89
C GLU C 324 -34.58 5.10 10.18
N SER D 7 30.79 14.25 -10.17
CA SER D 7 30.21 13.08 -10.82
C SER D 7 30.19 13.26 -12.33
N ARG D 8 30.63 12.25 -13.06
CA ARG D 8 30.85 12.37 -14.48
C ARG D 8 29.89 11.51 -15.28
N ILE D 9 29.36 12.10 -16.36
CA ILE D 9 28.44 11.43 -17.27
C ILE D 9 28.95 11.61 -18.69
N CYS D 10 28.75 10.60 -19.53
CA CYS D 10 29.17 10.66 -20.92
C CYS D 10 27.98 10.97 -21.81
N VAL D 11 28.27 11.55 -22.99
CA VAL D 11 27.24 11.99 -23.94
C VAL D 11 27.74 11.68 -25.35
N THR D 12 27.01 10.85 -26.08
CA THR D 12 27.43 10.47 -27.42
C THR D 12 26.98 11.52 -28.44
N GLY D 13 27.89 11.91 -29.34
CA GLY D 13 27.57 12.90 -30.35
C GLY D 13 27.19 14.26 -29.81
N ALA D 14 27.95 14.78 -28.84
CA ALA D 14 27.57 15.98 -28.09
C ALA D 14 27.29 17.18 -29.00
N GLY D 15 27.78 17.17 -30.22
CA GLY D 15 27.52 18.27 -31.14
C GLY D 15 26.18 18.22 -31.84
N GLY D 16 25.38 17.19 -31.61
CA GLY D 16 24.11 17.05 -32.28
C GLY D 16 23.09 18.06 -31.78
N PHE D 17 21.95 18.08 -32.48
CA PHE D 17 20.88 19.00 -32.13
C PHE D 17 20.42 18.78 -30.69
N VAL D 18 20.00 17.54 -30.37
CA VAL D 18 19.53 17.24 -29.02
C VAL D 18 20.69 17.24 -28.04
N ALA D 19 21.82 16.64 -28.43
CA ALA D 19 22.93 16.48 -27.52
C ALA D 19 23.43 17.83 -26.99
N SER D 20 23.46 18.85 -27.85
CA SER D 20 23.92 20.16 -27.42
C SER D 20 23.08 20.71 -26.28
N TRP D 21 21.75 20.52 -26.35
CA TRP D 21 20.88 20.98 -25.27
C TRP D 21 21.05 20.11 -24.03
N VAL D 22 21.25 18.81 -24.22
CA VAL D 22 21.57 17.92 -23.11
C VAL D 22 22.83 18.40 -22.40
N VAL D 23 23.88 18.70 -23.17
CA VAL D 23 25.15 19.13 -22.59
C VAL D 23 24.98 20.46 -21.87
N LYS D 24 24.34 21.43 -22.51
CA LYS D 24 24.13 22.73 -21.91
C LYS D 24 23.49 22.61 -20.54
N LEU D 25 22.43 21.82 -20.46
CA LEU D 25 21.70 21.67 -19.20
C LEU D 25 22.56 20.96 -18.17
N PHE D 26 23.15 19.82 -18.53
CA PHE D 26 23.94 19.07 -17.56
C PHE D 26 25.10 19.89 -17.02
N LEU D 27 25.65 20.80 -17.84
CA LEU D 27 26.75 21.63 -17.37
C LEU D 27 26.26 22.66 -16.36
N SER D 28 25.10 23.27 -16.63
CA SER D 28 24.53 24.27 -15.72
C SER D 28 24.07 23.63 -14.41
N LYS D 29 24.03 22.30 -14.35
CA LYS D 29 23.68 21.57 -13.14
C LYS D 29 24.91 21.04 -12.40
N GLY D 30 26.10 21.47 -12.80
CA GLY D 30 27.32 21.12 -12.09
C GLY D 30 27.96 19.80 -12.48
N TYR D 31 27.39 19.08 -13.44
CA TYR D 31 27.97 17.81 -13.86
C TYR D 31 29.26 18.05 -14.65
N LEU D 32 30.10 17.03 -14.66
CA LEU D 32 31.26 16.98 -15.55
C LEU D 32 30.94 15.99 -16.66
N VAL D 33 30.88 16.48 -17.90
CA VAL D 33 30.37 15.69 -19.01
C VAL D 33 31.52 15.32 -19.95
N HIS D 34 31.54 14.06 -20.37
CA HIS D 34 32.49 13.57 -21.37
C HIS D 34 31.74 13.50 -22.71
N GLY D 35 31.99 14.44 -23.58
CA GLY D 35 31.29 14.53 -24.85
C GLY D 35 32.05 13.83 -25.96
N THR D 36 31.33 13.02 -26.74
CA THR D 36 31.87 12.34 -27.91
C THR D 36 31.56 13.14 -29.18
N VAL D 37 32.55 13.28 -30.06
CA VAL D 37 32.35 13.85 -31.39
C VAL D 37 33.29 13.14 -32.35
N ARG D 38 32.98 13.24 -33.64
CA ARG D 38 33.80 12.66 -34.69
C ARG D 38 34.84 13.63 -35.25
N ASP D 39 34.82 14.90 -34.84
CA ASP D 39 35.81 15.88 -35.29
C ASP D 39 36.00 16.92 -34.21
N LEU D 40 37.25 17.16 -33.83
CA LEU D 40 37.56 18.09 -32.75
C LEU D 40 37.84 19.51 -33.24
N GLY D 41 37.64 19.78 -34.53
CA GLY D 41 37.84 21.14 -35.03
C GLY D 41 37.00 22.14 -34.27
N GLU D 42 37.56 23.34 -34.07
CA GLU D 42 36.94 24.29 -33.14
C GLU D 42 35.66 24.88 -33.69
N GLU D 43 35.47 24.89 -35.01
CA GLU D 43 34.23 25.42 -35.59
C GLU D 43 33.08 24.44 -35.49
N LYS D 44 33.38 23.13 -35.55
CA LYS D 44 32.36 22.13 -35.26
C LYS D 44 31.97 22.15 -33.78
N THR D 45 32.92 22.48 -32.91
CA THR D 45 32.71 22.42 -31.47
C THR D 45 32.55 23.80 -30.83
N ALA D 46 32.50 24.88 -31.61
CA ALA D 46 32.44 26.21 -31.02
C ALA D 46 31.18 26.38 -30.16
N HIS D 47 30.04 25.93 -30.68
CA HIS D 47 28.78 26.07 -29.95
C HIS D 47 28.77 25.30 -28.64
N LEU D 48 29.64 24.31 -28.49
CA LEU D 48 29.74 23.54 -27.26
C LEU D 48 30.66 24.20 -26.23
N ARG D 49 31.81 24.72 -26.68
CA ARG D 49 32.78 25.26 -25.73
C ARG D 49 32.31 26.59 -25.13
N LYS D 50 31.43 27.30 -25.85
CA LYS D 50 30.85 28.52 -25.31
C LYS D 50 29.92 28.27 -24.12
N LEU D 51 29.46 27.02 -23.96
CA LEU D 51 28.45 26.71 -22.95
C LEU D 51 28.92 27.07 -21.56
N GLU D 52 27.97 27.55 -20.75
CA GLU D 52 28.20 27.81 -19.34
C GLU D 52 28.85 26.60 -18.67
N GLY D 53 30.07 26.79 -18.16
CA GLY D 53 30.78 25.75 -17.46
C GLY D 53 31.58 24.82 -18.33
N ALA D 54 31.56 25.01 -19.65
CA ALA D 54 32.32 24.12 -20.53
C ALA D 54 33.82 24.33 -20.38
N TYR D 55 34.23 25.55 -20.04
CA TYR D 55 35.65 25.84 -19.83
C TYR D 55 36.22 24.96 -18.72
N HIS D 56 35.44 24.72 -17.67
CA HIS D 56 35.89 23.96 -16.50
C HIS D 56 35.49 22.50 -16.53
N ASN D 57 34.29 22.17 -17.04
CA ASN D 57 33.67 20.87 -16.82
C ASN D 57 33.18 20.19 -18.10
N LEU D 58 33.72 20.55 -19.26
CA LEU D 58 33.43 19.81 -20.50
C LEU D 58 34.72 19.21 -21.03
N GLN D 59 34.68 17.90 -21.31
CA GLN D 59 35.83 17.11 -21.71
C GLN D 59 35.48 16.40 -23.00
N LEU D 60 35.98 16.91 -24.13
CA LEU D 60 35.64 16.37 -25.44
C LEU D 60 36.61 15.28 -25.86
N PHE D 61 36.07 14.15 -26.34
CA PHE D 61 36.84 13.05 -26.88
C PHE D 61 36.48 12.85 -28.33
N LYS D 62 37.37 12.19 -29.08
CA LYS D 62 37.12 11.88 -30.48
C LYS D 62 36.81 10.38 -30.57
N ALA D 63 35.52 10.07 -30.74
CA ALA D 63 35.07 8.69 -30.78
C ALA D 63 34.06 8.49 -31.90
N ASP D 64 33.93 7.23 -32.33
CA ASP D 64 32.98 6.80 -33.33
C ASP D 64 32.25 5.57 -32.81
N LEU D 65 30.94 5.51 -33.05
CA LEU D 65 30.12 4.46 -32.45
C LEU D 65 30.48 3.06 -32.93
N LEU D 66 31.07 2.92 -34.11
CA LEU D 66 31.53 1.62 -34.56
C LEU D 66 33.01 1.39 -34.33
N ASP D 67 33.67 2.24 -33.56
CA ASP D 67 35.02 1.99 -33.04
C ASP D 67 34.89 1.81 -31.53
N TYR D 68 34.94 0.56 -31.07
CA TYR D 68 34.56 0.25 -29.69
C TYR D 68 35.46 0.97 -28.68
N GLU D 69 36.78 0.98 -28.93
CA GLU D 69 37.70 1.48 -27.92
C GLU D 69 37.72 3.00 -27.85
N SER D 70 37.36 3.67 -28.96
CA SER D 70 37.12 5.10 -28.89
C SER D 70 36.02 5.41 -27.86
N LEU D 71 34.95 4.61 -27.90
CA LEU D 71 33.87 4.74 -26.93
C LEU D 71 34.34 4.35 -25.53
N LEU D 72 35.05 3.22 -25.42
CA LEU D 72 35.61 2.81 -24.14
C LEU D 72 36.44 3.92 -23.51
N GLY D 73 37.23 4.61 -24.32
CA GLY D 73 38.06 5.69 -23.80
C GLY D 73 37.24 6.86 -23.29
N ALA D 74 36.23 7.28 -24.05
CA ALA D 74 35.42 8.42 -23.65
C ALA D 74 34.51 8.11 -22.47
N ILE D 75 34.19 6.85 -22.23
CA ILE D 75 33.18 6.45 -21.26
C ILE D 75 33.80 6.04 -19.93
N THR D 76 34.99 5.45 -19.94
CA THR D 76 35.57 4.94 -18.70
C THR D 76 35.74 6.08 -17.71
N GLY D 77 35.24 5.86 -16.48
CA GLY D 77 35.30 6.84 -15.43
C GLY D 77 34.04 7.66 -15.21
N CYS D 78 32.96 7.37 -15.93
CA CYS D 78 31.73 8.15 -15.87
C CYS D 78 30.62 7.40 -15.14
N ASP D 79 29.82 8.14 -14.34
CA ASP D 79 28.78 7.53 -13.52
C ASP D 79 27.63 7.02 -14.37
N GLY D 80 27.23 7.80 -15.38
CA GLY D 80 26.27 7.38 -16.37
C GLY D 80 26.67 7.88 -17.75
N VAL D 81 25.84 7.56 -18.72
CA VAL D 81 26.05 7.99 -20.10
C VAL D 81 24.70 8.11 -20.78
N LEU D 82 24.55 9.15 -21.60
CA LEU D 82 23.30 9.44 -22.30
C LEU D 82 23.57 9.20 -23.78
N HIS D 83 23.27 7.99 -24.24
CA HIS D 83 23.49 7.61 -25.63
C HIS D 83 22.44 8.32 -26.48
N VAL D 84 22.83 9.42 -27.13
CA VAL D 84 21.93 10.18 -27.98
C VAL D 84 22.38 10.23 -29.43
N ALA D 85 23.51 9.60 -29.77
CA ALA D 85 24.08 9.70 -31.12
C ALA D 85 23.46 8.62 -32.00
N THR D 86 22.69 9.04 -33.00
CA THR D 86 22.12 8.17 -34.01
C THR D 86 21.80 9.11 -35.17
N PRO D 87 22.31 8.84 -36.36
CA PRO D 87 22.03 9.73 -37.50
C PRO D 87 20.54 9.73 -37.81
N VAL D 88 20.02 10.92 -38.11
CA VAL D 88 18.63 11.03 -38.58
C VAL D 88 18.64 11.70 -39.95
N PRO D 89 18.23 10.98 -41.00
CA PRO D 89 18.41 11.50 -42.37
C PRO D 89 17.56 12.73 -42.65
N SER D 90 18.10 13.62 -43.48
CA SER D 90 17.32 14.74 -43.99
C SER D 90 16.51 14.31 -45.20
N SER D 91 15.36 14.97 -45.39
CA SER D 91 14.50 14.59 -46.51
C SER D 91 15.14 14.94 -47.84
N LYS D 92 15.81 16.09 -47.93
CA LYS D 92 16.45 16.54 -49.16
C LYS D 92 17.82 15.87 -49.40
N THR D 93 17.91 14.59 -49.09
CA THR D 93 19.06 13.77 -49.44
C THR D 93 18.59 12.31 -49.38
N ALA D 94 19.49 11.40 -49.75
CA ALA D 94 19.25 9.98 -49.60
C ALA D 94 20.29 9.38 -48.66
N TYR D 95 19.89 8.36 -47.92
CA TYR D 95 20.74 7.69 -46.96
C TYR D 95 20.76 6.19 -47.25
N SER D 96 21.78 5.52 -46.74
CA SER D 96 21.90 4.07 -46.85
C SER D 96 21.23 3.46 -45.63
N GLY D 97 20.07 2.83 -45.83
CA GLY D 97 19.35 2.28 -44.70
C GLY D 97 20.15 1.19 -44.02
N THR D 98 20.70 0.29 -44.82
CA THR D 98 21.66 -0.70 -44.33
C THR D 98 22.74 -0.07 -43.45
N GLU D 99 23.39 1.00 -43.94
CA GLU D 99 24.44 1.64 -43.15
C GLU D 99 23.89 2.28 -41.88
N LEU D 100 22.72 2.92 -41.96
CA LEU D 100 22.12 3.56 -40.80
C LEU D 100 21.78 2.53 -39.73
N VAL D 101 21.01 1.50 -40.10
CA VAL D 101 20.58 0.52 -39.12
C VAL D 101 21.80 -0.15 -38.50
N LYS D 102 22.80 -0.46 -39.30
CA LYS D 102 24.02 -1.04 -38.78
C LYS D 102 24.72 -0.08 -37.81
N THR D 103 24.73 1.22 -38.12
CA THR D 103 25.30 2.20 -37.20
C THR D 103 24.56 2.22 -35.88
N ALA D 104 23.22 2.24 -35.93
CA ALA D 104 22.42 2.41 -34.73
C ALA D 104 22.54 1.22 -33.79
N VAL D 105 22.39 0.00 -34.32
CA VAL D 105 22.31 -1.17 -33.44
C VAL D 105 23.70 -1.54 -32.91
N ASN D 106 24.69 -1.59 -33.79
CA ASN D 106 26.05 -1.95 -33.37
C ASN D 106 26.68 -0.83 -32.57
N GLY D 107 26.36 0.42 -32.90
CA GLY D 107 26.86 1.53 -32.12
C GLY D 107 26.37 1.48 -30.68
N THR D 108 25.08 1.18 -30.49
CA THR D 108 24.54 1.10 -29.14
C THR D 108 25.03 -0.16 -28.43
N LEU D 109 25.12 -1.29 -29.15
CA LEU D 109 25.76 -2.47 -28.57
C LEU D 109 27.16 -2.12 -28.07
N ASN D 110 27.98 -1.50 -28.91
CA ASN D 110 29.33 -1.08 -28.52
C ASN D 110 29.30 -0.21 -27.27
N VAL D 111 28.36 0.73 -27.19
CA VAL D 111 28.30 1.66 -26.06
C VAL D 111 28.03 0.92 -24.76
N LEU D 112 27.11 -0.06 -24.79
CA LEU D 112 26.75 -0.75 -23.56
C LEU D 112 27.79 -1.78 -23.15
N ARG D 113 28.44 -2.45 -24.11
CA ARG D 113 29.59 -3.29 -23.80
C ARG D 113 30.68 -2.47 -23.11
N ALA D 114 31.01 -1.31 -23.69
CA ALA D 114 31.94 -0.39 -23.04
C ALA D 114 31.42 0.02 -21.65
N CYS D 115 30.11 0.09 -21.48
CA CYS D 115 29.54 0.50 -20.20
C CYS D 115 29.65 -0.58 -19.14
N THR D 116 29.40 -1.85 -19.53
CA THR D 116 29.54 -2.93 -18.57
C THR D 116 30.99 -3.15 -18.20
N GLU D 117 31.93 -2.85 -19.10
CA GLU D 117 33.35 -2.98 -18.75
C GLU D 117 33.81 -1.84 -17.86
N ALA D 118 33.38 -0.62 -18.18
CA ALA D 118 33.78 0.57 -17.43
C ALA D 118 32.99 0.74 -16.13
N LYS D 119 32.15 -0.22 -15.78
CA LYS D 119 31.37 -0.22 -14.52
C LYS D 119 30.36 0.91 -14.48
N VAL D 120 29.80 1.24 -15.65
CA VAL D 120 28.77 2.25 -15.70
C VAL D 120 27.51 1.73 -15.02
N LYS D 121 26.81 2.64 -14.31
CA LYS D 121 25.68 2.26 -13.47
C LYS D 121 24.33 2.63 -14.04
N LYS D 122 24.21 3.72 -14.81
CA LYS D 122 22.97 4.06 -15.46
C LYS D 122 23.23 4.50 -16.90
N VAL D 123 22.38 4.03 -17.81
CA VAL D 123 22.42 4.41 -19.21
C VAL D 123 21.05 4.98 -19.59
N ILE D 124 21.03 5.96 -20.50
CA ILE D 124 19.80 6.56 -20.99
C ILE D 124 19.89 6.61 -22.52
N TYR D 125 19.18 5.71 -23.18
CA TYR D 125 19.20 5.66 -24.64
C TYR D 125 18.07 6.50 -25.19
N VAL D 126 18.39 7.34 -26.17
CA VAL D 126 17.38 8.15 -26.85
C VAL D 126 16.91 7.37 -28.07
N SER D 127 15.67 6.88 -28.01
CA SER D 127 15.05 6.22 -29.15
C SER D 127 14.04 7.16 -29.80
N SER D 128 12.90 6.62 -30.20
CA SER D 128 11.94 7.41 -30.98
C SER D 128 10.57 6.75 -30.91
N THR D 129 9.54 7.53 -31.28
CA THR D 129 8.22 6.96 -31.48
C THR D 129 8.16 6.10 -32.73
N ALA D 130 9.12 6.27 -33.65
CA ALA D 130 9.26 5.35 -34.78
C ALA D 130 9.38 3.90 -34.32
N ALA D 131 9.75 3.67 -33.06
CA ALA D 131 9.96 2.34 -32.53
C ALA D 131 8.78 1.79 -31.76
N VAL D 132 7.61 2.44 -31.85
CA VAL D 132 6.44 2.09 -31.05
C VAL D 132 5.18 2.10 -31.91
N LEU D 133 5.05 3.09 -32.80
CA LEU D 133 3.79 3.38 -33.46
C LEU D 133 3.61 2.70 -34.81
N VAL D 134 4.66 2.64 -35.65
CA VAL D 134 4.50 2.07 -36.97
C VAL D 134 4.28 0.57 -36.81
N ASN D 135 3.03 0.20 -36.54
CA ASN D 135 2.59 -1.18 -36.40
C ASN D 135 1.22 -1.33 -37.05
N PRO D 136 1.12 -2.07 -38.16
CA PRO D 136 -0.20 -2.27 -38.78
C PRO D 136 -1.08 -3.21 -37.98
N ASN D 137 -0.51 -4.06 -37.13
CA ASN D 137 -1.28 -5.02 -36.36
C ASN D 137 -2.00 -4.39 -35.18
N LEU D 138 -1.51 -3.26 -34.68
CA LEU D 138 -2.15 -2.64 -33.53
C LEU D 138 -3.49 -2.05 -33.92
N PRO D 139 -4.58 -2.40 -33.24
CA PRO D 139 -5.91 -1.92 -33.64
C PRO D 139 -6.05 -0.42 -33.46
N LYS D 140 -7.16 0.11 -33.97
CA LYS D 140 -7.47 1.52 -33.80
C LYS D 140 -8.15 1.82 -32.46
N ASP D 141 -8.81 0.82 -31.88
CA ASP D 141 -9.40 0.93 -30.55
C ASP D 141 -8.36 1.03 -29.45
N LYS D 142 -7.09 0.73 -29.75
CA LYS D 142 -6.03 0.60 -28.76
C LYS D 142 -5.16 1.85 -28.80
N ILE D 143 -5.08 2.52 -27.66
CA ILE D 143 -4.22 3.74 -27.53
C ILE D 143 -2.80 3.23 -27.16
N PRO D 144 -1.83 3.46 -28.06
CA PRO D 144 -0.50 2.84 -27.83
C PRO D 144 0.25 3.44 -26.66
N ASP D 145 1.04 2.58 -26.02
CA ASP D 145 1.73 2.91 -24.78
C ASP D 145 3.21 2.57 -24.94
N GLU D 146 3.90 2.39 -23.81
CA GLU D 146 5.29 1.97 -23.82
C GLU D 146 5.45 0.49 -24.18
N ASP D 147 4.37 -0.28 -24.29
CA ASP D 147 4.47 -1.72 -24.52
C ASP D 147 4.08 -2.13 -25.93
N CYS D 148 3.80 -1.18 -26.80
CA CYS D 148 3.62 -1.49 -28.21
C CYS D 148 4.96 -1.28 -28.91
N TRP D 149 5.31 -2.20 -29.78
CA TRP D 149 6.53 -2.09 -30.55
C TRP D 149 6.20 -1.95 -32.03
N THR D 150 7.18 -1.46 -32.77
CA THR D 150 7.04 -1.33 -34.20
C THR D 150 7.27 -2.68 -34.84
N ASP D 151 6.52 -2.97 -35.90
CA ASP D 151 6.72 -4.18 -36.67
C ASP D 151 7.86 -3.95 -37.66
N GLU D 152 9.00 -4.60 -37.42
CA GLU D 152 10.17 -4.35 -38.24
C GLU D 152 9.95 -4.82 -39.68
N GLU D 153 9.35 -6.00 -39.86
CA GLU D 153 9.18 -6.48 -41.23
C GLU D 153 8.26 -5.58 -42.04
N TYR D 154 7.18 -5.08 -41.42
CA TYR D 154 6.30 -4.14 -42.13
C TYR D 154 7.09 -2.97 -42.70
N CYS D 155 8.00 -2.41 -41.90
CA CYS D 155 8.83 -1.30 -42.37
C CYS D 155 9.76 -1.75 -43.49
N ARG D 156 10.24 -2.99 -43.43
CA ARG D 156 11.11 -3.53 -44.46
C ARG D 156 10.35 -4.02 -45.69
N THR D 157 9.03 -4.20 -45.59
CA THR D 157 8.21 -4.55 -46.75
C THR D 157 7.52 -3.34 -47.40
N THR D 158 7.04 -2.39 -46.60
CA THR D 158 6.36 -1.21 -47.14
C THR D 158 7.36 -0.08 -47.34
N PRO D 159 7.35 0.60 -48.48
CA PRO D 159 8.33 1.66 -48.71
C PRO D 159 7.83 3.05 -48.34
N PHE D 160 8.59 3.76 -47.51
CA PHE D 160 8.34 5.16 -47.18
C PHE D 160 9.61 5.73 -46.60
N PHE D 161 9.91 7.00 -46.91
CA PHE D 161 11.13 7.62 -46.40
C PHE D 161 11.11 7.57 -44.88
N LEU D 162 12.24 7.13 -44.30
CA LEU D 162 12.46 6.85 -42.87
C LEU D 162 11.94 5.48 -42.45
N ASN D 163 11.67 4.57 -43.40
CA ASN D 163 11.34 3.19 -43.02
C ASN D 163 12.55 2.50 -42.40
N TRP D 164 13.71 2.61 -43.05
CA TRP D 164 14.94 2.06 -42.49
C TRP D 164 15.32 2.76 -41.18
N TYR D 165 15.05 4.06 -41.08
CA TYR D 165 15.25 4.74 -39.82
C TYR D 165 14.41 4.11 -38.71
N CYS D 166 13.15 3.76 -39.01
CA CYS D 166 12.28 3.12 -38.03
C CYS D 166 12.82 1.76 -37.62
N ILE D 167 13.31 0.99 -38.59
CA ILE D 167 13.91 -0.31 -38.30
C ILE D 167 15.11 -0.14 -37.40
N ALA D 168 15.91 0.90 -37.65
CA ALA D 168 17.10 1.15 -36.84
C ALA D 168 16.73 1.43 -35.38
N LYS D 169 15.84 2.41 -35.17
CA LYS D 169 15.48 2.80 -33.80
C LYS D 169 14.83 1.65 -33.05
N THR D 170 13.94 0.90 -33.72
CA THR D 170 13.27 -0.21 -33.07
C THR D 170 14.27 -1.29 -32.67
N ALA D 171 15.09 -1.72 -33.63
CA ALA D 171 16.07 -2.76 -33.35
C ALA D 171 17.05 -2.31 -32.28
N ALA D 172 17.54 -1.08 -32.37
CA ALA D 172 18.50 -0.59 -31.39
C ALA D 172 17.88 -0.50 -30.00
N GLU D 173 16.61 -0.09 -29.92
CA GLU D 173 15.98 0.05 -28.61
C GLU D 173 15.70 -1.31 -27.97
N LYS D 174 15.31 -2.31 -28.77
CA LYS D 174 15.05 -3.63 -28.22
C LYS D 174 16.34 -4.31 -27.80
N ASN D 175 17.41 -4.14 -28.59
CA ASN D 175 18.72 -4.68 -28.20
C ASN D 175 19.21 -4.05 -26.92
N ALA D 176 18.96 -2.75 -26.73
CA ALA D 176 19.44 -2.06 -25.54
C ALA D 176 18.77 -2.60 -24.28
N LEU D 177 17.44 -2.73 -24.30
CA LEU D 177 16.73 -3.07 -23.06
C LEU D 177 16.91 -4.53 -22.69
N GLU D 178 17.03 -5.42 -23.68
CA GLU D 178 17.41 -6.81 -23.43
C GLU D 178 18.81 -6.92 -22.86
N TYR D 179 19.75 -6.14 -23.41
CA TYR D 179 21.09 -6.04 -22.82
C TYR D 179 21.02 -5.54 -21.38
N GLY D 180 20.02 -4.71 -21.06
CA GLY D 180 19.84 -4.21 -19.70
C GLY D 180 19.61 -5.31 -18.69
N ASP D 181 19.20 -6.51 -19.13
CA ASP D 181 19.05 -7.65 -18.25
C ASP D 181 20.35 -8.47 -18.21
N LYS D 182 21.43 -7.77 -17.87
CA LYS D 182 22.75 -8.38 -17.79
C LYS D 182 23.38 -8.14 -16.42
N ILE D 185 22.98 -3.30 -14.00
CA ILE D 185 23.02 -2.48 -15.19
C ILE D 185 21.62 -1.91 -15.50
N ASN D 186 21.40 -0.66 -15.11
CA ASN D 186 20.12 0.02 -15.34
C ASN D 186 20.18 0.77 -16.67
N VAL D 187 19.32 0.36 -17.61
CA VAL D 187 19.21 0.97 -18.93
C VAL D 187 17.75 1.36 -19.14
N ILE D 188 17.49 2.66 -19.29
CA ILE D 188 16.15 3.17 -19.54
C ILE D 188 16.12 3.82 -20.92
N SER D 189 14.93 3.83 -21.51
CA SER D 189 14.72 4.41 -22.83
C SER D 189 13.83 5.63 -22.73
N ILE D 190 14.05 6.58 -23.63
CA ILE D 190 13.13 7.68 -23.83
C ILE D 190 12.79 7.71 -25.31
N CYS D 191 11.50 7.71 -25.62
CA CYS D 191 11.03 7.69 -27.00
C CYS D 191 10.34 9.01 -27.29
N PRO D 192 11.06 10.01 -27.77
CA PRO D 192 10.40 11.21 -28.27
C PRO D 192 9.93 11.02 -29.69
N SER D 193 9.01 11.87 -30.10
CA SER D 193 8.61 11.96 -31.49
C SER D 193 9.31 13.19 -32.08
N TYR D 194 8.74 13.73 -33.16
CA TYR D 194 9.42 14.76 -33.92
C TYR D 194 9.82 15.94 -33.04
N ILE D 195 11.12 16.26 -33.03
CA ILE D 195 11.71 17.19 -32.07
C ILE D 195 11.90 18.55 -32.74
N PHE D 196 11.27 19.57 -32.18
CA PHE D 196 11.38 20.95 -32.63
C PHE D 196 11.96 21.81 -31.51
N GLY D 197 12.48 22.98 -31.89
CA GLY D 197 13.05 23.89 -30.93
C GLY D 197 14.20 24.71 -31.50
N PRO D 198 14.65 25.71 -30.74
CA PRO D 198 15.80 26.49 -31.18
C PRO D 198 17.06 25.63 -31.21
N MET D 199 17.94 25.95 -32.16
CA MET D 199 19.15 25.18 -32.39
C MET D 199 20.36 25.86 -31.77
N LEU D 200 21.23 25.06 -31.17
CA LEU D 200 22.51 25.57 -30.69
C LEU D 200 23.62 25.37 -31.71
N GLN D 201 23.56 24.30 -32.49
CA GLN D 201 24.60 23.96 -33.45
C GLN D 201 24.48 24.85 -34.70
N PRO D 202 25.58 25.02 -35.43
CA PRO D 202 25.55 25.95 -36.58
C PRO D 202 24.73 25.46 -37.76
N THR D 203 24.78 24.16 -38.05
CA THR D 203 24.07 23.61 -39.20
C THR D 203 22.71 23.08 -38.79
N ILE D 204 21.72 23.29 -39.65
CA ILE D 204 20.35 22.91 -39.32
C ILE D 204 20.20 21.39 -39.43
N ASN D 205 19.54 20.80 -38.46
CA ASN D 205 19.17 19.39 -38.53
C ASN D 205 17.96 19.23 -39.46
N SER D 206 17.37 18.05 -39.49
CA SER D 206 16.33 17.72 -40.44
C SER D 206 14.92 17.87 -39.87
N SER D 207 14.76 17.59 -38.58
CA SER D 207 13.47 17.87 -37.97
C SER D 207 13.09 19.33 -38.21
N ASN D 208 13.97 20.25 -37.88
CA ASN D 208 13.73 21.66 -38.14
C ASN D 208 13.76 21.99 -39.63
N LEU D 209 14.37 21.12 -40.45
CA LEU D 209 14.38 21.35 -41.88
C LEU D 209 12.98 21.20 -42.47
N GLU D 210 12.23 20.19 -42.01
CA GLU D 210 10.88 19.99 -42.53
C GLU D 210 9.90 20.99 -41.95
N LEU D 211 10.18 21.52 -40.76
CA LEU D 211 9.45 22.70 -40.31
C LEU D 211 9.71 23.87 -41.24
N LEU D 212 10.96 24.03 -41.68
CA LEU D 212 11.33 25.20 -42.45
C LEU D 212 10.67 25.20 -43.85
N ARG D 213 10.45 24.02 -44.44
CA ARG D 213 9.77 24.01 -45.74
C ARG D 213 8.25 24.05 -45.60
N LEU D 214 7.72 23.64 -44.45
CA LEU D 214 6.34 23.99 -44.16
C LEU D 214 6.13 25.51 -44.19
N MET D 215 7.21 26.27 -43.98
CA MET D 215 7.12 27.73 -43.86
C MET D 215 7.45 28.47 -45.14
N LYS D 216 8.31 27.93 -46.00
CA LYS D 216 8.52 28.53 -47.32
C LYS D 216 7.57 27.86 -48.29
N GLY D 217 6.38 28.44 -48.38
CA GLY D 217 5.32 27.84 -49.15
C GLY D 217 5.69 27.68 -50.61
N ASP D 218 5.02 26.72 -51.24
CA ASP D 218 5.20 26.44 -52.66
C ASP D 218 3.84 26.09 -53.23
N ASP D 219 3.80 25.33 -54.32
CA ASP D 219 2.55 24.87 -54.89
C ASP D 219 2.47 23.34 -55.04
N GLU D 220 3.59 22.64 -54.85
CA GLU D 220 3.57 21.21 -54.60
C GLU D 220 2.53 20.88 -53.52
N SER D 221 1.83 19.77 -53.72
CA SER D 221 0.82 19.27 -52.78
C SER D 221 1.47 18.23 -51.88
N ILE D 222 1.75 18.63 -50.65
CA ILE D 222 2.43 17.78 -49.68
C ILE D 222 1.39 16.91 -49.00
N GLU D 223 1.85 15.82 -48.40
CA GLU D 223 0.99 15.05 -47.52
C GLU D 223 0.72 15.83 -46.25
N ASN D 224 -0.55 16.06 -45.94
CA ASN D 224 -0.89 16.68 -44.65
C ASN D 224 -0.71 15.65 -43.53
N LYS D 225 0.54 15.29 -43.27
CA LYS D 225 0.87 14.30 -42.24
C LYS D 225 0.39 14.80 -40.89
N PHE D 226 0.16 13.85 -39.98
CA PHE D 226 -0.10 14.16 -38.58
C PHE D 226 1.23 14.15 -37.83
N LEU D 227 1.70 15.34 -37.45
CA LEU D 227 2.93 15.49 -36.69
C LEU D 227 2.66 15.31 -35.20
N LEU D 228 3.44 14.44 -34.57
CA LEU D 228 3.54 14.44 -33.12
C LEU D 228 4.82 15.18 -32.75
N MET D 229 4.74 16.01 -31.71
CA MET D 229 5.79 17.00 -31.49
C MET D 229 6.15 17.14 -30.02
N VAL D 230 7.42 17.48 -29.79
CA VAL D 230 7.98 17.73 -28.46
C VAL D 230 9.12 18.73 -28.60
N ASP D 231 9.34 19.52 -27.55
CA ASP D 231 10.40 20.52 -27.56
C ASP D 231 11.75 19.86 -27.23
N VAL D 232 12.80 20.32 -27.91
CA VAL D 232 14.16 19.81 -27.65
C VAL D 232 14.61 20.14 -26.24
N ARG D 233 14.28 21.34 -25.76
CA ARG D 233 14.63 21.68 -24.39
C ARG D 233 13.91 20.77 -23.41
N ASP D 234 12.66 20.39 -23.71
CA ASP D 234 11.90 19.51 -22.82
C ASP D 234 12.41 18.07 -22.87
N VAL D 235 12.91 17.63 -24.03
CA VAL D 235 13.57 16.33 -24.09
C VAL D 235 14.83 16.34 -23.23
N ALA D 236 15.59 17.44 -23.27
CA ALA D 236 16.81 17.54 -22.47
C ALA D 236 16.49 17.40 -20.99
N GLU D 237 15.55 18.20 -20.49
CA GLU D 237 15.20 18.11 -19.07
C GLU D 237 14.57 16.77 -18.72
N ALA D 238 13.79 16.19 -19.64
CA ALA D 238 13.30 14.84 -19.44
C ALA D 238 14.45 13.86 -19.19
N ILE D 239 15.53 13.98 -19.98
CA ILE D 239 16.69 13.12 -19.80
C ILE D 239 17.36 13.40 -18.47
N LEU D 240 17.48 14.68 -18.10
CA LEU D 240 17.97 15.01 -16.77
C LEU D 240 17.06 14.42 -15.70
N LEU D 241 15.75 14.62 -15.85
CA LEU D 241 14.79 14.05 -14.92
C LEU D 241 14.97 12.54 -14.80
N LEU D 242 15.07 11.85 -15.93
CA LEU D 242 15.18 10.39 -15.90
C LEU D 242 16.47 9.93 -15.24
N TYR D 243 17.58 10.66 -15.46
CA TYR D 243 18.86 10.25 -14.89
C TYR D 243 18.90 10.54 -13.39
N GLU D 244 18.48 11.74 -13.00
CA GLU D 244 18.56 12.10 -11.59
C GLU D 244 17.57 11.31 -10.74
N LYS D 245 16.34 11.15 -11.22
CA LYS D 245 15.32 10.46 -10.44
C LYS D 245 15.56 8.95 -10.43
N GLN D 246 15.48 8.37 -9.24
CA GLN D 246 15.66 6.94 -9.07
C GLN D 246 14.36 6.20 -9.35
N GLU D 247 14.29 4.93 -8.94
CA GLU D 247 13.24 3.99 -9.27
C GLU D 247 12.62 4.25 -10.64
N THR D 248 13.47 4.39 -11.66
CA THR D 248 13.06 4.50 -13.04
C THR D 248 13.55 3.29 -13.81
N SER D 249 12.75 2.85 -14.79
CA SER D 249 13.11 1.69 -15.60
C SER D 249 12.17 1.62 -16.81
N GLY D 250 12.68 1.00 -17.88
CA GLY D 250 11.87 0.75 -19.06
C GLY D 250 11.82 1.94 -20.01
N ARG D 251 10.75 2.00 -20.80
CA ARG D 251 10.55 3.06 -21.77
C ARG D 251 9.74 4.19 -21.17
N TYR D 252 9.91 5.37 -21.76
CA TYR D 252 9.17 6.56 -21.35
C TYR D 252 8.85 7.35 -22.61
N ILE D 253 7.58 7.59 -22.85
CA ILE D 253 7.14 8.26 -24.07
C ILE D 253 7.17 9.76 -23.86
N SER D 254 7.73 10.47 -24.84
CA SER D 254 7.91 11.93 -24.79
C SER D 254 7.27 12.52 -26.04
N SER D 255 5.93 12.66 -26.03
CA SER D 255 5.19 13.21 -27.16
C SER D 255 3.96 13.93 -26.62
N PRO D 256 4.14 15.15 -26.12
CA PRO D 256 2.99 15.83 -25.50
C PRO D 256 1.95 16.30 -26.50
N HIS D 257 2.37 16.73 -27.69
CA HIS D 257 1.46 17.39 -28.61
C HIS D 257 1.35 16.61 -29.91
N GLY D 258 0.31 16.94 -30.68
CA GLY D 258 0.07 16.33 -31.97
C GLY D 258 -0.98 17.07 -32.79
N MET D 259 -0.65 17.43 -34.03
CA MET D 259 -1.55 18.14 -34.91
C MET D 259 -1.26 17.72 -36.35
N ARG D 260 -2.23 17.94 -37.24
CA ARG D 260 -1.96 17.77 -38.65
C ARG D 260 -1.31 19.03 -39.21
N GLN D 261 -0.39 18.84 -40.16
CA GLN D 261 0.38 19.95 -40.72
C GLN D 261 -0.53 21.08 -41.16
N SER D 262 -1.73 20.74 -41.63
CA SER D 262 -2.80 21.71 -41.81
C SER D 262 -2.85 22.69 -40.63
N ASN D 263 -3.20 22.18 -39.45
CA ASN D 263 -3.50 23.07 -38.32
C ASN D 263 -2.24 23.68 -37.73
N LEU D 264 -1.08 23.03 -37.91
CA LEU D 264 0.15 23.60 -37.39
C LEU D 264 0.62 24.78 -38.23
N VAL D 265 0.42 24.74 -39.55
CA VAL D 265 0.77 25.88 -40.37
C VAL D 265 -0.09 27.08 -39.98
N GLU D 266 -1.35 26.83 -39.59
CA GLU D 266 -2.25 27.90 -39.18
C GLU D 266 -1.87 28.47 -37.82
N LYS D 267 -1.52 27.60 -36.86
CA LYS D 267 -1.00 28.11 -35.61
C LYS D 267 0.35 28.79 -35.79
N LEU D 268 1.18 28.25 -36.69
CA LEU D 268 2.42 28.92 -37.06
C LEU D 268 2.16 30.33 -37.52
N GLU D 269 1.24 30.47 -38.49
CA GLU D 269 0.86 31.80 -38.96
C GLU D 269 0.19 32.61 -37.86
N SER D 270 -0.46 31.95 -36.91
CA SER D 270 -1.09 32.65 -35.80
C SER D 270 -0.04 33.32 -34.91
N LEU D 271 1.07 32.65 -34.66
CA LEU D 271 2.06 33.18 -33.73
C LEU D 271 3.16 33.98 -34.42
N GLN D 272 3.50 33.64 -35.66
CA GLN D 272 4.51 34.38 -36.42
C GLN D 272 4.04 34.66 -37.82
N PRO D 273 3.35 35.77 -38.05
CA PRO D 273 2.89 36.14 -39.38
C PRO D 273 4.01 36.79 -40.19
N GLY D 274 3.70 37.05 -41.45
CA GLY D 274 4.66 37.69 -42.36
C GLY D 274 5.52 36.74 -43.16
N TYR D 275 5.08 35.49 -43.35
CA TYR D 275 5.86 34.48 -44.05
C TYR D 275 4.95 33.71 -45.01
N ASN D 276 5.56 33.21 -46.10
CA ASN D 276 4.83 32.51 -47.16
C ASN D 276 4.57 31.06 -46.75
N TYR D 277 3.61 30.90 -45.83
CA TYR D 277 3.34 29.57 -45.28
C TYR D 277 2.71 28.66 -46.33
N HIS D 278 3.00 27.37 -46.20
CA HIS D 278 2.46 26.37 -47.11
C HIS D 278 0.96 26.21 -46.88
N LYS D 279 0.20 26.19 -47.97
CA LYS D 279 -1.25 26.23 -47.89
C LYS D 279 -1.89 25.15 -48.75
N ASN D 280 -1.18 24.05 -49.00
CA ASN D 280 -1.57 23.11 -50.04
C ASN D 280 -1.32 21.69 -49.55
N PHE D 281 -2.40 21.00 -49.17
CA PHE D 281 -2.33 19.67 -48.58
C PHE D 281 -3.40 18.75 -49.14
N VAL D 282 -3.63 17.60 -48.50
CA VAL D 282 -4.69 16.68 -48.90
C VAL D 282 -4.98 15.75 -47.71
N ASP D 283 -6.23 15.35 -47.57
CA ASP D 283 -6.66 14.42 -46.52
C ASP D 283 -6.44 15.03 -45.14
N PRO D 286 -6.37 10.76 -37.64
CA PRO D 286 -6.68 9.38 -37.29
C PRO D 286 -6.99 9.23 -35.79
N SER D 287 -6.41 8.23 -35.12
CA SER D 287 -6.61 8.05 -33.69
C SER D 287 -5.47 7.32 -32.98
N TRP D 288 -4.34 7.03 -33.67
CA TRP D 288 -3.09 6.71 -32.99
C TRP D 288 -2.41 7.96 -32.44
N THR D 289 -3.04 9.14 -32.59
CA THR D 289 -2.44 10.45 -32.33
C THR D 289 -2.60 10.90 -30.89
N MET D 290 -2.80 9.96 -29.95
CA MET D 290 -3.06 10.30 -28.55
C MET D 290 -2.32 9.35 -27.62
N ILE D 291 -1.00 9.25 -27.78
CA ILE D 291 -0.21 8.37 -26.92
C ILE D 291 0.00 9.03 -25.57
N SER D 292 0.08 8.20 -24.53
CA SER D 292 0.13 8.72 -23.17
C SER D 292 1.56 9.12 -22.83
N SER D 293 1.73 10.40 -22.48
CA SER D 293 2.97 10.94 -21.94
C SER D 293 3.00 10.87 -20.43
N GLU D 294 2.02 10.21 -19.81
CA GLU D 294 1.79 10.35 -18.37
C GLU D 294 2.82 9.58 -17.56
N LYS D 295 3.40 8.51 -18.12
CA LYS D 295 4.45 7.79 -17.38
C LYS D 295 5.59 8.73 -17.01
N LEU D 296 5.90 9.68 -17.89
CA LEU D 296 6.88 10.70 -17.57
C LEU D 296 6.27 11.80 -16.70
N LYS D 297 5.02 12.19 -16.98
CA LYS D 297 4.45 13.41 -16.44
C LYS D 297 4.23 13.38 -14.93
N LYS D 298 4.12 12.21 -14.32
CA LYS D 298 3.88 12.11 -12.88
C LYS D 298 5.14 11.82 -12.08
N LEU D 299 6.29 11.75 -12.73
CA LEU D 299 7.56 11.94 -12.04
C LEU D 299 7.96 13.41 -11.97
N GLY D 300 7.11 14.29 -12.50
CA GLY D 300 7.33 15.74 -12.44
C GLY D 300 7.56 16.41 -13.77
N TRP D 301 7.71 15.67 -14.86
CA TRP D 301 8.00 16.29 -16.15
C TRP D 301 6.82 17.14 -16.61
N LYS D 302 7.06 18.43 -16.84
CA LYS D 302 6.04 19.38 -17.27
C LYS D 302 6.47 20.02 -18.59
N PRO D 303 6.06 19.43 -19.71
CA PRO D 303 6.46 19.98 -21.00
C PRO D 303 5.84 21.34 -21.25
N ARG D 304 6.37 22.00 -22.25
CA ARG D 304 6.00 23.34 -22.61
C ARG D 304 4.81 23.32 -23.58
N PRO D 305 3.95 24.34 -23.56
CA PRO D 305 3.00 24.50 -24.67
C PRO D 305 3.74 24.50 -26.00
N LEU D 306 3.15 23.83 -26.99
CA LEU D 306 3.79 23.73 -28.29
C LEU D 306 4.01 25.11 -28.92
N GLU D 307 3.13 26.07 -28.60
CA GLU D 307 3.26 27.39 -29.18
C GLU D 307 4.61 28.02 -28.85
N ASP D 308 5.10 27.84 -27.61
CA ASP D 308 6.46 28.23 -27.30
C ASP D 308 7.44 27.56 -28.26
N THR D 309 7.35 26.24 -28.36
CA THR D 309 8.29 25.46 -29.16
C THR D 309 8.40 25.99 -30.58
N ILE D 310 7.26 26.21 -31.24
CA ILE D 310 7.31 26.59 -32.64
C ILE D 310 7.81 28.03 -32.79
N SER D 311 7.25 28.95 -32.02
CA SER D 311 7.61 30.36 -32.19
C SER D 311 9.07 30.62 -31.85
N GLU D 312 9.62 29.88 -30.89
CA GLU D 312 11.03 30.04 -30.59
C GLU D 312 11.90 29.39 -31.66
N THR D 313 11.41 28.29 -32.24
CA THR D 313 12.10 27.67 -33.37
C THR D 313 12.11 28.58 -34.59
N VAL D 314 10.97 29.21 -34.90
CA VAL D 314 10.98 30.08 -36.07
C VAL D 314 11.82 31.33 -35.83
N LEU D 315 11.94 31.77 -34.58
CA LEU D 315 12.73 32.95 -34.28
C LEU D 315 14.21 32.68 -34.52
N CYS D 316 14.69 31.50 -34.11
CA CYS D 316 16.06 31.09 -34.37
C CYS D 316 16.28 30.83 -35.86
N PHE D 317 15.26 30.32 -36.55
CA PHE D 317 15.35 30.18 -38.00
C PHE D 317 15.70 31.50 -38.65
N GLU D 318 14.95 32.55 -38.31
CA GLU D 318 15.24 33.86 -38.88
C GLU D 318 16.56 34.41 -38.36
N GLU D 319 16.88 34.15 -37.09
CA GLU D 319 18.17 34.54 -36.55
C GLU D 319 19.31 33.93 -37.37
N HIS D 320 19.18 32.67 -37.76
CA HIS D 320 20.19 32.02 -38.57
C HIS D 320 20.12 32.42 -40.04
N GLY D 321 19.23 33.35 -40.39
CA GLY D 321 19.08 33.75 -41.77
C GLY D 321 18.60 32.66 -42.69
N LEU D 322 17.67 31.83 -42.23
CA LEU D 322 17.10 30.77 -43.04
C LEU D 322 15.84 31.20 -43.79
N LEU D 323 15.47 32.48 -43.73
CA LEU D 323 14.24 33.00 -44.32
C LEU D 323 14.57 34.21 -45.20
N GLU D 324 14.77 33.97 -46.50
CA GLU D 324 15.03 35.05 -47.45
C GLU D 324 14.50 34.70 -48.83
PA NAP E . -21.18 -14.27 34.19
O1A NAP E . -21.38 -14.70 35.62
O2A NAP E . -22.40 -13.52 33.69
O5B NAP E . -20.93 -15.61 33.24
C5B NAP E . -21.45 -16.84 33.68
C4B NAP E . -21.87 -17.67 32.42
O4B NAP E . -21.36 -18.88 32.49
C3B NAP E . -23.40 -17.84 32.41
O3B NAP E . -23.88 -17.69 31.15
C2B NAP E . -23.62 -19.26 32.94
O2B NAP E . -24.91 -19.85 32.44
C1B NAP E . -22.59 -19.92 32.47
N9A NAP E . -22.28 -21.04 33.31
C8A NAP E . -21.85 -21.20 34.58
N7A NAP E . -21.75 -22.53 34.81
C5A NAP E . -22.11 -23.17 33.68
C6A NAP E . -22.19 -24.50 33.37
N6A NAP E . -21.87 -25.62 34.23
N1A NAP E . -22.59 -24.87 32.16
C2A NAP E . -22.93 -23.94 31.24
N3A NAP E . -22.86 -22.62 31.54
C4A NAP E . -22.45 -22.25 32.77
O3 NAP E . -19.84 -13.29 34.09
PN NAP E . -18.99 -13.02 32.67
O1N NAP E . -18.18 -11.76 32.85
O2N NAP E . -19.92 -12.86 31.49
O5D NAP E . -17.95 -14.30 32.38
C5D NAP E . -17.72 -14.68 31.04
C4D NAP E . -16.20 -15.02 30.83
O4D NAP E . -15.48 -13.92 30.89
C3D NAP E . -15.66 -15.95 31.94
O3D NAP E . -14.99 -17.01 31.41
C2D NAP E . -14.69 -15.05 32.75
O2D NAP E . -13.59 -15.88 33.33
C1D NAP E . -14.23 -14.22 31.86
N1N NAP E . -13.76 -13.00 32.47
C2N NAP E . -14.63 -12.16 33.09
C3N NAP E . -14.17 -10.98 33.69
C7N NAP E . -15.15 -10.03 34.39
O7N NAP E . -14.72 -9.12 35.01
N7N NAP E . -16.59 -10.23 34.28
C4N NAP E . -12.85 -10.68 33.64
C5N NAP E . -11.98 -11.52 33.02
C6N NAP E . -12.44 -12.69 32.43
P2B NAP E . -26.29 -19.28 33.14
O1X NAP E . -26.79 -18.07 32.37
O2X NAP E . -27.31 -20.40 33.11
O3X NAP E . -26.03 -18.88 34.58
PA NAP F . 27.00 9.50 9.82
O1A NAP F . 27.32 9.51 8.35
O2A NAP F . 27.29 10.84 10.45
O5B NAP F . 27.91 8.31 10.56
C5B NAP F . 28.63 7.43 9.71
C4B NAP F . 29.82 6.90 10.56
O4B NAP F . 30.30 5.81 10.02
C3B NAP F . 30.95 7.95 10.52
O3B NAP F . 31.42 8.18 11.77
C2B NAP F . 32.02 7.32 9.61
O2B NAP F . 33.39 7.80 9.97
C1B NAP F . 31.88 6.05 9.85
N9A NAP F . 32.36 5.29 8.74
C8A NAP F . 31.97 5.08 7.48
N7A NAP F . 32.84 4.24 6.90
C5A NAP F . 33.78 3.95 7.81
C6A NAP F . 34.91 3.17 7.74
N6A NAP F . 35.37 2.38 6.60
N1A NAP F . 35.68 3.03 8.79
C2A NAP F . 35.37 3.68 9.95
N3A NAP F . 34.28 4.45 10.01
C4A NAP F . 33.49 4.58 8.94
O3 NAP F . 25.38 9.13 9.99
PN NAP F . 24.66 8.39 11.30
O1N NAP F . 23.24 8.87 11.29
O2N NAP F . 25.30 8.77 12.62
O5D NAP F . 24.73 6.74 11.14
C5D NAP F . 24.90 5.96 12.32
C4D NAP F . 24.13 4.60 12.19
O4D NAP F . 22.85 4.76 12.37
C3D NAP F . 24.30 3.99 10.79
O3D NAP F . 24.60 2.66 10.87
C2D NAP F . 22.91 4.16 10.14
O2D NAP F . 22.68 3.09 9.12
C1D NAP F . 22.09 4.03 11.14
N1N NAP F . 20.81 4.67 10.86
C2N NAP F . 20.77 5.99 10.56
C3N NAP F . 19.56 6.61 10.28
C7N NAP F . 19.53 8.11 9.94
O7N NAP F . 18.56 8.58 9.44
N7N NAP F . 20.67 8.97 10.24
C4N NAP F . 18.41 5.89 10.32
C5N NAP F . 18.44 4.57 10.63
C6N NAP F . 19.66 3.95 10.90
P2B NAP F . 33.87 9.26 9.39
O1X NAP F . 33.49 10.35 10.38
O2X NAP F . 35.37 9.24 9.22
O3X NAP F . 33.20 9.56 8.07
PA NAP G . -27.54 -9.41 -8.51
O1A NAP G . -27.40 -10.17 -7.21
O2A NAP G . -28.90 -8.74 -8.57
O5B NAP G . -27.38 -10.46 -9.78
C5B NAP G . -27.48 -11.83 -9.50
C4B NAP G . -28.14 -12.52 -10.73
O4B NAP G . -27.51 -13.62 -11.01
C3B NAP G . -29.58 -12.92 -10.33
O3B NAP G . -30.44 -12.65 -11.36
C2B NAP G . -29.47 -14.43 -10.08
O2B NAP G . -30.78 -15.10 -10.33
C1B NAP G . -28.59 -14.83 -10.94
N9A NAP G . -27.94 -16.03 -10.47
C8A NAP G . -27.08 -16.34 -9.51
N7A NAP G . -26.84 -17.65 -9.58
C5A NAP G . -27.56 -18.15 -10.58
C6A NAP G . -27.69 -19.42 -11.09
N6A NAP G . -27.03 -20.62 -10.61
N1A NAP G . -28.49 -19.64 -12.12
C2A NAP G . -29.19 -18.62 -12.68
N3A NAP G . -29.06 -17.37 -12.19
C4A NAP G . -28.24 -17.14 -11.14
O3 NAP G . -26.35 -8.26 -8.62
PN NAP G . -25.90 -7.66 -10.11
O1N NAP G . -25.27 -6.30 -9.94
O2N NAP G . -27.15 -7.53 -10.97
O5D NAP G . -24.82 -8.69 -10.84
C5D NAP G . -25.09 -9.07 -12.18
C4D NAP G . -23.78 -9.00 -13.03
O4D NAP G . -23.21 -7.83 -12.96
C3D NAP G . -22.76 -10.02 -12.51
O3D NAP G . -22.28 -10.74 -13.55
C2D NAP G . -21.65 -9.16 -11.89
O2D NAP G . -20.34 -9.86 -11.98
C1D NAP G . -21.65 -8.06 -12.59
N1N NAP G . -21.14 -6.95 -11.82
C2N NAP G . -21.92 -6.38 -10.86
C3N NAP G . -21.45 -5.31 -10.10
C7N NAP G . -22.33 -4.67 -9.03
O7N NAP G . -22.03 -3.63 -8.55
N7N NAP G . -23.56 -5.33 -8.59
C4N NAP G . -20.20 -4.84 -10.33
C5N NAP G . -19.42 -5.40 -11.30
C6N NAP G . -19.89 -6.47 -12.04
P2B NAP G . -31.99 -14.69 -9.30
O1X NAP G . -32.46 -13.27 -9.57
O2X NAP G . -33.14 -15.65 -9.55
O3X NAP G . -31.51 -14.83 -7.87
PA NAP H . 21.60 15.24 -35.49
O1A NAP H . 22.02 14.87 -36.89
O2A NAP H . 21.67 16.74 -35.28
O5B NAP H . 22.54 14.44 -34.38
C5B NAP H . 22.87 13.11 -34.72
C4B NAP H . 24.24 12.76 -34.07
O4B NAP H . 24.58 11.53 -34.35
C3B NAP H . 25.34 13.67 -34.67
O3B NAP H . 25.89 14.46 -33.72
C2B NAP H . 26.38 12.68 -35.25
O2B NAP H . 27.77 13.18 -34.99
C1B NAP H . 26.18 11.57 -34.61
N9A NAP H . 26.55 10.46 -35.44
C8A NAP H . 26.10 9.92 -36.58
N7A NAP H . 26.88 8.87 -36.88
C5A NAP H . 27.81 8.78 -35.92
C6A NAP H . 28.86 7.90 -35.75
N6A NAP H . 29.21 6.79 -36.62
N1A NAP H . 29.65 8.03 -34.70
C2A NAP H . 29.45 9.01 -33.80
N3A NAP H . 28.43 9.89 -33.98
C4A NAP H . 27.61 9.76 -35.04
O3 NAP H . 20.04 14.72 -35.25
PN NAP H . 19.40 14.67 -33.73
O1N NAP H . 17.98 15.18 -33.83
O2N NAP H . 20.22 15.58 -32.82
O5D NAP H . 19.41 13.13 -33.10
C5D NAP H . 19.39 13.03 -31.69
C4D NAP H . 18.79 11.66 -31.23
O4D NAP H . 17.51 11.76 -30.94
C3D NAP H . 18.90 10.62 -32.35
O3D NAP H . 19.27 9.44 -31.82
C2D NAP H . 17.46 10.52 -32.91
O2D NAP H . 17.24 9.14 -33.46
C1D NAP H . 16.66 10.78 -31.91
N1N NAP H . 15.45 11.44 -32.38
C2N NAP H . 15.54 12.58 -33.10
C3N NAP H . 14.37 13.20 -33.54
C7N NAP H . 14.47 14.51 -34.35
O7N NAP H . 13.47 15.09 -34.62
N7N NAP H . 15.76 15.03 -34.79
C4N NAP H . 13.16 12.68 -33.26
C5N NAP H . 13.08 11.52 -32.54
C6N NAP H . 14.23 10.90 -32.10
P2B NAP H . 28.34 14.32 -36.04
O1X NAP H . 27.58 15.60 -35.86
O2X NAP H . 29.81 14.53 -35.74
O3X NAP H . 28.17 13.84 -37.46
#